data_6O6G
# 
_entry.id   6O6G 
# 
_audit_conform.dict_name       mmcif_pdbx.dic 
_audit_conform.dict_version    5.387 
_audit_conform.dict_location   http://mmcif.pdb.org/dictionaries/ascii/mmcif_pdbx.dic 
# 
loop_
_database_2.database_id 
_database_2.database_code 
_database_2.pdbx_database_accession 
_database_2.pdbx_DOI 
PDB   6O6G         pdb_00006o6g 10.2210/pdb6o6g/pdb 
WWPDB D_1000240127 ?            ?                   
# 
loop_
_pdbx_audit_revision_history.ordinal 
_pdbx_audit_revision_history.data_content_type 
_pdbx_audit_revision_history.major_revision 
_pdbx_audit_revision_history.minor_revision 
_pdbx_audit_revision_history.revision_date 
1 'Structure model' 1 0 2019-05-15 
2 'Structure model' 1 1 2024-03-13 
# 
_pdbx_audit_revision_details.ordinal             1 
_pdbx_audit_revision_details.revision_ordinal    1 
_pdbx_audit_revision_details.data_content_type   'Structure model' 
_pdbx_audit_revision_details.provider            repository 
_pdbx_audit_revision_details.type                'Initial release' 
_pdbx_audit_revision_details.description         ? 
_pdbx_audit_revision_details.details             ? 
# 
loop_
_pdbx_audit_revision_group.ordinal 
_pdbx_audit_revision_group.revision_ordinal 
_pdbx_audit_revision_group.data_content_type 
_pdbx_audit_revision_group.group 
1 2 'Structure model' 'Data collection'     
2 2 'Structure model' 'Database references' 
# 
loop_
_pdbx_audit_revision_category.ordinal 
_pdbx_audit_revision_category.revision_ordinal 
_pdbx_audit_revision_category.data_content_type 
_pdbx_audit_revision_category.category 
1 2 'Structure model' chem_comp_atom 
2 2 'Structure model' chem_comp_bond 
3 2 'Structure model' database_2     
# 
loop_
_pdbx_audit_revision_item.ordinal 
_pdbx_audit_revision_item.revision_ordinal 
_pdbx_audit_revision_item.data_content_type 
_pdbx_audit_revision_item.item 
1 2 'Structure model' '_database_2.pdbx_DOI'                
2 2 'Structure model' '_database_2.pdbx_database_accession' 
# 
_pdbx_database_status.status_code                     REL 
_pdbx_database_status.status_code_sf                  REL 
_pdbx_database_status.status_code_mr                  ? 
_pdbx_database_status.entry_id                        6O6G 
_pdbx_database_status.recvd_initial_deposition_date   2019-03-06 
_pdbx_database_status.SG_entry                        N 
_pdbx_database_status.deposit_site                    RCSB 
_pdbx_database_status.process_site                    RCSB 
_pdbx_database_status.status_code_cs                  ? 
_pdbx_database_status.methods_development_category    ? 
_pdbx_database_status.pdb_format_compatible           Y 
_pdbx_database_status.status_code_nmr_data            ? 
# 
_audit_author.name               'Huang, X.' 
_audit_author.pdbx_ordinal       1 
_audit_author.identifier_ORCID   0000-0001-9350-4176 
# 
_citation.abstract                  ? 
_citation.abstract_id_CAS           ? 
_citation.book_id_ISBN              ? 
_citation.book_publisher            ? 
_citation.book_publisher_city       ? 
_citation.book_title                ? 
_citation.coordinate_linkage        ? 
_citation.country                   US 
_citation.database_id_Medline       ? 
_citation.details                   ? 
_citation.id                        primary 
_citation.journal_abbrev            'Cancer Discov' 
_citation.journal_id_ASTM           ? 
_citation.journal_id_CSD            ? 
_citation.journal_id_ISSN           2159-8290 
_citation.journal_full              ? 
_citation.journal_issue             ? 
_citation.journal_volume            8 
_citation.language                  ? 
_citation.page_first                1582 
_citation.page_last                 1597 
_citation.title                     
'AMG 176, a Selective MCL1 Inhibitor, Is Effective in Hematologic Cancer Models Alone and in Combination with Established Therapies.' 
_citation.year                      2018 
_citation.database_id_CSD           ? 
_citation.pdbx_database_id_DOI      10.1158/2159-8290.CD-18-0387 
_citation.pdbx_database_id_PubMed   30254093 
_citation.unpublished_flag          ? 
# 
loop_
_citation_author.citation_id 
_citation_author.name 
_citation_author.ordinal 
_citation_author.identifier_ORCID 
primary 'Caenepeel, S.'     1  0000-0002-8218-002X 
primary 'Brown, S.P.'       2  0000-0002-8218-002X 
primary 'Belmontes, B.'     3  ?                   
primary 'Moody, G.'         4  ?                   
primary 'Keegan, K.S.'      5  ?                   
primary 'Chui, D.'          6  ?                   
primary 'Whittington, D.A.' 7  ?                   
primary 'Huang, X.'         8  0000-0002-3101-4873 
primary 'Poppe, L.'         9  ?                   
primary 'Cheng, A.C.'       10 ?                   
primary 'Cardozo, M.'       11 ?                   
primary 'Houze, J.'         12 ?                   
primary 'Li, Y.'            13 ?                   
primary 'Lucas, B.'         14 ?                   
primary 'Paras, N.A.'       15 0000-0001-5742-4056 
primary 'Wang, X.'          16 ?                   
primary 'Taygerly, J.P.'    17 ?                   
primary 'Vimolratana, M.'   18 ?                   
primary 'Zancanella, M.'    19 ?                   
primary 'Zhu, L.'           20 ?                   
primary 'Cajulis, E.'       21 ?                   
primary 'Osgood, T.'        22 ?                   
primary 'Sun, J.'           23 ?                   
primary 'Damon, L.'         24 0000-0002-0863-0328 
primary 'Egan, R.K.'        25 ?                   
primary 'Greninger, P.'     26 0000-0001-9110-7695 
primary 'McClanaghan, J.D.' 27 ?                   
primary 'Gong, J.'          28 ?                   
primary 'Moujalled, D.'     29 ?                   
primary 'Pomilio, G.'       30 ?                   
primary 'Beltran, P.'       31 ?                   
primary 'Benes, C.H.'       32 0000-0002-8751-9707 
primary 'Roberts, A.W.'     33 0000-0002-7341-5720 
primary 'Huang, D.C.'       34 0000-0002-3101-4873 
primary 'Wei, A.'           35 ?                   
primary 'Canon, J.'         36 ?                   
primary 'Coxon, A.'         37 ?                   
primary 'Hughes, P.E.'      38 ?                   
# 
loop_
_entity.id 
_entity.type 
_entity.src_method 
_entity.pdbx_description 
_entity.formula_weight 
_entity.pdbx_number_of_molecules 
_entity.pdbx_ec 
_entity.pdbx_mutation 
_entity.pdbx_fragment 
_entity.details 
1 polymer     man 'Induced myeloid leukemia cell differentiation protein Mcl-1'                                             
17793.229 1  ? ? 'residues 172-327' ? 
2 non-polymer syn '(3S)-5-(cyclobutylmethyl)-3-(2,4-dichlorophenyl)-2,3,4,5-tetrahydro-1,5-benzoxazepine-7-carboxylic acid' 
406.302   1  ? ? ?                  ? 
3 water       nat water                                                                                                     18.015 
53 ? ? ?                  ? 
# 
_entity_name_com.entity_id   1 
_entity_name_com.name        'Bcl-2-like protein 3,Bcl2-L-3,Bcl-2-related protein EAT/mcl1,mcl1/EAT' 
# 
_entity_poly.entity_id                      1 
_entity_poly.type                           'polypeptide(L)' 
_entity_poly.nstd_linkage                   no 
_entity_poly.nstd_monomer                   no 
_entity_poly.pdbx_seq_one_letter_code       
;DELYRQSLEIISRYLREQATGAKDTKPMGRSGATSRKALETLRRVGDGVQRNHETAFQGMLRKLDIKNEDDVKSLSRVMI
HVFSDGVTNWGRIVTLISFGAFVAKHLKTINQESCIEPLAESITDVLVRTKRDWLVKQRGWDGFVEFFHVEDLEGG
;
_entity_poly.pdbx_seq_one_letter_code_can   
;DELYRQSLEIISRYLREQATGAKDTKPMGRSGATSRKALETLRRVGDGVQRNHETAFQGMLRKLDIKNEDDVKSLSRVMI
HVFSDGVTNWGRIVTLISFGAFVAKHLKTINQESCIEPLAESITDVLVRTKRDWLVKQRGWDGFVEFFHVEDLEGG
;
_entity_poly.pdbx_strand_id                 A 
_entity_poly.pdbx_target_identifier         ? 
# 
loop_
_pdbx_entity_nonpoly.entity_id 
_pdbx_entity_nonpoly.name 
_pdbx_entity_nonpoly.comp_id 
2 '(3S)-5-(cyclobutylmethyl)-3-(2,4-dichlorophenyl)-2,3,4,5-tetrahydro-1,5-benzoxazepine-7-carboxylic acid' LOJ 
3 water                                                                                                     HOH 
# 
loop_
_entity_poly_seq.entity_id 
_entity_poly_seq.num 
_entity_poly_seq.mon_id 
_entity_poly_seq.hetero 
1 1   ASP n 
1 2   GLU n 
1 3   LEU n 
1 4   TYR n 
1 5   ARG n 
1 6   GLN n 
1 7   SER n 
1 8   LEU n 
1 9   GLU n 
1 10  ILE n 
1 11  ILE n 
1 12  SER n 
1 13  ARG n 
1 14  TYR n 
1 15  LEU n 
1 16  ARG n 
1 17  GLU n 
1 18  GLN n 
1 19  ALA n 
1 20  THR n 
1 21  GLY n 
1 22  ALA n 
1 23  LYS n 
1 24  ASP n 
1 25  THR n 
1 26  LYS n 
1 27  PRO n 
1 28  MET n 
1 29  GLY n 
1 30  ARG n 
1 31  SER n 
1 32  GLY n 
1 33  ALA n 
1 34  THR n 
1 35  SER n 
1 36  ARG n 
1 37  LYS n 
1 38  ALA n 
1 39  LEU n 
1 40  GLU n 
1 41  THR n 
1 42  LEU n 
1 43  ARG n 
1 44  ARG n 
1 45  VAL n 
1 46  GLY n 
1 47  ASP n 
1 48  GLY n 
1 49  VAL n 
1 50  GLN n 
1 51  ARG n 
1 52  ASN n 
1 53  HIS n 
1 54  GLU n 
1 55  THR n 
1 56  ALA n 
1 57  PHE n 
1 58  GLN n 
1 59  GLY n 
1 60  MET n 
1 61  LEU n 
1 62  ARG n 
1 63  LYS n 
1 64  LEU n 
1 65  ASP n 
1 66  ILE n 
1 67  LYS n 
1 68  ASN n 
1 69  GLU n 
1 70  ASP n 
1 71  ASP n 
1 72  VAL n 
1 73  LYS n 
1 74  SER n 
1 75  LEU n 
1 76  SER n 
1 77  ARG n 
1 78  VAL n 
1 79  MET n 
1 80  ILE n 
1 81  HIS n 
1 82  VAL n 
1 83  PHE n 
1 84  SER n 
1 85  ASP n 
1 86  GLY n 
1 87  VAL n 
1 88  THR n 
1 89  ASN n 
1 90  TRP n 
1 91  GLY n 
1 92  ARG n 
1 93  ILE n 
1 94  VAL n 
1 95  THR n 
1 96  LEU n 
1 97  ILE n 
1 98  SER n 
1 99  PHE n 
1 100 GLY n 
1 101 ALA n 
1 102 PHE n 
1 103 VAL n 
1 104 ALA n 
1 105 LYS n 
1 106 HIS n 
1 107 LEU n 
1 108 LYS n 
1 109 THR n 
1 110 ILE n 
1 111 ASN n 
1 112 GLN n 
1 113 GLU n 
1 114 SER n 
1 115 CYS n 
1 116 ILE n 
1 117 GLU n 
1 118 PRO n 
1 119 LEU n 
1 120 ALA n 
1 121 GLU n 
1 122 SER n 
1 123 ILE n 
1 124 THR n 
1 125 ASP n 
1 126 VAL n 
1 127 LEU n 
1 128 VAL n 
1 129 ARG n 
1 130 THR n 
1 131 LYS n 
1 132 ARG n 
1 133 ASP n 
1 134 TRP n 
1 135 LEU n 
1 136 VAL n 
1 137 LYS n 
1 138 GLN n 
1 139 ARG n 
1 140 GLY n 
1 141 TRP n 
1 142 ASP n 
1 143 GLY n 
1 144 PHE n 
1 145 VAL n 
1 146 GLU n 
1 147 PHE n 
1 148 PHE n 
1 149 HIS n 
1 150 VAL n 
1 151 GLU n 
1 152 ASP n 
1 153 LEU n 
1 154 GLU n 
1 155 GLY n 
1 156 GLY n 
# 
_entity_src_gen.entity_id                          1 
_entity_src_gen.pdbx_src_id                        1 
_entity_src_gen.pdbx_alt_source_flag               sample 
_entity_src_gen.pdbx_seq_type                      'Biological sequence' 
_entity_src_gen.pdbx_beg_seq_num                   1 
_entity_src_gen.pdbx_end_seq_num                   156 
_entity_src_gen.gene_src_common_name               Human 
_entity_src_gen.gene_src_genus                     ? 
_entity_src_gen.pdbx_gene_src_gene                 'MCL1, BCL2L3' 
_entity_src_gen.gene_src_species                   ? 
_entity_src_gen.gene_src_strain                    ? 
_entity_src_gen.gene_src_tissue                    ? 
_entity_src_gen.gene_src_tissue_fraction           ? 
_entity_src_gen.gene_src_details                   ? 
_entity_src_gen.pdbx_gene_src_fragment             ? 
_entity_src_gen.pdbx_gene_src_scientific_name      'Homo sapiens' 
_entity_src_gen.pdbx_gene_src_ncbi_taxonomy_id     9606 
_entity_src_gen.pdbx_gene_src_variant              ? 
_entity_src_gen.pdbx_gene_src_cell_line            ? 
_entity_src_gen.pdbx_gene_src_atcc                 ? 
_entity_src_gen.pdbx_gene_src_organ                ? 
_entity_src_gen.pdbx_gene_src_organelle            ? 
_entity_src_gen.pdbx_gene_src_cell                 ? 
_entity_src_gen.pdbx_gene_src_cellular_location    ? 
_entity_src_gen.host_org_common_name               ? 
_entity_src_gen.pdbx_host_org_scientific_name      'Escherichia coli' 
_entity_src_gen.pdbx_host_org_ncbi_taxonomy_id     562 
_entity_src_gen.host_org_genus                     ? 
_entity_src_gen.pdbx_host_org_gene                 ? 
_entity_src_gen.pdbx_host_org_organ                ? 
_entity_src_gen.host_org_species                   ? 
_entity_src_gen.pdbx_host_org_tissue               ? 
_entity_src_gen.pdbx_host_org_tissue_fraction      ? 
_entity_src_gen.pdbx_host_org_strain               ? 
_entity_src_gen.pdbx_host_org_variant              ? 
_entity_src_gen.pdbx_host_org_cell_line            ? 
_entity_src_gen.pdbx_host_org_atcc                 ? 
_entity_src_gen.pdbx_host_org_culture_collection   ? 
_entity_src_gen.pdbx_host_org_cell                 ? 
_entity_src_gen.pdbx_host_org_organelle            ? 
_entity_src_gen.pdbx_host_org_cellular_location    ? 
_entity_src_gen.pdbx_host_org_vector_type          ? 
_entity_src_gen.pdbx_host_org_vector               ? 
_entity_src_gen.host_org_details                   ? 
_entity_src_gen.expression_system_id               ? 
_entity_src_gen.plasmid_name                       ? 
_entity_src_gen.plasmid_details                    ? 
_entity_src_gen.pdbx_description                   ? 
# 
loop_
_chem_comp.id 
_chem_comp.type 
_chem_comp.mon_nstd_flag 
_chem_comp.name 
_chem_comp.pdbx_synonyms 
_chem_comp.formula 
_chem_comp.formula_weight 
ALA 'L-peptide linking' y ALANINE ? 'C3 H7 N O2'       89.093  
ARG 'L-peptide linking' y ARGININE ? 'C6 H15 N4 O2 1'   175.209 
ASN 'L-peptide linking' y ASPARAGINE ? 'C4 H8 N2 O3'      132.118 
ASP 'L-peptide linking' y 'ASPARTIC ACID' ? 'C4 H7 N O4'       133.103 
CYS 'L-peptide linking' y CYSTEINE ? 'C3 H7 N O2 S'     121.158 
GLN 'L-peptide linking' y GLUTAMINE ? 'C5 H10 N2 O3'     146.144 
GLU 'L-peptide linking' y 'GLUTAMIC ACID' ? 'C5 H9 N O4'       147.129 
GLY 'peptide linking'   y GLYCINE ? 'C2 H5 N O2'       75.067  
HIS 'L-peptide linking' y HISTIDINE ? 'C6 H10 N3 O2 1'   156.162 
HOH non-polymer         . WATER ? 'H2 O'             18.015  
ILE 'L-peptide linking' y ISOLEUCINE ? 'C6 H13 N O2'      131.173 
LEU 'L-peptide linking' y LEUCINE ? 'C6 H13 N O2'      131.173 
LOJ non-polymer         . 
'(3S)-5-(cyclobutylmethyl)-3-(2,4-dichlorophenyl)-2,3,4,5-tetrahydro-1,5-benzoxazepine-7-carboxylic acid' ? 'C21 H21 Cl2 N O3' 
406.302 
LYS 'L-peptide linking' y LYSINE ? 'C6 H15 N2 O2 1'   147.195 
MET 'L-peptide linking' y METHIONINE ? 'C5 H11 N O2 S'    149.211 
PHE 'L-peptide linking' y PHENYLALANINE ? 'C9 H11 N O2'      165.189 
PRO 'L-peptide linking' y PROLINE ? 'C5 H9 N O2'       115.130 
SER 'L-peptide linking' y SERINE ? 'C3 H7 N O3'       105.093 
THR 'L-peptide linking' y THREONINE ? 'C4 H9 N O3'       119.119 
TRP 'L-peptide linking' y TRYPTOPHAN ? 'C11 H12 N2 O2'    204.225 
TYR 'L-peptide linking' y TYROSINE ? 'C9 H11 N O3'      181.189 
VAL 'L-peptide linking' y VALINE ? 'C5 H11 N O2'      117.146 
# 
loop_
_pdbx_poly_seq_scheme.asym_id 
_pdbx_poly_seq_scheme.entity_id 
_pdbx_poly_seq_scheme.seq_id 
_pdbx_poly_seq_scheme.mon_id 
_pdbx_poly_seq_scheme.ndb_seq_num 
_pdbx_poly_seq_scheme.pdb_seq_num 
_pdbx_poly_seq_scheme.auth_seq_num 
_pdbx_poly_seq_scheme.pdb_mon_id 
_pdbx_poly_seq_scheme.auth_mon_id 
_pdbx_poly_seq_scheme.pdb_strand_id 
_pdbx_poly_seq_scheme.pdb_ins_code 
_pdbx_poly_seq_scheme.hetero 
A 1 1   ASP 1   172 172 ASP ASP A . n 
A 1 2   GLU 2   173 173 GLU GLU A . n 
A 1 3   LEU 3   174 174 LEU LEU A . n 
A 1 4   TYR 4   175 175 TYR TYR A . n 
A 1 5   ARG 5   176 176 ARG ARG A . n 
A 1 6   GLN 6   177 177 GLN GLN A . n 
A 1 7   SER 7   178 178 SER SER A . n 
A 1 8   LEU 8   179 179 LEU LEU A . n 
A 1 9   GLU 9   180 180 GLU GLU A . n 
A 1 10  ILE 10  181 181 ILE ILE A . n 
A 1 11  ILE 11  182 182 ILE ILE A . n 
A 1 12  SER 12  183 183 SER SER A . n 
A 1 13  ARG 13  184 184 ARG ARG A . n 
A 1 14  TYR 14  185 185 TYR TYR A . n 
A 1 15  LEU 15  186 186 LEU LEU A . n 
A 1 16  ARG 16  187 187 ARG ALA A . n 
A 1 17  GLU 17  188 188 GLU GLU A . n 
A 1 18  GLN 18  189 189 GLN GLN A . n 
A 1 19  ALA 19  190 190 ALA ALA A . n 
A 1 20  THR 20  191 191 THR THR A . n 
A 1 21  GLY 21  192 192 GLY GLY A . n 
A 1 22  ALA 22  193 193 ALA ALA A . n 
A 1 23  LYS 23  194 194 LYS ALA A . n 
A 1 24  ASP 24  195 195 ASP ASP A . n 
A 1 25  THR 25  196 ?   ?   ?   A . n 
A 1 26  LYS 26  197 ?   ?   ?   A . n 
A 1 27  PRO 27  198 ?   ?   ?   A . n 
A 1 28  MET 28  199 ?   ?   ?   A . n 
A 1 29  GLY 29  200 ?   ?   ?   A . n 
A 1 30  ARG 30  201 201 ARG ALA A . n 
A 1 31  SER 31  202 202 SER SER A . n 
A 1 32  GLY 32  203 203 GLY GLY A . n 
A 1 33  ALA 33  204 204 ALA ALA A . n 
A 1 34  THR 34  205 205 THR THR A . n 
A 1 35  SER 35  206 206 SER SER A . n 
A 1 36  ARG 36  207 207 ARG ARG A . n 
A 1 37  LYS 37  208 208 LYS LYS A . n 
A 1 38  ALA 38  209 209 ALA ALA A . n 
A 1 39  LEU 39  210 210 LEU LEU A . n 
A 1 40  GLU 40  211 211 GLU ALA A . n 
A 1 41  THR 41  212 212 THR THR A . n 
A 1 42  LEU 42  213 213 LEU LEU A . n 
A 1 43  ARG 43  214 214 ARG ARG A . n 
A 1 44  ARG 44  215 215 ARG ARG A . n 
A 1 45  VAL 45  216 216 VAL VAL A . n 
A 1 46  GLY 46  217 217 GLY GLY A . n 
A 1 47  ASP 47  218 218 ASP ASP A . n 
A 1 48  GLY 48  219 219 GLY GLY A . n 
A 1 49  VAL 49  220 220 VAL VAL A . n 
A 1 50  GLN 50  221 221 GLN GLN A . n 
A 1 51  ARG 51  222 222 ARG ARG A . n 
A 1 52  ASN 52  223 223 ASN ASN A . n 
A 1 53  HIS 53  224 224 HIS HIS A . n 
A 1 54  GLU 54  225 225 GLU GLU A . n 
A 1 55  THR 55  226 226 THR THR A . n 
A 1 56  ALA 56  227 227 ALA ALA A . n 
A 1 57  PHE 57  228 228 PHE PHE A . n 
A 1 58  GLN 58  229 229 GLN GLN A . n 
A 1 59  GLY 59  230 230 GLY GLY A . n 
A 1 60  MET 60  231 231 MET MET A . n 
A 1 61  LEU 61  232 232 LEU LEU A . n 
A 1 62  ARG 62  233 233 ARG ARG A . n 
A 1 63  LYS 63  234 234 LYS LYS A . n 
A 1 64  LEU 64  235 235 LEU LEU A . n 
A 1 65  ASP 65  236 236 ASP ASP A . n 
A 1 66  ILE 66  237 237 ILE ILE A . n 
A 1 67  LYS 67  238 238 LYS LYS A . n 
A 1 68  ASN 68  239 239 ASN ASN A . n 
A 1 69  GLU 69  240 240 GLU GLU A . n 
A 1 70  ASP 70  241 241 ASP ASP A . n 
A 1 71  ASP 71  242 242 ASP ASP A . n 
A 1 72  VAL 72  243 243 VAL VAL A . n 
A 1 73  LYS 73  244 244 LYS LYS A . n 
A 1 74  SER 74  245 245 SER SER A . n 
A 1 75  LEU 75  246 246 LEU LEU A . n 
A 1 76  SER 76  247 247 SER SER A . n 
A 1 77  ARG 77  248 248 ARG ARG A . n 
A 1 78  VAL 78  249 249 VAL VAL A . n 
A 1 79  MET 79  250 250 MET MET A . n 
A 1 80  ILE 80  251 251 ILE ILE A . n 
A 1 81  HIS 81  252 252 HIS HIS A . n 
A 1 82  VAL 82  253 253 VAL VAL A . n 
A 1 83  PHE 83  254 254 PHE PHE A . n 
A 1 84  SER 84  255 255 SER SER A . n 
A 1 85  ASP 85  256 256 ASP ASP A . n 
A 1 86  GLY 86  257 257 GLY GLY A . n 
A 1 87  VAL 87  258 258 VAL VAL A . n 
A 1 88  THR 88  259 259 THR THR A . n 
A 1 89  ASN 89  260 260 ASN ASN A . n 
A 1 90  TRP 90  261 261 TRP TRP A . n 
A 1 91  GLY 91  262 262 GLY GLY A . n 
A 1 92  ARG 92  263 263 ARG ARG A . n 
A 1 93  ILE 93  264 264 ILE ILE A . n 
A 1 94  VAL 94  265 265 VAL VAL A . n 
A 1 95  THR 95  266 266 THR THR A . n 
A 1 96  LEU 96  267 267 LEU LEU A . n 
A 1 97  ILE 97  268 268 ILE ILE A . n 
A 1 98  SER 98  269 269 SER SER A . n 
A 1 99  PHE 99  270 270 PHE PHE A . n 
A 1 100 GLY 100 271 271 GLY GLY A . n 
A 1 101 ALA 101 272 272 ALA ALA A . n 
A 1 102 PHE 102 273 273 PHE PHE A . n 
A 1 103 VAL 103 274 274 VAL VAL A . n 
A 1 104 ALA 104 275 275 ALA ALA A . n 
A 1 105 LYS 105 276 276 LYS LYS A . n 
A 1 106 HIS 106 277 277 HIS HIS A . n 
A 1 107 LEU 107 278 278 LEU LEU A . n 
A 1 108 LYS 108 279 279 LYS LYS A . n 
A 1 109 THR 109 280 280 THR THR A . n 
A 1 110 ILE 110 281 281 ILE ILE A . n 
A 1 111 ASN 111 282 282 ASN ASN A . n 
A 1 112 GLN 112 283 283 GLN GLN A . n 
A 1 113 GLU 113 284 284 GLU GLU A . n 
A 1 114 SER 114 285 285 SER SER A . n 
A 1 115 CYS 115 286 286 CYS CYS A . n 
A 1 116 ILE 116 287 287 ILE ILE A . n 
A 1 117 GLU 117 288 288 GLU GLU A . n 
A 1 118 PRO 118 289 289 PRO PRO A . n 
A 1 119 LEU 119 290 290 LEU LEU A . n 
A 1 120 ALA 120 291 291 ALA ALA A . n 
A 1 121 GLU 121 292 292 GLU GLU A . n 
A 1 122 SER 122 293 293 SER SER A . n 
A 1 123 ILE 123 294 294 ILE ILE A . n 
A 1 124 THR 124 295 295 THR THR A . n 
A 1 125 ASP 125 296 296 ASP ASP A . n 
A 1 126 VAL 126 297 297 VAL VAL A . n 
A 1 127 LEU 127 298 298 LEU LEU A . n 
A 1 128 VAL 128 299 299 VAL VAL A . n 
A 1 129 ARG 129 300 300 ARG ARG A . n 
A 1 130 THR 130 301 301 THR THR A . n 
A 1 131 LYS 131 302 302 LYS LYS A . n 
A 1 132 ARG 132 303 303 ARG ARG A . n 
A 1 133 ASP 133 304 304 ASP ASP A . n 
A 1 134 TRP 134 305 305 TRP TRP A . n 
A 1 135 LEU 135 306 306 LEU LEU A . n 
A 1 136 VAL 136 307 307 VAL VAL A . n 
A 1 137 LYS 137 308 308 LYS LYS A . n 
A 1 138 GLN 138 309 309 GLN GLN A . n 
A 1 139 ARG 139 310 310 ARG ARG A . n 
A 1 140 GLY 140 311 311 GLY GLY A . n 
A 1 141 TRP 141 312 312 TRP TRP A . n 
A 1 142 ASP 142 313 313 ASP ASP A . n 
A 1 143 GLY 143 314 314 GLY GLY A . n 
A 1 144 PHE 144 315 315 PHE PHE A . n 
A 1 145 VAL 145 316 316 VAL VAL A . n 
A 1 146 GLU 146 317 317 GLU GLU A . n 
A 1 147 PHE 147 318 318 PHE PHE A . n 
A 1 148 PHE 148 319 319 PHE PHE A . n 
A 1 149 HIS 149 320 320 HIS HIS A . n 
A 1 150 VAL 150 321 321 VAL VAL A . n 
A 1 151 GLU 151 322 ?   ?   ?   A . n 
A 1 152 ASP 152 323 ?   ?   ?   A . n 
A 1 153 LEU 153 324 ?   ?   ?   A . n 
A 1 154 GLU 154 325 ?   ?   ?   A . n 
A 1 155 GLY 155 326 ?   ?   ?   A . n 
A 1 156 GLY 156 327 ?   ?   ?   A . n 
# 
loop_
_pdbx_nonpoly_scheme.asym_id 
_pdbx_nonpoly_scheme.entity_id 
_pdbx_nonpoly_scheme.mon_id 
_pdbx_nonpoly_scheme.ndb_seq_num 
_pdbx_nonpoly_scheme.pdb_seq_num 
_pdbx_nonpoly_scheme.auth_seq_num 
_pdbx_nonpoly_scheme.pdb_mon_id 
_pdbx_nonpoly_scheme.auth_mon_id 
_pdbx_nonpoly_scheme.pdb_strand_id 
_pdbx_nonpoly_scheme.pdb_ins_code 
B 2 LOJ 1  401 1   LOJ INH A . 
C 3 HOH 1  501 90  HOH TIP A . 
C 3 HOH 2  502 29  HOH TIP A . 
C 3 HOH 3  503 147 HOH TIP A . 
C 3 HOH 4  504 160 HOH TIP A . 
C 3 HOH 5  505 31  HOH TIP A . 
C 3 HOH 6  506 74  HOH TIP A . 
C 3 HOH 7  507 19  HOH TIP A . 
C 3 HOH 8  508 34  HOH TIP A . 
C 3 HOH 9  509 52  HOH TIP A . 
C 3 HOH 10 510 95  HOH TIP A . 
C 3 HOH 11 511 42  HOH TIP A . 
C 3 HOH 12 512 68  HOH TIP A . 
C 3 HOH 13 513 49  HOH TIP A . 
C 3 HOH 14 514 84  HOH TIP A . 
C 3 HOH 15 515 105 HOH TIP A . 
C 3 HOH 16 516 103 HOH TIP A . 
C 3 HOH 17 517 113 HOH TIP A . 
C 3 HOH 18 518 107 HOH TIP A . 
C 3 HOH 19 519 62  HOH TIP A . 
C 3 HOH 20 520 101 HOH TIP A . 
C 3 HOH 21 521 132 HOH TIP A . 
C 3 HOH 22 522 109 HOH TIP A . 
C 3 HOH 23 523 15  HOH TIP A . 
C 3 HOH 24 524 35  HOH TIP A . 
C 3 HOH 25 525 135 HOH TIP A . 
C 3 HOH 26 526 55  HOH TIP A . 
C 3 HOH 27 527 156 HOH TIP A . 
C 3 HOH 28 528 112 HOH TIP A . 
C 3 HOH 29 529 91  HOH TIP A . 
C 3 HOH 30 530 122 HOH TIP A . 
C 3 HOH 31 531 86  HOH TIP A . 
C 3 HOH 32 532 58  HOH TIP A . 
C 3 HOH 33 533 30  HOH TIP A . 
C 3 HOH 34 534 69  HOH TIP A . 
C 3 HOH 35 535 145 HOH TIP A . 
C 3 HOH 36 536 48  HOH TIP A . 
C 3 HOH 37 537 32  HOH TIP A . 
C 3 HOH 38 538 12  HOH TIP A . 
C 3 HOH 39 539 83  HOH TIP A . 
C 3 HOH 40 540 17  HOH TIP A . 
C 3 HOH 41 541 94  HOH TIP A . 
C 3 HOH 42 542 134 HOH TIP A . 
C 3 HOH 43 543 33  HOH TIP A . 
C 3 HOH 44 544 154 HOH TIP A . 
C 3 HOH 45 545 104 HOH TIP A . 
C 3 HOH 46 546 98  HOH TIP A . 
C 3 HOH 47 547 72  HOH TIP A . 
C 3 HOH 48 548 102 HOH TIP A . 
C 3 HOH 49 549 150 HOH TIP A . 
C 3 HOH 50 550 131 HOH TIP A . 
C 3 HOH 51 551 110 HOH TIP A . 
C 3 HOH 52 552 51  HOH TIP A . 
C 3 HOH 53 553 130 HOH TIP A . 
# 
loop_
_pdbx_unobs_or_zero_occ_atoms.id 
_pdbx_unobs_or_zero_occ_atoms.PDB_model_num 
_pdbx_unobs_or_zero_occ_atoms.polymer_flag 
_pdbx_unobs_or_zero_occ_atoms.occupancy_flag 
_pdbx_unobs_or_zero_occ_atoms.auth_asym_id 
_pdbx_unobs_or_zero_occ_atoms.auth_comp_id 
_pdbx_unobs_or_zero_occ_atoms.auth_seq_id 
_pdbx_unobs_or_zero_occ_atoms.PDB_ins_code 
_pdbx_unobs_or_zero_occ_atoms.auth_atom_id 
_pdbx_unobs_or_zero_occ_atoms.label_alt_id 
_pdbx_unobs_or_zero_occ_atoms.label_asym_id 
_pdbx_unobs_or_zero_occ_atoms.label_comp_id 
_pdbx_unobs_or_zero_occ_atoms.label_seq_id 
_pdbx_unobs_or_zero_occ_atoms.label_atom_id 
1  1 Y 1 A ARG 187 ? CG  ? A ARG 16 CG  
2  1 Y 1 A ARG 187 ? CD  ? A ARG 16 CD  
3  1 Y 1 A ARG 187 ? NE  ? A ARG 16 NE  
4  1 Y 1 A ARG 187 ? CZ  ? A ARG 16 CZ  
5  1 Y 1 A ARG 187 ? NH1 ? A ARG 16 NH1 
6  1 Y 1 A ARG 187 ? NH2 ? A ARG 16 NH2 
7  1 Y 1 A LYS 194 ? CG  ? A LYS 23 CG  
8  1 Y 1 A LYS 194 ? CD  ? A LYS 23 CD  
9  1 Y 1 A LYS 194 ? CE  ? A LYS 23 CE  
10 1 Y 1 A LYS 194 ? NZ  ? A LYS 23 NZ  
11 1 Y 1 A ARG 201 ? CG  ? A ARG 30 CG  
12 1 Y 1 A ARG 201 ? CD  ? A ARG 30 CD  
13 1 Y 1 A ARG 201 ? NE  ? A ARG 30 NE  
14 1 Y 1 A ARG 201 ? CZ  ? A ARG 30 CZ  
15 1 Y 1 A ARG 201 ? NH1 ? A ARG 30 NH1 
16 1 Y 1 A ARG 201 ? NH2 ? A ARG 30 NH2 
17 1 Y 1 A GLU 211 ? CG  ? A GLU 40 CG  
18 1 Y 1 A GLU 211 ? CD  ? A GLU 40 CD  
19 1 Y 1 A GLU 211 ? OE1 ? A GLU 40 OE1 
20 1 Y 1 A GLU 211 ? OE2 ? A GLU 40 OE2 
# 
loop_
_software.citation_id 
_software.classification 
_software.compiler_name 
_software.compiler_version 
_software.contact_author 
_software.contact_author_email 
_software.date 
_software.description 
_software.dependencies 
_software.hardware 
_software.language 
_software.location 
_software.mods 
_software.name 
_software.os 
_software.os_version 
_software.type 
_software.version 
_software.pdbx_ordinal 
? refinement       ? ? ? ? ? ? ? ? ? ? ? CNX       ? ? ? . 1 
? 'data reduction' ? ? ? ? ? ? ? ? ? ? ? DENZO     ? ? ? . 2 
? 'data scaling'   ? ? ? ? ? ? ? ? ? ? ? SCALEPACK ? ? ? . 3 
? phasing          ? ? ? ? ? ? ? ? ? ? ? AMoRE     ? ? ? . 4 
# 
_cell.angle_alpha                  90.00 
_cell.angle_alpha_esd              ? 
_cell.angle_beta                   104.10 
_cell.angle_beta_esd               ? 
_cell.angle_gamma                  90.00 
_cell.angle_gamma_esd              ? 
_cell.entry_id                     6O6G 
_cell.details                      ? 
_cell.formula_units_Z              ? 
_cell.length_a                     80.610 
_cell.length_a_esd                 ? 
_cell.length_b                     46.418 
_cell.length_b_esd                 ? 
_cell.length_c                     45.072 
_cell.length_c_esd                 ? 
_cell.volume                       ? 
_cell.volume_esd                   ? 
_cell.Z_PDB                        4 
_cell.reciprocal_angle_alpha       ? 
_cell.reciprocal_angle_beta        ? 
_cell.reciprocal_angle_gamma       ? 
_cell.reciprocal_angle_alpha_esd   ? 
_cell.reciprocal_angle_beta_esd    ? 
_cell.reciprocal_angle_gamma_esd   ? 
_cell.reciprocal_length_a          ? 
_cell.reciprocal_length_b          ? 
_cell.reciprocal_length_c          ? 
_cell.reciprocal_length_a_esd      ? 
_cell.reciprocal_length_b_esd      ? 
_cell.reciprocal_length_c_esd      ? 
_cell.pdbx_unique_axis             ? 
# 
_symmetry.entry_id                         6O6G 
_symmetry.cell_setting                     ? 
_symmetry.Int_Tables_number                5 
_symmetry.space_group_name_Hall            ? 
_symmetry.space_group_name_H-M             'C 1 2 1' 
_symmetry.pdbx_full_space_group_name_H-M   ? 
# 
_exptl.absorpt_coefficient_mu     ? 
_exptl.absorpt_correction_T_max   ? 
_exptl.absorpt_correction_T_min   ? 
_exptl.absorpt_correction_type    ? 
_exptl.absorpt_process_details    ? 
_exptl.entry_id                   6O6G 
_exptl.crystals_number            1 
_exptl.details                    ? 
_exptl.method                     'X-RAY DIFFRACTION' 
_exptl.method_details             ? 
# 
_exptl_crystal.colour                      ? 
_exptl_crystal.density_diffrn              ? 
_exptl_crystal.density_Matthews            2.30 
_exptl_crystal.density_method              ? 
_exptl_crystal.density_percent_sol         46.48 
_exptl_crystal.description                 ? 
_exptl_crystal.F_000                       ? 
_exptl_crystal.id                          1 
_exptl_crystal.preparation                 ? 
_exptl_crystal.size_max                    ? 
_exptl_crystal.size_mid                    ? 
_exptl_crystal.size_min                    ? 
_exptl_crystal.size_rad                    ? 
_exptl_crystal.colour_lustre               ? 
_exptl_crystal.colour_modifier             ? 
_exptl_crystal.colour_primary              ? 
_exptl_crystal.density_meas                ? 
_exptl_crystal.density_meas_esd            ? 
_exptl_crystal.density_meas_gt             ? 
_exptl_crystal.density_meas_lt             ? 
_exptl_crystal.density_meas_temp           ? 
_exptl_crystal.density_meas_temp_esd       ? 
_exptl_crystal.density_meas_temp_gt        ? 
_exptl_crystal.density_meas_temp_lt        ? 
_exptl_crystal.pdbx_crystal_image_url      ? 
_exptl_crystal.pdbx_crystal_image_format   ? 
_exptl_crystal.pdbx_mosaicity              ? 
_exptl_crystal.pdbx_mosaicity_esd          ? 
# 
_exptl_crystal_grow.apparatus       ? 
_exptl_crystal_grow.atmosphere      ? 
_exptl_crystal_grow.crystal_id      1 
_exptl_crystal_grow.details         ? 
_exptl_crystal_grow.method          'VAPOR DIFFUSION, HANGING DROP' 
_exptl_crystal_grow.method_ref      ? 
_exptl_crystal_grow.pH              ? 
_exptl_crystal_grow.pressure        ? 
_exptl_crystal_grow.pressure_esd    ? 
_exptl_crystal_grow.seeding         ? 
_exptl_crystal_grow.seeding_ref     ? 
_exptl_crystal_grow.temp            277 
_exptl_crystal_grow.temp_details    ? 
_exptl_crystal_grow.temp_esd        ? 
_exptl_crystal_grow.time            ? 
_exptl_crystal_grow.pdbx_details    
;100 mM Tris, pH 8.0,
3% Methanol,
30-42.5% PEG 6000
;
_exptl_crystal_grow.pdbx_pH_range   ? 
# 
_diffrn.ambient_environment              ? 
_diffrn.ambient_temp                     100 
_diffrn.ambient_temp_details             ? 
_diffrn.ambient_temp_esd                 ? 
_diffrn.crystal_id                       1 
_diffrn.crystal_support                  ? 
_diffrn.crystal_treatment                ? 
_diffrn.details                          ? 
_diffrn.id                               1 
_diffrn.ambient_pressure                 ? 
_diffrn.ambient_pressure_esd             ? 
_diffrn.ambient_pressure_gt              ? 
_diffrn.ambient_pressure_lt              ? 
_diffrn.ambient_temp_gt                  ? 
_diffrn.ambient_temp_lt                  ? 
_diffrn.pdbx_serial_crystal_experiment   N 
# 
_diffrn_detector.details                      ? 
_diffrn_detector.detector                     CCD 
_diffrn_detector.diffrn_id                    1 
_diffrn_detector.type                         'MAR CCD 165 mm' 
_diffrn_detector.area_resol_mean              ? 
_diffrn_detector.dtime                        ? 
_diffrn_detector.pdbx_frames_total            ? 
_diffrn_detector.pdbx_collection_time_total   ? 
_diffrn_detector.pdbx_collection_date         2009-09-25 
_diffrn_detector.pdbx_frequency               ? 
# 
_diffrn_radiation.collimation                      ? 
_diffrn_radiation.diffrn_id                        1 
_diffrn_radiation.filter_edge                      ? 
_diffrn_radiation.inhomogeneity                    ? 
_diffrn_radiation.monochromator                    ? 
_diffrn_radiation.polarisn_norm                    ? 
_diffrn_radiation.polarisn_ratio                   ? 
_diffrn_radiation.probe                            ? 
_diffrn_radiation.type                             ? 
_diffrn_radiation.xray_symbol                      ? 
_diffrn_radiation.wavelength_id                    1 
_diffrn_radiation.pdbx_monochromatic_or_laue_m_l   M 
_diffrn_radiation.pdbx_wavelength_list             ? 
_diffrn_radiation.pdbx_wavelength                  ? 
_diffrn_radiation.pdbx_diffrn_protocol             'SINGLE WAVELENGTH' 
_diffrn_radiation.pdbx_analyzer                    ? 
_diffrn_radiation.pdbx_scattering_type             x-ray 
# 
_diffrn_radiation_wavelength.id           1 
_diffrn_radiation_wavelength.wavelength   1.00 
_diffrn_radiation_wavelength.wt           1.0 
# 
_diffrn_source.current                     ? 
_diffrn_source.details                     ? 
_diffrn_source.diffrn_id                   1 
_diffrn_source.power                       ? 
_diffrn_source.size                        ? 
_diffrn_source.source                      SYNCHROTRON 
_diffrn_source.target                      ? 
_diffrn_source.type                        'ALS BEAMLINE 5.0.2' 
_diffrn_source.voltage                     ? 
_diffrn_source.take-off_angle              ? 
_diffrn_source.pdbx_wavelength_list        1.00 
_diffrn_source.pdbx_wavelength             ? 
_diffrn_source.pdbx_synchrotron_beamline   5.0.2 
_diffrn_source.pdbx_synchrotron_site       ALS 
# 
_reflns.B_iso_Wilson_estimate            ? 
_reflns.entry_id                         6O6G 
_reflns.data_reduction_details           ? 
_reflns.data_reduction_method            ? 
_reflns.d_resolution_high                2.30 
_reflns.d_resolution_low                 50.0 
_reflns.details                          ? 
_reflns.limit_h_max                      ? 
_reflns.limit_h_min                      ? 
_reflns.limit_k_max                      ? 
_reflns.limit_k_min                      ? 
_reflns.limit_l_max                      ? 
_reflns.limit_l_min                      ? 
_reflns.number_all                       ? 
_reflns.number_obs                       6445 
_reflns.observed_criterion               ? 
_reflns.observed_criterion_F_max         ? 
_reflns.observed_criterion_F_min         ? 
_reflns.observed_criterion_I_max         ? 
_reflns.observed_criterion_I_min         ? 
_reflns.observed_criterion_sigma_F       ? 
_reflns.observed_criterion_sigma_I       ? 
_reflns.percent_possible_obs             88.5 
_reflns.R_free_details                   ? 
_reflns.Rmerge_F_all                     ? 
_reflns.Rmerge_F_obs                     ? 
_reflns.Friedel_coverage                 ? 
_reflns.number_gt                        ? 
_reflns.threshold_expression             ? 
_reflns.pdbx_redundancy                  2.40 
_reflns.pdbx_Rmerge_I_obs                ? 
_reflns.pdbx_Rmerge_I_all                ? 
_reflns.pdbx_Rsym_value                  ? 
_reflns.pdbx_netI_over_av_sigmaI         ? 
_reflns.pdbx_netI_over_sigmaI            33.9 
_reflns.pdbx_res_netI_over_av_sigmaI_2   ? 
_reflns.pdbx_res_netI_over_sigmaI_2      ? 
_reflns.pdbx_chi_squared                 ? 
_reflns.pdbx_scaling_rejects             ? 
_reflns.pdbx_d_res_high_opt              ? 
_reflns.pdbx_d_res_low_opt               ? 
_reflns.pdbx_d_res_opt_method            ? 
_reflns.phase_calculation_details        ? 
_reflns.pdbx_Rrim_I_all                  ? 
_reflns.pdbx_Rpim_I_all                  ? 
_reflns.pdbx_d_opt                       ? 
_reflns.pdbx_number_measured_all         ? 
_reflns.pdbx_diffrn_id                   1 
_reflns.pdbx_ordinal                     1 
_reflns.pdbx_CC_half                     ? 
_reflns.pdbx_R_split                     ? 
# 
_reflns_shell.d_res_high                  2.30 
_reflns_shell.d_res_low                   2.38 
_reflns_shell.meanI_over_sigI_all         ? 
_reflns_shell.meanI_over_sigI_obs         ? 
_reflns_shell.number_measured_all         ? 
_reflns_shell.number_measured_obs         ? 
_reflns_shell.number_possible             ? 
_reflns_shell.number_unique_all           ? 
_reflns_shell.number_unique_obs           363 
_reflns_shell.percent_possible_all        ? 
_reflns_shell.percent_possible_obs        ? 
_reflns_shell.Rmerge_F_all                ? 
_reflns_shell.Rmerge_F_obs                ? 
_reflns_shell.Rmerge_I_all                ? 
_reflns_shell.Rmerge_I_obs                ? 
_reflns_shell.meanI_over_sigI_gt          ? 
_reflns_shell.meanI_over_uI_all           ? 
_reflns_shell.meanI_over_uI_gt            ? 
_reflns_shell.number_measured_gt          ? 
_reflns_shell.number_unique_gt            ? 
_reflns_shell.percent_possible_gt         ? 
_reflns_shell.Rmerge_F_gt                 ? 
_reflns_shell.Rmerge_I_gt                 ? 
_reflns_shell.pdbx_redundancy             ? 
_reflns_shell.pdbx_Rsym_value             ? 
_reflns_shell.pdbx_chi_squared            ? 
_reflns_shell.pdbx_netI_over_sigmaI_all   ? 
_reflns_shell.pdbx_netI_over_sigmaI_obs   ? 
_reflns_shell.pdbx_Rrim_I_all             ? 
_reflns_shell.pdbx_Rpim_I_all             ? 
_reflns_shell.pdbx_rejects                ? 
_reflns_shell.pdbx_ordinal                1 
_reflns_shell.pdbx_diffrn_id              1 
_reflns_shell.pdbx_CC_half                ? 
_reflns_shell.pdbx_R_split                ? 
# 
_refine.aniso_B[1][1]                            ? 
_refine.aniso_B[1][2]                            ? 
_refine.aniso_B[1][3]                            ? 
_refine.aniso_B[2][2]                            ? 
_refine.aniso_B[2][3]                            ? 
_refine.aniso_B[3][3]                            ? 
_refine.B_iso_max                                ? 
_refine.B_iso_mean                               ? 
_refine.B_iso_min                                ? 
_refine.correlation_coeff_Fo_to_Fc               ? 
_refine.correlation_coeff_Fo_to_Fc_free          ? 
_refine.details                                  ? 
_refine.diff_density_max                         ? 
_refine.diff_density_max_esd                     ? 
_refine.diff_density_min                         ? 
_refine.diff_density_min_esd                     ? 
_refine.diff_density_rms                         ? 
_refine.diff_density_rms_esd                     ? 
_refine.entry_id                                 6O6G 
_refine.pdbx_refine_id                           'X-RAY DIFFRACTION' 
_refine.ls_abs_structure_details                 ? 
_refine.ls_abs_structure_Flack                   ? 
_refine.ls_abs_structure_Flack_esd               ? 
_refine.ls_abs_structure_Rogers                  ? 
_refine.ls_abs_structure_Rogers_esd              ? 
_refine.ls_d_res_high                            2.40 
_refine.ls_d_res_low                             27.80 
_refine.ls_extinction_coef                       ? 
_refine.ls_extinction_coef_esd                   ? 
_refine.ls_extinction_expression                 ? 
_refine.ls_extinction_method                     ? 
_refine.ls_goodness_of_fit_all                   ? 
_refine.ls_goodness_of_fit_all_esd               ? 
_refine.ls_goodness_of_fit_obs                   ? 
_refine.ls_goodness_of_fit_obs_esd               ? 
_refine.ls_hydrogen_treatment                    ? 
_refine.ls_matrix_type                           ? 
_refine.ls_number_constraints                    ? 
_refine.ls_number_parameters                     ? 
_refine.ls_number_reflns_all                     ? 
_refine.ls_number_reflns_obs                     5978 
_refine.ls_number_reflns_R_free                  281 
_refine.ls_number_reflns_R_work                  ? 
_refine.ls_number_restraints                     ? 
_refine.ls_percent_reflns_obs                    92.9 
_refine.ls_percent_reflns_R_free                 4.4 
_refine.ls_R_factor_all                          ? 
_refine.ls_R_factor_obs                          0.290 
_refine.ls_R_factor_R_free                       0.295 
_refine.ls_R_factor_R_free_error                 ? 
_refine.ls_R_factor_R_free_error_details         ? 
_refine.ls_R_factor_R_work                       0.290 
_refine.ls_R_Fsqd_factor_obs                     ? 
_refine.ls_R_I_factor_obs                        ? 
_refine.ls_redundancy_reflns_all                 ? 
_refine.ls_redundancy_reflns_obs                 ? 
_refine.ls_restrained_S_all                      ? 
_refine.ls_restrained_S_obs                      ? 
_refine.ls_shift_over_esd_max                    ? 
_refine.ls_shift_over_esd_mean                   ? 
_refine.ls_structure_factor_coef                 ? 
_refine.ls_weighting_details                     ? 
_refine.ls_weighting_scheme                      ? 
_refine.ls_wR_factor_all                         ? 
_refine.ls_wR_factor_obs                         ? 
_refine.ls_wR_factor_R_free                      ? 
_refine.ls_wR_factor_R_work                      ? 
_refine.occupancy_max                            ? 
_refine.occupancy_min                            ? 
_refine.solvent_model_details                    ? 
_refine.solvent_model_param_bsol                 ? 
_refine.solvent_model_param_ksol                 ? 
_refine.ls_R_factor_gt                           ? 
_refine.ls_goodness_of_fit_gt                    ? 
_refine.ls_goodness_of_fit_ref                   ? 
_refine.ls_shift_over_su_max                     ? 
_refine.ls_shift_over_su_max_lt                  ? 
_refine.ls_shift_over_su_mean                    ? 
_refine.ls_shift_over_su_mean_lt                 ? 
_refine.pdbx_ls_sigma_I                          ? 
_refine.pdbx_ls_sigma_F                          ? 
_refine.pdbx_ls_sigma_Fsqd                       ? 
_refine.pdbx_data_cutoff_high_absF               ? 
_refine.pdbx_data_cutoff_high_rms_absF           ? 
_refine.pdbx_data_cutoff_low_absF                ? 
_refine.pdbx_isotropic_thermal_model             ? 
_refine.pdbx_ls_cross_valid_method               THROUGHOUT 
_refine.pdbx_method_to_determine_struct          'MOLECULAR REPLACEMENT' 
_refine.pdbx_starting_model                      ? 
_refine.pdbx_stereochemistry_target_values       ? 
_refine.pdbx_R_Free_selection_details            RANDOM 
_refine.pdbx_stereochem_target_val_spec_case     ? 
_refine.pdbx_overall_ESU_R                       ? 
_refine.pdbx_overall_ESU_R_Free                  ? 
_refine.pdbx_solvent_vdw_probe_radii             ? 
_refine.pdbx_solvent_ion_probe_radii             ? 
_refine.pdbx_solvent_shrinkage_radii             ? 
_refine.pdbx_real_space_R                        ? 
_refine.pdbx_density_correlation                 ? 
_refine.pdbx_pd_number_of_powder_patterns        ? 
_refine.pdbx_pd_number_of_points                 ? 
_refine.pdbx_pd_meas_number_of_points            ? 
_refine.pdbx_pd_proc_ls_prof_R_factor            ? 
_refine.pdbx_pd_proc_ls_prof_wR_factor           ? 
_refine.pdbx_pd_Marquardt_correlation_coeff      ? 
_refine.pdbx_pd_Fsqrd_R_factor                   ? 
_refine.pdbx_pd_ls_matrix_band_width             ? 
_refine.pdbx_overall_phase_error                 ? 
_refine.pdbx_overall_SU_R_free_Cruickshank_DPI   ? 
_refine.pdbx_overall_SU_R_free_Blow_DPI          ? 
_refine.pdbx_overall_SU_R_Blow_DPI               ? 
_refine.pdbx_TLS_residual_ADP_flag               ? 
_refine.pdbx_diffrn_id                           1 
_refine.overall_SU_B                             ? 
_refine.overall_SU_ML                            ? 
_refine.overall_SU_R_Cruickshank_DPI             ? 
_refine.overall_SU_R_free                        ? 
_refine.overall_FOM_free_R_set                   ? 
_refine.overall_FOM_work_R_set                   ? 
_refine.pdbx_average_fsc_overall                 ? 
_refine.pdbx_average_fsc_work                    ? 
_refine.pdbx_average_fsc_free                    ? 
# 
_refine_hist.pdbx_refine_id                   'X-RAY DIFFRACTION' 
_refine_hist.cycle_id                         LAST 
_refine_hist.pdbx_number_atoms_protein        1154 
_refine_hist.pdbx_number_atoms_nucleic_acid   0 
_refine_hist.pdbx_number_atoms_ligand         27 
_refine_hist.number_atoms_solvent             53 
_refine_hist.number_atoms_total               1234 
_refine_hist.d_res_high                       2.40 
_refine_hist.d_res_low                        27.80 
# 
_struct.entry_id                     6O6G 
_struct.title                        'Co-crystal structure of Mcl1 with inhibitor' 
_struct.pdbx_model_details           ? 
_struct.pdbx_formula_weight          ? 
_struct.pdbx_formula_weight_method   ? 
_struct.pdbx_model_type_details      ? 
_struct.pdbx_CASP_flag               N 
# 
_struct_keywords.entry_id        6O6G 
_struct_keywords.text            'apoptosis, inhibition, APOPTOSIS-INHIBITOR complex' 
_struct_keywords.pdbx_keywords   APOPTOSIS/INHIBITOR 
# 
loop_
_struct_asym.id 
_struct_asym.pdbx_blank_PDB_chainid_flag 
_struct_asym.pdbx_modified 
_struct_asym.entity_id 
_struct_asym.details 
A N N 1 ? 
B N N 2 ? 
C N N 3 ? 
# 
_struct_ref.id                         1 
_struct_ref.db_name                    UNP 
_struct_ref.db_code                    MCL1_HUMAN 
_struct_ref.pdbx_db_accession          Q07820 
_struct_ref.pdbx_db_isoform            ? 
_struct_ref.entity_id                  1 
_struct_ref.pdbx_seq_one_letter_code   
;DELYRQSLEIISRYLREQATGAKDTKPMGRSGATSRKALETLRRVGDGVQRNHETAFQGMLRKLDIKNEDDVKSLSRVMI
HVFSDGVTNWGRIVTLISFGAFVAKHLKTINQESCIEPLAESITDVLVRTKRDWLVKQRGWDGFVEFFHVEDLEGG
;
_struct_ref.pdbx_align_begin           172 
# 
_struct_ref_seq.align_id                      1 
_struct_ref_seq.ref_id                        1 
_struct_ref_seq.pdbx_PDB_id_code              6O6G 
_struct_ref_seq.pdbx_strand_id                A 
_struct_ref_seq.seq_align_beg                 1 
_struct_ref_seq.pdbx_seq_align_beg_ins_code   ? 
_struct_ref_seq.seq_align_end                 156 
_struct_ref_seq.pdbx_seq_align_end_ins_code   ? 
_struct_ref_seq.pdbx_db_accession             Q07820 
_struct_ref_seq.db_align_beg                  172 
_struct_ref_seq.pdbx_db_align_beg_ins_code    ? 
_struct_ref_seq.db_align_end                  327 
_struct_ref_seq.pdbx_db_align_end_ins_code    ? 
_struct_ref_seq.pdbx_auth_seq_align_beg       172 
_struct_ref_seq.pdbx_auth_seq_align_end       327 
# 
_pdbx_struct_assembly.id                   1 
_pdbx_struct_assembly.details              author_and_software_defined_assembly 
_pdbx_struct_assembly.method_details       PISA 
_pdbx_struct_assembly.oligomeric_details   monomeric 
_pdbx_struct_assembly.oligomeric_count     1 
# 
loop_
_pdbx_struct_assembly_prop.biol_id 
_pdbx_struct_assembly_prop.type 
_pdbx_struct_assembly_prop.value 
_pdbx_struct_assembly_prop.details 
1 'ABSA (A^2)' 0    ? 
1 MORE         0    ? 
1 'SSA (A^2)'  7810 ? 
# 
_pdbx_struct_assembly_gen.assembly_id       1 
_pdbx_struct_assembly_gen.oper_expression   1 
_pdbx_struct_assembly_gen.asym_id_list      A,B,C 
# 
_pdbx_struct_assembly_auth_evidence.id                     1 
_pdbx_struct_assembly_auth_evidence.assembly_id            1 
_pdbx_struct_assembly_auth_evidence.experimental_support   'gel filtration' 
_pdbx_struct_assembly_auth_evidence.details                ? 
# 
_pdbx_struct_oper_list.id                   1 
_pdbx_struct_oper_list.type                 'identity operation' 
_pdbx_struct_oper_list.name                 1_555 
_pdbx_struct_oper_list.symmetry_operation   x,y,z 
_pdbx_struct_oper_list.matrix[1][1]         1.0000000000 
_pdbx_struct_oper_list.matrix[1][2]         0.0000000000 
_pdbx_struct_oper_list.matrix[1][3]         0.0000000000 
_pdbx_struct_oper_list.vector[1]            0.0000000000 
_pdbx_struct_oper_list.matrix[2][1]         0.0000000000 
_pdbx_struct_oper_list.matrix[2][2]         1.0000000000 
_pdbx_struct_oper_list.matrix[2][3]         0.0000000000 
_pdbx_struct_oper_list.vector[2]            0.0000000000 
_pdbx_struct_oper_list.matrix[3][1]         0.0000000000 
_pdbx_struct_oper_list.matrix[3][2]         0.0000000000 
_pdbx_struct_oper_list.matrix[3][3]         1.0000000000 
_pdbx_struct_oper_list.vector[3]            0.0000000000 
# 
loop_
_struct_conf.conf_type_id 
_struct_conf.id 
_struct_conf.pdbx_PDB_helix_id 
_struct_conf.beg_label_comp_id 
_struct_conf.beg_label_asym_id 
_struct_conf.beg_label_seq_id 
_struct_conf.pdbx_beg_PDB_ins_code 
_struct_conf.end_label_comp_id 
_struct_conf.end_label_asym_id 
_struct_conf.end_label_seq_id 
_struct_conf.pdbx_end_PDB_ins_code 
_struct_conf.beg_auth_comp_id 
_struct_conf.beg_auth_asym_id 
_struct_conf.beg_auth_seq_id 
_struct_conf.end_auth_comp_id 
_struct_conf.end_auth_asym_id 
_struct_conf.end_auth_seq_id 
_struct_conf.pdbx_PDB_helix_class 
_struct_conf.details 
_struct_conf.pdbx_PDB_helix_length 
HELX_P HELX_P1 AA1 ASP A 1   ? GLY A 21  ? ASP A 172 GLY A 192 1 ? 21 
HELX_P HELX_P2 AA2 THR A 34  ? HIS A 53  ? THR A 205 HIS A 224 1 ? 20 
HELX_P HELX_P3 AA3 HIS A 53  ? ASP A 65  ? HIS A 224 ASP A 236 1 ? 13 
HELX_P HELX_P4 AA4 ASN A 68  ? ASP A 85  ? ASN A 239 ASP A 256 1 ? 18 
HELX_P HELX_P5 AA5 ASN A 89  ? ILE A 110 ? ASN A 260 ILE A 281 1 ? 22 
HELX_P HELX_P6 AA6 GLN A 112 ? SER A 114 ? GLN A 283 SER A 285 5 ? 3  
HELX_P HELX_P7 AA7 CYS A 115 ? GLN A 138 ? CYS A 286 GLN A 309 1 ? 24 
HELX_P HELX_P8 AA8 GLY A 140 ? PHE A 148 ? GLY A 311 PHE A 319 1 ? 9  
# 
_struct_conf_type.id          HELX_P 
_struct_conf_type.criteria    ? 
_struct_conf_type.reference   ? 
# 
_struct_site.id                   AC1 
_struct_site.pdbx_evidence_code   Software 
_struct_site.pdbx_auth_asym_id    A 
_struct_site.pdbx_auth_comp_id    LOJ 
_struct_site.pdbx_auth_seq_id     401 
_struct_site.pdbx_auth_ins_code   ? 
_struct_site.pdbx_num_residues    8 
_struct_site.details              'binding site for residue LOJ A 401' 
# 
loop_
_struct_site_gen.id 
_struct_site_gen.site_id 
_struct_site_gen.pdbx_num_res 
_struct_site_gen.label_comp_id 
_struct_site_gen.label_asym_id 
_struct_site_gen.label_seq_id 
_struct_site_gen.pdbx_auth_ins_code 
_struct_site_gen.auth_comp_id 
_struct_site_gen.auth_asym_id 
_struct_site_gen.auth_seq_id 
_struct_site_gen.label_atom_id 
_struct_site_gen.label_alt_id 
_struct_site_gen.symmetry 
_struct_site_gen.details 
1 AC1 8 MET A 60  ? MET A 231 . ? 1_555 ? 
2 AC1 8 LEU A 75  ? LEU A 246 . ? 1_555 ? 
3 AC1 8 ARG A 77  ? ARG A 248 . ? 4_556 ? 
4 AC1 8 MET A 79  ? MET A 250 . ? 1_555 ? 
5 AC1 8 ARG A 92  ? ARG A 263 . ? 1_555 ? 
6 AC1 8 LEU A 96  ? LEU A 267 . ? 1_555 ? 
7 AC1 8 PHE A 99  ? PHE A 270 . ? 1_555 ? 
8 AC1 8 LEU A 119 ? LEU A 290 . ? 1_555 ? 
# 
loop_
_pdbx_validate_torsion.id 
_pdbx_validate_torsion.PDB_model_num 
_pdbx_validate_torsion.auth_comp_id 
_pdbx_validate_torsion.auth_asym_id 
_pdbx_validate_torsion.auth_seq_id 
_pdbx_validate_torsion.PDB_ins_code 
_pdbx_validate_torsion.label_alt_id 
_pdbx_validate_torsion.phi 
_pdbx_validate_torsion.psi 
1 1 SER A 202 ? ? 85.50   48.92  
2 1 ALA A 204 ? ? 100.75  22.49  
3 1 THR A 205 ? ? -153.37 -69.33 
4 1 ASP A 236 ? ? 60.14   66.29  
5 1 LYS A 302 ? ? -140.02 25.25  
# 
_pdbx_distant_solvent_atoms.id                                1 
_pdbx_distant_solvent_atoms.PDB_model_num                     1 
_pdbx_distant_solvent_atoms.auth_atom_id                      O 
_pdbx_distant_solvent_atoms.label_alt_id                      ? 
_pdbx_distant_solvent_atoms.auth_asym_id                      A 
_pdbx_distant_solvent_atoms.auth_comp_id                      HOH 
_pdbx_distant_solvent_atoms.auth_seq_id                       553 
_pdbx_distant_solvent_atoms.PDB_ins_code                      ? 
_pdbx_distant_solvent_atoms.neighbor_macromolecule_distance   8.61 
_pdbx_distant_solvent_atoms.neighbor_ligand_distance          . 
# 
loop_
_pdbx_unobs_or_zero_occ_residues.id 
_pdbx_unobs_or_zero_occ_residues.PDB_model_num 
_pdbx_unobs_or_zero_occ_residues.polymer_flag 
_pdbx_unobs_or_zero_occ_residues.occupancy_flag 
_pdbx_unobs_or_zero_occ_residues.auth_asym_id 
_pdbx_unobs_or_zero_occ_residues.auth_comp_id 
_pdbx_unobs_or_zero_occ_residues.auth_seq_id 
_pdbx_unobs_or_zero_occ_residues.PDB_ins_code 
_pdbx_unobs_or_zero_occ_residues.label_asym_id 
_pdbx_unobs_or_zero_occ_residues.label_comp_id 
_pdbx_unobs_or_zero_occ_residues.label_seq_id 
1  1 Y 1 A THR 196 ? A THR 25  
2  1 Y 1 A LYS 197 ? A LYS 26  
3  1 Y 1 A PRO 198 ? A PRO 27  
4  1 Y 1 A MET 199 ? A MET 28  
5  1 Y 1 A GLY 200 ? A GLY 29  
6  1 Y 1 A GLU 322 ? A GLU 151 
7  1 Y 1 A ASP 323 ? A ASP 152 
8  1 Y 1 A LEU 324 ? A LEU 153 
9  1 Y 1 A GLU 325 ? A GLU 154 
10 1 Y 1 A GLY 326 ? A GLY 155 
11 1 Y 1 A GLY 327 ? A GLY 156 
# 
loop_
_chem_comp_atom.comp_id 
_chem_comp_atom.atom_id 
_chem_comp_atom.type_symbol 
_chem_comp_atom.pdbx_aromatic_flag 
_chem_comp_atom.pdbx_stereo_config 
_chem_comp_atom.pdbx_ordinal 
ALA N    N  N N 1   
ALA CA   C  N S 2   
ALA C    C  N N 3   
ALA O    O  N N 4   
ALA CB   C  N N 5   
ALA OXT  O  N N 6   
ALA H    H  N N 7   
ALA H2   H  N N 8   
ALA HA   H  N N 9   
ALA HB1  H  N N 10  
ALA HB2  H  N N 11  
ALA HB3  H  N N 12  
ALA HXT  H  N N 13  
ARG N    N  N N 14  
ARG CA   C  N S 15  
ARG C    C  N N 16  
ARG O    O  N N 17  
ARG CB   C  N N 18  
ARG CG   C  N N 19  
ARG CD   C  N N 20  
ARG NE   N  N N 21  
ARG CZ   C  N N 22  
ARG NH1  N  N N 23  
ARG NH2  N  N N 24  
ARG OXT  O  N N 25  
ARG H    H  N N 26  
ARG H2   H  N N 27  
ARG HA   H  N N 28  
ARG HB2  H  N N 29  
ARG HB3  H  N N 30  
ARG HG2  H  N N 31  
ARG HG3  H  N N 32  
ARG HD2  H  N N 33  
ARG HD3  H  N N 34  
ARG HE   H  N N 35  
ARG HH11 H  N N 36  
ARG HH12 H  N N 37  
ARG HH21 H  N N 38  
ARG HH22 H  N N 39  
ARG HXT  H  N N 40  
ASN N    N  N N 41  
ASN CA   C  N S 42  
ASN C    C  N N 43  
ASN O    O  N N 44  
ASN CB   C  N N 45  
ASN CG   C  N N 46  
ASN OD1  O  N N 47  
ASN ND2  N  N N 48  
ASN OXT  O  N N 49  
ASN H    H  N N 50  
ASN H2   H  N N 51  
ASN HA   H  N N 52  
ASN HB2  H  N N 53  
ASN HB3  H  N N 54  
ASN HD21 H  N N 55  
ASN HD22 H  N N 56  
ASN HXT  H  N N 57  
ASP N    N  N N 58  
ASP CA   C  N S 59  
ASP C    C  N N 60  
ASP O    O  N N 61  
ASP CB   C  N N 62  
ASP CG   C  N N 63  
ASP OD1  O  N N 64  
ASP OD2  O  N N 65  
ASP OXT  O  N N 66  
ASP H    H  N N 67  
ASP H2   H  N N 68  
ASP HA   H  N N 69  
ASP HB2  H  N N 70  
ASP HB3  H  N N 71  
ASP HD2  H  N N 72  
ASP HXT  H  N N 73  
CYS N    N  N N 74  
CYS CA   C  N R 75  
CYS C    C  N N 76  
CYS O    O  N N 77  
CYS CB   C  N N 78  
CYS SG   S  N N 79  
CYS OXT  O  N N 80  
CYS H    H  N N 81  
CYS H2   H  N N 82  
CYS HA   H  N N 83  
CYS HB2  H  N N 84  
CYS HB3  H  N N 85  
CYS HG   H  N N 86  
CYS HXT  H  N N 87  
GLN N    N  N N 88  
GLN CA   C  N S 89  
GLN C    C  N N 90  
GLN O    O  N N 91  
GLN CB   C  N N 92  
GLN CG   C  N N 93  
GLN CD   C  N N 94  
GLN OE1  O  N N 95  
GLN NE2  N  N N 96  
GLN OXT  O  N N 97  
GLN H    H  N N 98  
GLN H2   H  N N 99  
GLN HA   H  N N 100 
GLN HB2  H  N N 101 
GLN HB3  H  N N 102 
GLN HG2  H  N N 103 
GLN HG3  H  N N 104 
GLN HE21 H  N N 105 
GLN HE22 H  N N 106 
GLN HXT  H  N N 107 
GLU N    N  N N 108 
GLU CA   C  N S 109 
GLU C    C  N N 110 
GLU O    O  N N 111 
GLU CB   C  N N 112 
GLU CG   C  N N 113 
GLU CD   C  N N 114 
GLU OE1  O  N N 115 
GLU OE2  O  N N 116 
GLU OXT  O  N N 117 
GLU H    H  N N 118 
GLU H2   H  N N 119 
GLU HA   H  N N 120 
GLU HB2  H  N N 121 
GLU HB3  H  N N 122 
GLU HG2  H  N N 123 
GLU HG3  H  N N 124 
GLU HE2  H  N N 125 
GLU HXT  H  N N 126 
GLY N    N  N N 127 
GLY CA   C  N N 128 
GLY C    C  N N 129 
GLY O    O  N N 130 
GLY OXT  O  N N 131 
GLY H    H  N N 132 
GLY H2   H  N N 133 
GLY HA2  H  N N 134 
GLY HA3  H  N N 135 
GLY HXT  H  N N 136 
HIS N    N  N N 137 
HIS CA   C  N S 138 
HIS C    C  N N 139 
HIS O    O  N N 140 
HIS CB   C  N N 141 
HIS CG   C  Y N 142 
HIS ND1  N  Y N 143 
HIS CD2  C  Y N 144 
HIS CE1  C  Y N 145 
HIS NE2  N  Y N 146 
HIS OXT  O  N N 147 
HIS H    H  N N 148 
HIS H2   H  N N 149 
HIS HA   H  N N 150 
HIS HB2  H  N N 151 
HIS HB3  H  N N 152 
HIS HD1  H  N N 153 
HIS HD2  H  N N 154 
HIS HE1  H  N N 155 
HIS HE2  H  N N 156 
HIS HXT  H  N N 157 
HOH O    O  N N 158 
HOH H1   H  N N 159 
HOH H2   H  N N 160 
ILE N    N  N N 161 
ILE CA   C  N S 162 
ILE C    C  N N 163 
ILE O    O  N N 164 
ILE CB   C  N S 165 
ILE CG1  C  N N 166 
ILE CG2  C  N N 167 
ILE CD1  C  N N 168 
ILE OXT  O  N N 169 
ILE H    H  N N 170 
ILE H2   H  N N 171 
ILE HA   H  N N 172 
ILE HB   H  N N 173 
ILE HG12 H  N N 174 
ILE HG13 H  N N 175 
ILE HG21 H  N N 176 
ILE HG22 H  N N 177 
ILE HG23 H  N N 178 
ILE HD11 H  N N 179 
ILE HD12 H  N N 180 
ILE HD13 H  N N 181 
ILE HXT  H  N N 182 
LEU N    N  N N 183 
LEU CA   C  N S 184 
LEU C    C  N N 185 
LEU O    O  N N 186 
LEU CB   C  N N 187 
LEU CG   C  N N 188 
LEU CD1  C  N N 189 
LEU CD2  C  N N 190 
LEU OXT  O  N N 191 
LEU H    H  N N 192 
LEU H2   H  N N 193 
LEU HA   H  N N 194 
LEU HB2  H  N N 195 
LEU HB3  H  N N 196 
LEU HG   H  N N 197 
LEU HD11 H  N N 198 
LEU HD12 H  N N 199 
LEU HD13 H  N N 200 
LEU HD21 H  N N 201 
LEU HD22 H  N N 202 
LEU HD23 H  N N 203 
LEU HXT  H  N N 204 
LOJ C1   C  Y N 205 
LOJ C2   C  Y N 206 
LOJ C3   C  Y N 207 
LOJ C7   C  Y N 208 
LOJ C8   C  Y N 209 
LOJ C9   C  Y N 210 
LOJ C10  C  Y N 211 
LOJ C11  C  N N 212 
LOJ C12  C  N N 213 
LOJ C13  C  Y N 214 
LOJ C14  C  Y N 215 
LOJ C15  C  N S 216 
LOJ C16  C  N N 217 
LOJ C19  C  N N 218 
LOJ C20  C  N N 219 
LOJ C21  C  N N 220 
LOJ N1   N  N N 221 
LOJ O1   O  N N 222 
LOJ O2   O  N N 223 
LOJ O3   O  N N 224 
LOJ C17  C  N N 225 
LOJ C18  C  N N 226 
LOJ C4   C  Y N 227 
LOJ C5   C  Y N 228 
LOJ C6   C  Y N 229 
LOJ CL1  CL N N 230 
LOJ CL2  CL N N 231 
LOJ H1   H  N N 232 
LOJ H2   H  N N 233 
LOJ H3   H  N N 234 
LOJ H4   H  N N 235 
LOJ H5   H  N N 236 
LOJ H6   H  N N 237 
LOJ H7   H  N N 238 
LOJ H8   H  N N 239 
LOJ H9   H  N N 240 
LOJ H10  H  N N 241 
LOJ H11  H  N N 242 
LOJ H12  H  N N 243 
LOJ H13  H  N N 244 
LOJ H14  H  N N 245 
LOJ H15  H  N N 246 
LOJ H16  H  N N 247 
LOJ H17  H  N N 248 
LOJ H18  H  N N 249 
LOJ H19  H  N N 250 
LOJ H20  H  N N 251 
LOJ H21  H  N N 252 
LYS N    N  N N 253 
LYS CA   C  N S 254 
LYS C    C  N N 255 
LYS O    O  N N 256 
LYS CB   C  N N 257 
LYS CG   C  N N 258 
LYS CD   C  N N 259 
LYS CE   C  N N 260 
LYS NZ   N  N N 261 
LYS OXT  O  N N 262 
LYS H    H  N N 263 
LYS H2   H  N N 264 
LYS HA   H  N N 265 
LYS HB2  H  N N 266 
LYS HB3  H  N N 267 
LYS HG2  H  N N 268 
LYS HG3  H  N N 269 
LYS HD2  H  N N 270 
LYS HD3  H  N N 271 
LYS HE2  H  N N 272 
LYS HE3  H  N N 273 
LYS HZ1  H  N N 274 
LYS HZ2  H  N N 275 
LYS HZ3  H  N N 276 
LYS HXT  H  N N 277 
MET N    N  N N 278 
MET CA   C  N S 279 
MET C    C  N N 280 
MET O    O  N N 281 
MET CB   C  N N 282 
MET CG   C  N N 283 
MET SD   S  N N 284 
MET CE   C  N N 285 
MET OXT  O  N N 286 
MET H    H  N N 287 
MET H2   H  N N 288 
MET HA   H  N N 289 
MET HB2  H  N N 290 
MET HB3  H  N N 291 
MET HG2  H  N N 292 
MET HG3  H  N N 293 
MET HE1  H  N N 294 
MET HE2  H  N N 295 
MET HE3  H  N N 296 
MET HXT  H  N N 297 
PHE N    N  N N 298 
PHE CA   C  N S 299 
PHE C    C  N N 300 
PHE O    O  N N 301 
PHE CB   C  N N 302 
PHE CG   C  Y N 303 
PHE CD1  C  Y N 304 
PHE CD2  C  Y N 305 
PHE CE1  C  Y N 306 
PHE CE2  C  Y N 307 
PHE CZ   C  Y N 308 
PHE OXT  O  N N 309 
PHE H    H  N N 310 
PHE H2   H  N N 311 
PHE HA   H  N N 312 
PHE HB2  H  N N 313 
PHE HB3  H  N N 314 
PHE HD1  H  N N 315 
PHE HD2  H  N N 316 
PHE HE1  H  N N 317 
PHE HE2  H  N N 318 
PHE HZ   H  N N 319 
PHE HXT  H  N N 320 
PRO N    N  N N 321 
PRO CA   C  N S 322 
PRO C    C  N N 323 
PRO O    O  N N 324 
PRO CB   C  N N 325 
PRO CG   C  N N 326 
PRO CD   C  N N 327 
PRO OXT  O  N N 328 
PRO H    H  N N 329 
PRO HA   H  N N 330 
PRO HB2  H  N N 331 
PRO HB3  H  N N 332 
PRO HG2  H  N N 333 
PRO HG3  H  N N 334 
PRO HD2  H  N N 335 
PRO HD3  H  N N 336 
PRO HXT  H  N N 337 
SER N    N  N N 338 
SER CA   C  N S 339 
SER C    C  N N 340 
SER O    O  N N 341 
SER CB   C  N N 342 
SER OG   O  N N 343 
SER OXT  O  N N 344 
SER H    H  N N 345 
SER H2   H  N N 346 
SER HA   H  N N 347 
SER HB2  H  N N 348 
SER HB3  H  N N 349 
SER HG   H  N N 350 
SER HXT  H  N N 351 
THR N    N  N N 352 
THR CA   C  N S 353 
THR C    C  N N 354 
THR O    O  N N 355 
THR CB   C  N R 356 
THR OG1  O  N N 357 
THR CG2  C  N N 358 
THR OXT  O  N N 359 
THR H    H  N N 360 
THR H2   H  N N 361 
THR HA   H  N N 362 
THR HB   H  N N 363 
THR HG1  H  N N 364 
THR HG21 H  N N 365 
THR HG22 H  N N 366 
THR HG23 H  N N 367 
THR HXT  H  N N 368 
TRP N    N  N N 369 
TRP CA   C  N S 370 
TRP C    C  N N 371 
TRP O    O  N N 372 
TRP CB   C  N N 373 
TRP CG   C  Y N 374 
TRP CD1  C  Y N 375 
TRP CD2  C  Y N 376 
TRP NE1  N  Y N 377 
TRP CE2  C  Y N 378 
TRP CE3  C  Y N 379 
TRP CZ2  C  Y N 380 
TRP CZ3  C  Y N 381 
TRP CH2  C  Y N 382 
TRP OXT  O  N N 383 
TRP H    H  N N 384 
TRP H2   H  N N 385 
TRP HA   H  N N 386 
TRP HB2  H  N N 387 
TRP HB3  H  N N 388 
TRP HD1  H  N N 389 
TRP HE1  H  N N 390 
TRP HE3  H  N N 391 
TRP HZ2  H  N N 392 
TRP HZ3  H  N N 393 
TRP HH2  H  N N 394 
TRP HXT  H  N N 395 
TYR N    N  N N 396 
TYR CA   C  N S 397 
TYR C    C  N N 398 
TYR O    O  N N 399 
TYR CB   C  N N 400 
TYR CG   C  Y N 401 
TYR CD1  C  Y N 402 
TYR CD2  C  Y N 403 
TYR CE1  C  Y N 404 
TYR CE2  C  Y N 405 
TYR CZ   C  Y N 406 
TYR OH   O  N N 407 
TYR OXT  O  N N 408 
TYR H    H  N N 409 
TYR H2   H  N N 410 
TYR HA   H  N N 411 
TYR HB2  H  N N 412 
TYR HB3  H  N N 413 
TYR HD1  H  N N 414 
TYR HD2  H  N N 415 
TYR HE1  H  N N 416 
TYR HE2  H  N N 417 
TYR HH   H  N N 418 
TYR HXT  H  N N 419 
VAL N    N  N N 420 
VAL CA   C  N S 421 
VAL C    C  N N 422 
VAL O    O  N N 423 
VAL CB   C  N N 424 
VAL CG1  C  N N 425 
VAL CG2  C  N N 426 
VAL OXT  O  N N 427 
VAL H    H  N N 428 
VAL H2   H  N N 429 
VAL HA   H  N N 430 
VAL HB   H  N N 431 
VAL HG11 H  N N 432 
VAL HG12 H  N N 433 
VAL HG13 H  N N 434 
VAL HG21 H  N N 435 
VAL HG22 H  N N 436 
VAL HG23 H  N N 437 
VAL HXT  H  N N 438 
# 
loop_
_chem_comp_bond.comp_id 
_chem_comp_bond.atom_id_1 
_chem_comp_bond.atom_id_2 
_chem_comp_bond.value_order 
_chem_comp_bond.pdbx_aromatic_flag 
_chem_comp_bond.pdbx_stereo_config 
_chem_comp_bond.pdbx_ordinal 
ALA N   CA   sing N N 1   
ALA N   H    sing N N 2   
ALA N   H2   sing N N 3   
ALA CA  C    sing N N 4   
ALA CA  CB   sing N N 5   
ALA CA  HA   sing N N 6   
ALA C   O    doub N N 7   
ALA C   OXT  sing N N 8   
ALA CB  HB1  sing N N 9   
ALA CB  HB2  sing N N 10  
ALA CB  HB3  sing N N 11  
ALA OXT HXT  sing N N 12  
ARG N   CA   sing N N 13  
ARG N   H    sing N N 14  
ARG N   H2   sing N N 15  
ARG CA  C    sing N N 16  
ARG CA  CB   sing N N 17  
ARG CA  HA   sing N N 18  
ARG C   O    doub N N 19  
ARG C   OXT  sing N N 20  
ARG CB  CG   sing N N 21  
ARG CB  HB2  sing N N 22  
ARG CB  HB3  sing N N 23  
ARG CG  CD   sing N N 24  
ARG CG  HG2  sing N N 25  
ARG CG  HG3  sing N N 26  
ARG CD  NE   sing N N 27  
ARG CD  HD2  sing N N 28  
ARG CD  HD3  sing N N 29  
ARG NE  CZ   sing N N 30  
ARG NE  HE   sing N N 31  
ARG CZ  NH1  sing N N 32  
ARG CZ  NH2  doub N N 33  
ARG NH1 HH11 sing N N 34  
ARG NH1 HH12 sing N N 35  
ARG NH2 HH21 sing N N 36  
ARG NH2 HH22 sing N N 37  
ARG OXT HXT  sing N N 38  
ASN N   CA   sing N N 39  
ASN N   H    sing N N 40  
ASN N   H2   sing N N 41  
ASN CA  C    sing N N 42  
ASN CA  CB   sing N N 43  
ASN CA  HA   sing N N 44  
ASN C   O    doub N N 45  
ASN C   OXT  sing N N 46  
ASN CB  CG   sing N N 47  
ASN CB  HB2  sing N N 48  
ASN CB  HB3  sing N N 49  
ASN CG  OD1  doub N N 50  
ASN CG  ND2  sing N N 51  
ASN ND2 HD21 sing N N 52  
ASN ND2 HD22 sing N N 53  
ASN OXT HXT  sing N N 54  
ASP N   CA   sing N N 55  
ASP N   H    sing N N 56  
ASP N   H2   sing N N 57  
ASP CA  C    sing N N 58  
ASP CA  CB   sing N N 59  
ASP CA  HA   sing N N 60  
ASP C   O    doub N N 61  
ASP C   OXT  sing N N 62  
ASP CB  CG   sing N N 63  
ASP CB  HB2  sing N N 64  
ASP CB  HB3  sing N N 65  
ASP CG  OD1  doub N N 66  
ASP CG  OD2  sing N N 67  
ASP OD2 HD2  sing N N 68  
ASP OXT HXT  sing N N 69  
CYS N   CA   sing N N 70  
CYS N   H    sing N N 71  
CYS N   H2   sing N N 72  
CYS CA  C    sing N N 73  
CYS CA  CB   sing N N 74  
CYS CA  HA   sing N N 75  
CYS C   O    doub N N 76  
CYS C   OXT  sing N N 77  
CYS CB  SG   sing N N 78  
CYS CB  HB2  sing N N 79  
CYS CB  HB3  sing N N 80  
CYS SG  HG   sing N N 81  
CYS OXT HXT  sing N N 82  
GLN N   CA   sing N N 83  
GLN N   H    sing N N 84  
GLN N   H2   sing N N 85  
GLN CA  C    sing N N 86  
GLN CA  CB   sing N N 87  
GLN CA  HA   sing N N 88  
GLN C   O    doub N N 89  
GLN C   OXT  sing N N 90  
GLN CB  CG   sing N N 91  
GLN CB  HB2  sing N N 92  
GLN CB  HB3  sing N N 93  
GLN CG  CD   sing N N 94  
GLN CG  HG2  sing N N 95  
GLN CG  HG3  sing N N 96  
GLN CD  OE1  doub N N 97  
GLN CD  NE2  sing N N 98  
GLN NE2 HE21 sing N N 99  
GLN NE2 HE22 sing N N 100 
GLN OXT HXT  sing N N 101 
GLU N   CA   sing N N 102 
GLU N   H    sing N N 103 
GLU N   H2   sing N N 104 
GLU CA  C    sing N N 105 
GLU CA  CB   sing N N 106 
GLU CA  HA   sing N N 107 
GLU C   O    doub N N 108 
GLU C   OXT  sing N N 109 
GLU CB  CG   sing N N 110 
GLU CB  HB2  sing N N 111 
GLU CB  HB3  sing N N 112 
GLU CG  CD   sing N N 113 
GLU CG  HG2  sing N N 114 
GLU CG  HG3  sing N N 115 
GLU CD  OE1  doub N N 116 
GLU CD  OE2  sing N N 117 
GLU OE2 HE2  sing N N 118 
GLU OXT HXT  sing N N 119 
GLY N   CA   sing N N 120 
GLY N   H    sing N N 121 
GLY N   H2   sing N N 122 
GLY CA  C    sing N N 123 
GLY CA  HA2  sing N N 124 
GLY CA  HA3  sing N N 125 
GLY C   O    doub N N 126 
GLY C   OXT  sing N N 127 
GLY OXT HXT  sing N N 128 
HIS N   CA   sing N N 129 
HIS N   H    sing N N 130 
HIS N   H2   sing N N 131 
HIS CA  C    sing N N 132 
HIS CA  CB   sing N N 133 
HIS CA  HA   sing N N 134 
HIS C   O    doub N N 135 
HIS C   OXT  sing N N 136 
HIS CB  CG   sing N N 137 
HIS CB  HB2  sing N N 138 
HIS CB  HB3  sing N N 139 
HIS CG  ND1  sing Y N 140 
HIS CG  CD2  doub Y N 141 
HIS ND1 CE1  doub Y N 142 
HIS ND1 HD1  sing N N 143 
HIS CD2 NE2  sing Y N 144 
HIS CD2 HD2  sing N N 145 
HIS CE1 NE2  sing Y N 146 
HIS CE1 HE1  sing N N 147 
HIS NE2 HE2  sing N N 148 
HIS OXT HXT  sing N N 149 
HOH O   H1   sing N N 150 
HOH O   H2   sing N N 151 
ILE N   CA   sing N N 152 
ILE N   H    sing N N 153 
ILE N   H2   sing N N 154 
ILE CA  C    sing N N 155 
ILE CA  CB   sing N N 156 
ILE CA  HA   sing N N 157 
ILE C   O    doub N N 158 
ILE C   OXT  sing N N 159 
ILE CB  CG1  sing N N 160 
ILE CB  CG2  sing N N 161 
ILE CB  HB   sing N N 162 
ILE CG1 CD1  sing N N 163 
ILE CG1 HG12 sing N N 164 
ILE CG1 HG13 sing N N 165 
ILE CG2 HG21 sing N N 166 
ILE CG2 HG22 sing N N 167 
ILE CG2 HG23 sing N N 168 
ILE CD1 HD11 sing N N 169 
ILE CD1 HD12 sing N N 170 
ILE CD1 HD13 sing N N 171 
ILE OXT HXT  sing N N 172 
LEU N   CA   sing N N 173 
LEU N   H    sing N N 174 
LEU N   H2   sing N N 175 
LEU CA  C    sing N N 176 
LEU CA  CB   sing N N 177 
LEU CA  HA   sing N N 178 
LEU C   O    doub N N 179 
LEU C   OXT  sing N N 180 
LEU CB  CG   sing N N 181 
LEU CB  HB2  sing N N 182 
LEU CB  HB3  sing N N 183 
LEU CG  CD1  sing N N 184 
LEU CG  CD2  sing N N 185 
LEU CG  HG   sing N N 186 
LEU CD1 HD11 sing N N 187 
LEU CD1 HD12 sing N N 188 
LEU CD1 HD13 sing N N 189 
LEU CD2 HD21 sing N N 190 
LEU CD2 HD22 sing N N 191 
LEU CD2 HD23 sing N N 192 
LEU OXT HXT  sing N N 193 
LOJ CL2 C2   sing N N 194 
LOJ C3  C2   doub Y N 195 
LOJ C3  C4   sing Y N 196 
LOJ C2  C1   sing Y N 197 
LOJ C4  C5   doub Y N 198 
LOJ C1  C6   doub Y N 199 
LOJ O1  C11  sing N N 200 
LOJ O1  C14  sing N N 201 
LOJ C5  C6   sing Y N 202 
LOJ C5  C15  sing N N 203 
LOJ C6  CL1  sing N N 204 
LOJ C11 C15  sing N N 205 
LOJ C10 C14  doub Y N 206 
LOJ C10 C9   sing Y N 207 
LOJ C14 C13  sing Y N 208 
LOJ C15 C12  sing N N 209 
LOJ C9  C8   doub Y N 210 
LOJ C12 N1   sing N N 211 
LOJ C13 N1   sing N N 212 
LOJ C13 C7   doub Y N 213 
LOJ N1  C17  sing N N 214 
LOJ C8  C7   sing Y N 215 
LOJ C8  C16  sing N N 216 
LOJ O2  C16  doub N N 217 
LOJ C16 O3   sing N N 218 
LOJ C18 C19  sing N N 219 
LOJ C18 C21  sing N N 220 
LOJ C17 C19  sing N N 221 
LOJ C19 C20  sing N N 222 
LOJ C21 C20  sing N N 223 
LOJ C1  H1   sing N N 224 
LOJ C3  H2   sing N N 225 
LOJ C7  H3   sing N N 226 
LOJ C9  H4   sing N N 227 
LOJ C10 H5   sing N N 228 
LOJ C11 H6   sing N N 229 
LOJ C11 H7   sing N N 230 
LOJ C12 H8   sing N N 231 
LOJ C12 H9   sing N N 232 
LOJ C15 H10  sing N N 233 
LOJ C19 H11  sing N N 234 
LOJ C20 H12  sing N N 235 
LOJ C20 H13  sing N N 236 
LOJ C21 H14  sing N N 237 
LOJ C21 H15  sing N N 238 
LOJ O3  H16  sing N N 239 
LOJ C17 H17  sing N N 240 
LOJ C17 H18  sing N N 241 
LOJ C18 H19  sing N N 242 
LOJ C18 H20  sing N N 243 
LOJ C4  H21  sing N N 244 
LYS N   CA   sing N N 245 
LYS N   H    sing N N 246 
LYS N   H2   sing N N 247 
LYS CA  C    sing N N 248 
LYS CA  CB   sing N N 249 
LYS CA  HA   sing N N 250 
LYS C   O    doub N N 251 
LYS C   OXT  sing N N 252 
LYS CB  CG   sing N N 253 
LYS CB  HB2  sing N N 254 
LYS CB  HB3  sing N N 255 
LYS CG  CD   sing N N 256 
LYS CG  HG2  sing N N 257 
LYS CG  HG3  sing N N 258 
LYS CD  CE   sing N N 259 
LYS CD  HD2  sing N N 260 
LYS CD  HD3  sing N N 261 
LYS CE  NZ   sing N N 262 
LYS CE  HE2  sing N N 263 
LYS CE  HE3  sing N N 264 
LYS NZ  HZ1  sing N N 265 
LYS NZ  HZ2  sing N N 266 
LYS NZ  HZ3  sing N N 267 
LYS OXT HXT  sing N N 268 
MET N   CA   sing N N 269 
MET N   H    sing N N 270 
MET N   H2   sing N N 271 
MET CA  C    sing N N 272 
MET CA  CB   sing N N 273 
MET CA  HA   sing N N 274 
MET C   O    doub N N 275 
MET C   OXT  sing N N 276 
MET CB  CG   sing N N 277 
MET CB  HB2  sing N N 278 
MET CB  HB3  sing N N 279 
MET CG  SD   sing N N 280 
MET CG  HG2  sing N N 281 
MET CG  HG3  sing N N 282 
MET SD  CE   sing N N 283 
MET CE  HE1  sing N N 284 
MET CE  HE2  sing N N 285 
MET CE  HE3  sing N N 286 
MET OXT HXT  sing N N 287 
PHE N   CA   sing N N 288 
PHE N   H    sing N N 289 
PHE N   H2   sing N N 290 
PHE CA  C    sing N N 291 
PHE CA  CB   sing N N 292 
PHE CA  HA   sing N N 293 
PHE C   O    doub N N 294 
PHE C   OXT  sing N N 295 
PHE CB  CG   sing N N 296 
PHE CB  HB2  sing N N 297 
PHE CB  HB3  sing N N 298 
PHE CG  CD1  doub Y N 299 
PHE CG  CD2  sing Y N 300 
PHE CD1 CE1  sing Y N 301 
PHE CD1 HD1  sing N N 302 
PHE CD2 CE2  doub Y N 303 
PHE CD2 HD2  sing N N 304 
PHE CE1 CZ   doub Y N 305 
PHE CE1 HE1  sing N N 306 
PHE CE2 CZ   sing Y N 307 
PHE CE2 HE2  sing N N 308 
PHE CZ  HZ   sing N N 309 
PHE OXT HXT  sing N N 310 
PRO N   CA   sing N N 311 
PRO N   CD   sing N N 312 
PRO N   H    sing N N 313 
PRO CA  C    sing N N 314 
PRO CA  CB   sing N N 315 
PRO CA  HA   sing N N 316 
PRO C   O    doub N N 317 
PRO C   OXT  sing N N 318 
PRO CB  CG   sing N N 319 
PRO CB  HB2  sing N N 320 
PRO CB  HB3  sing N N 321 
PRO CG  CD   sing N N 322 
PRO CG  HG2  sing N N 323 
PRO CG  HG3  sing N N 324 
PRO CD  HD2  sing N N 325 
PRO CD  HD3  sing N N 326 
PRO OXT HXT  sing N N 327 
SER N   CA   sing N N 328 
SER N   H    sing N N 329 
SER N   H2   sing N N 330 
SER CA  C    sing N N 331 
SER CA  CB   sing N N 332 
SER CA  HA   sing N N 333 
SER C   O    doub N N 334 
SER C   OXT  sing N N 335 
SER CB  OG   sing N N 336 
SER CB  HB2  sing N N 337 
SER CB  HB3  sing N N 338 
SER OG  HG   sing N N 339 
SER OXT HXT  sing N N 340 
THR N   CA   sing N N 341 
THR N   H    sing N N 342 
THR N   H2   sing N N 343 
THR CA  C    sing N N 344 
THR CA  CB   sing N N 345 
THR CA  HA   sing N N 346 
THR C   O    doub N N 347 
THR C   OXT  sing N N 348 
THR CB  OG1  sing N N 349 
THR CB  CG2  sing N N 350 
THR CB  HB   sing N N 351 
THR OG1 HG1  sing N N 352 
THR CG2 HG21 sing N N 353 
THR CG2 HG22 sing N N 354 
THR CG2 HG23 sing N N 355 
THR OXT HXT  sing N N 356 
TRP N   CA   sing N N 357 
TRP N   H    sing N N 358 
TRP N   H2   sing N N 359 
TRP CA  C    sing N N 360 
TRP CA  CB   sing N N 361 
TRP CA  HA   sing N N 362 
TRP C   O    doub N N 363 
TRP C   OXT  sing N N 364 
TRP CB  CG   sing N N 365 
TRP CB  HB2  sing N N 366 
TRP CB  HB3  sing N N 367 
TRP CG  CD1  doub Y N 368 
TRP CG  CD2  sing Y N 369 
TRP CD1 NE1  sing Y N 370 
TRP CD1 HD1  sing N N 371 
TRP CD2 CE2  doub Y N 372 
TRP CD2 CE3  sing Y N 373 
TRP NE1 CE2  sing Y N 374 
TRP NE1 HE1  sing N N 375 
TRP CE2 CZ2  sing Y N 376 
TRP CE3 CZ3  doub Y N 377 
TRP CE3 HE3  sing N N 378 
TRP CZ2 CH2  doub Y N 379 
TRP CZ2 HZ2  sing N N 380 
TRP CZ3 CH2  sing Y N 381 
TRP CZ3 HZ3  sing N N 382 
TRP CH2 HH2  sing N N 383 
TRP OXT HXT  sing N N 384 
TYR N   CA   sing N N 385 
TYR N   H    sing N N 386 
TYR N   H2   sing N N 387 
TYR CA  C    sing N N 388 
TYR CA  CB   sing N N 389 
TYR CA  HA   sing N N 390 
TYR C   O    doub N N 391 
TYR C   OXT  sing N N 392 
TYR CB  CG   sing N N 393 
TYR CB  HB2  sing N N 394 
TYR CB  HB3  sing N N 395 
TYR CG  CD1  doub Y N 396 
TYR CG  CD2  sing Y N 397 
TYR CD1 CE1  sing Y N 398 
TYR CD1 HD1  sing N N 399 
TYR CD2 CE2  doub Y N 400 
TYR CD2 HD2  sing N N 401 
TYR CE1 CZ   doub Y N 402 
TYR CE1 HE1  sing N N 403 
TYR CE2 CZ   sing Y N 404 
TYR CE2 HE2  sing N N 405 
TYR CZ  OH   sing N N 406 
TYR OH  HH   sing N N 407 
TYR OXT HXT  sing N N 408 
VAL N   CA   sing N N 409 
VAL N   H    sing N N 410 
VAL N   H2   sing N N 411 
VAL CA  C    sing N N 412 
VAL CA  CB   sing N N 413 
VAL CA  HA   sing N N 414 
VAL C   O    doub N N 415 
VAL C   OXT  sing N N 416 
VAL CB  CG1  sing N N 417 
VAL CB  CG2  sing N N 418 
VAL CB  HB   sing N N 419 
VAL CG1 HG11 sing N N 420 
VAL CG1 HG12 sing N N 421 
VAL CG1 HG13 sing N N 422 
VAL CG2 HG21 sing N N 423 
VAL CG2 HG22 sing N N 424 
VAL CG2 HG23 sing N N 425 
VAL OXT HXT  sing N N 426 
# 
_atom_sites.entry_id                    6O6G 
_atom_sites.fract_transf_matrix[1][1]   -0.00567306 
_atom_sites.fract_transf_matrix[1][2]   0.00489582 
_atom_sites.fract_transf_matrix[1][3]   0.01036506 
_atom_sites.fract_transf_matrix[2][1]   0.01620892 
_atom_sites.fract_transf_matrix[2][2]   0.01401041 
_atom_sites.fract_transf_matrix[2][3]   0.00225389 
_atom_sites.fract_transf_matrix[3][1]   -0.01327613 
_atom_sites.fract_transf_matrix[3][2]   0.01669066 
_atom_sites.fract_transf_matrix[3][3]   -0.00827511 
_atom_sites.fract_transf_vector[1]      0.279230 
_atom_sites.fract_transf_vector[2]      -0.003119 
_atom_sites.fract_transf_vector[3]      0.289388 
# 
loop_
_atom_type.symbol 
C  
CL 
N  
O  
S  
# 
loop_
_atom_site.group_PDB 
_atom_site.id 
_atom_site.type_symbol 
_atom_site.label_atom_id 
_atom_site.label_alt_id 
_atom_site.label_comp_id 
_atom_site.label_asym_id 
_atom_site.label_entity_id 
_atom_site.label_seq_id 
_atom_site.pdbx_PDB_ins_code 
_atom_site.Cartn_x 
_atom_site.Cartn_y 
_atom_site.Cartn_z 
_atom_site.occupancy 
_atom_site.B_iso_or_equiv 
_atom_site.pdbx_formal_charge 
_atom_site.auth_seq_id 
_atom_site.auth_comp_id 
_atom_site.auth_asym_id 
_atom_site.auth_atom_id 
_atom_site.pdbx_PDB_model_num 
ATOM   1    N  N   . ASP A 1 1   ? 7.379   -17.512 -5.206  1.00 68.98  ? 172 ASP A N   1 
ATOM   2    C  CA  . ASP A 1 1   ? 7.421   -16.085 -5.635  1.00 67.70  ? 172 ASP A CA  1 
ATOM   3    C  C   . ASP A 1 1   ? 8.106   -15.363 -4.503  1.00 67.72  ? 172 ASP A C   1 
ATOM   4    O  O   . ASP A 1 1   ? 7.498   -15.168 -3.449  1.00 67.43  ? 172 ASP A O   1 
ATOM   5    C  CB  . ASP A 1 1   ? 6.010   -15.517 -5.749  1.00 66.99  ? 172 ASP A CB  1 
ATOM   6    C  CG  . ASP A 1 1   ? 5.939   -14.265 -6.629  1.00 66.20  ? 172 ASP A CG  1 
ATOM   7    O  OD1 . ASP A 1 1   ? 6.916   -13.486 -6.693  1.00 64.99  ? 172 ASP A OD1 1 
ATOM   8    O  OD2 . ASP A 1 1   ? 4.882   -14.056 -7.255  1.00 66.99  ? 172 ASP A OD2 1 
ATOM   9    N  N   . GLU A 1 2   ? 9.367   -14.989 -4.661  1.00 66.73  ? 173 GLU A N   1 
ATOM   10   C  CA  . GLU A 1 2   ? 9.956   -14.261 -3.555  1.00 66.42  ? 173 GLU A CA  1 
ATOM   11   C  C   . GLU A 1 2   ? 9.519   -12.807 -3.639  1.00 65.05  ? 173 GLU A C   1 
ATOM   12   O  O   . GLU A 1 2   ? 9.258   -12.191 -2.619  1.00 65.30  ? 173 GLU A O   1 
ATOM   13   C  CB  . GLU A 1 2   ? 11.490  -14.311 -3.538  1.00 67.44  ? 173 GLU A CB  1 
ATOM   14   C  CG  . GLU A 1 2   ? 12.056  -13.866 -2.180  1.00 70.04  ? 173 GLU A CG  1 
ATOM   15   C  CD  . GLU A 1 2   ? 12.076  -14.974 -1.100  1.00 71.29  ? 173 GLU A CD  1 
ATOM   16   O  OE1 . GLU A 1 2   ? 11.433  -16.046 -1.228  1.00 71.15  ? 173 GLU A OE1 1 
ATOM   17   O  OE2 . GLU A 1 2   ? 12.764  -14.746 -0.085  1.00 73.21  ? 173 GLU A OE2 1 
ATOM   18   N  N   . LEU A 1 3   ? 9.456   -12.263 -4.852  1.00 63.98  ? 174 LEU A N   1 
ATOM   19   C  CA  . LEU A 1 3   ? 9.061   -10.871 -5.020  1.00 62.46  ? 174 LEU A CA  1 
ATOM   20   C  C   . LEU A 1 3   ? 7.719   -10.587 -4.340  1.00 62.33  ? 174 LEU A C   1 
ATOM   21   O  O   . LEU A 1 3   ? 7.507   -9.503  -3.806  1.00 62.14  ? 174 LEU A O   1 
ATOM   22   C  CB  . LEU A 1 3   ? 8.992   -10.493 -6.503  1.00 61.49  ? 174 LEU A CB  1 
ATOM   23   C  CG  . LEU A 1 3   ? 8.687   -9.019  -6.763  1.00 59.63  ? 174 LEU A CG  1 
ATOM   24   C  CD1 . LEU A 1 3   ? 9.878   -8.120  -6.415  1.00 59.45  ? 174 LEU A CD1 1 
ATOM   25   C  CD2 . LEU A 1 3   ? 8.294   -8.910  -8.222  1.00 59.60  ? 174 LEU A CD2 1 
ATOM   26   N  N   . TYR A 1 4   ? 6.831   -11.569 -4.334  1.00 60.81  ? 175 TYR A N   1 
ATOM   27   C  CA  . TYR A 1 4   ? 5.537   -11.361 -3.708  1.00 60.31  ? 175 TYR A CA  1 
ATOM   28   C  C   . TYR A 1 4   ? 5.598   -11.378 -2.196  1.00 60.52  ? 175 TYR A C   1 
ATOM   29   O  O   . TYR A 1 4   ? 5.029   -10.483 -1.567  1.00 60.90  ? 175 TYR A O   1 
ATOM   30   C  CB  . TYR A 1 4   ? 4.486   -12.386 -4.178  1.00 59.71  ? 175 TYR A CB  1 
ATOM   31   C  CG  . TYR A 1 4   ? 3.202   -12.387 -3.342  1.00 59.96  ? 175 TYR A CG  1 
ATOM   32   C  CD1 . TYR A 1 4   ? 3.211   -12.757 -1.994  1.00 60.90  ? 175 TYR A CD1 1 
ATOM   33   C  CD2 . TYR A 1 4   ? 1.981   -11.998 -3.896  1.00 61.95  ? 175 TYR A CD2 1 
ATOM   34   C  CE1 . TYR A 1 4   ? 2.029   -12.744 -1.211  1.00 61.12  ? 175 TYR A CE1 1 
ATOM   35   C  CE2 . TYR A 1 4   ? 0.767   -11.976 -3.117  1.00 62.07  ? 175 TYR A CE2 1 
ATOM   36   C  CZ  . TYR A 1 4   ? 0.811   -12.345 -1.773  1.00 61.56  ? 175 TYR A CZ  1 
ATOM   37   O  OH  . TYR A 1 4   ? -0.317  -12.299 -0.976  1.00 62.58  ? 175 TYR A OH  1 
ATOM   38   N  N   . ARG A 1 5   ? 6.269   -12.375 -1.618  1.00 58.88  ? 176 ARG A N   1 
ATOM   39   C  CA  . ARG A 1 5   ? 6.336   -12.505 -0.165  1.00 58.04  ? 176 ARG A CA  1 
ATOM   40   C  C   . ARG A 1 5   ? 6.894   -11.247 0.443   1.00 55.87  ? 176 ARG A C   1 
ATOM   41   O  O   . ARG A 1 5   ? 6.393   -10.753 1.456   1.00 56.35  ? 176 ARG A O   1 
ATOM   42   C  CB  . ARG A 1 5   ? 7.228   -13.678 0.243   1.00 60.57  ? 176 ARG A CB  1 
ATOM   43   C  CG  . ARG A 1 5   ? 7.252   -13.953 1.739   1.00 63.54  ? 176 ARG A CG  1 
ATOM   44   C  CD  . ARG A 1 5   ? 8.635   -14.498 2.110   1.00 67.31  ? 176 ARG A CD  1 
ATOM   45   N  NE  . ARG A 1 5   ? 9.730   -13.565 1.812   1.00 69.46  ? 176 ARG A NE  1 
ATOM   46   C  CZ  . ARG A 1 5   ? 10.175  -12.649 2.674   1.00 71.29  ? 176 ARG A CZ  1 
ATOM   47   N  NH1 . ARG A 1 5   ? 11.149  -11.812 2.327   1.00 70.59  ? 176 ARG A NH1 1 
ATOM   48   N  NH2 . ARG A 1 5   ? 9.641   -12.564 3.888   1.00 71.10  ? 176 ARG A NH2 1 
ATOM   49   N  N   . GLN A 1 6   ? 7.937   -10.733 -0.194  1.00 51.76  ? 177 GLN A N   1 
ATOM   50   C  CA  . GLN A 1 6   ? 8.620   -9.537  0.271   1.00 49.50  ? 177 GLN A CA  1 
ATOM   51   C  C   . GLN A 1 6   ? 7.755   -8.277  0.169   1.00 47.43  ? 177 GLN A C   1 
ATOM   52   O  O   . GLN A 1 6   ? 7.764   -7.428  1.056   1.00 45.68  ? 177 GLN A O   1 
ATOM   53   C  CB  . GLN A 1 6   ? 9.918   -9.358  -0.519  1.00 49.38  ? 177 GLN A CB  1 
ATOM   54   C  CG  . GLN A 1 6   ? 10.627  -8.057  -0.242  1.00 50.21  ? 177 GLN A CG  1 
ATOM   55   C  CD  . GLN A 1 6   ? 11.768  -7.804  -1.207  1.00 52.58  ? 177 GLN A CD  1 
ATOM   56   O  OE1 . GLN A 1 6   ? 11.628  -7.978  -2.421  1.00 53.67  ? 177 GLN A OE1 1 
ATOM   57   N  NE2 . GLN A 1 6   ? 12.905  -7.380  -0.674  1.00 54.71  ? 177 GLN A NE2 1 
ATOM   58   N  N   . SER A 1 7   ? 7.024   -8.166  -0.928  1.00 44.77  ? 178 SER A N   1 
ATOM   59   C  CA  . SER A 1 7   ? 6.130   -7.051  -1.135  1.00 45.06  ? 178 SER A CA  1 
ATOM   60   C  C   . SER A 1 7   ? 5.015   -7.087  -0.077  1.00 44.46  ? 178 SER A C   1 
ATOM   61   O  O   . SER A 1 7   ? 4.635   -6.052  0.475   1.00 41.56  ? 178 SER A O   1 
ATOM   62   C  CB  . SER A 1 7   ? 5.526   -7.140  -2.530  1.00 45.28  ? 178 SER A CB  1 
ATOM   63   O  OG  . SER A 1 7   ? 6.524   -6.942  -3.510  1.00 44.58  ? 178 SER A OG  1 
ATOM   64   N  N   . LEU A 1 8   ? 4.503   -8.284  0.199   1.00 44.23  ? 179 LEU A N   1 
ATOM   65   C  CA  . LEU A 1 8   ? 3.447   -8.426  1.183   1.00 45.76  ? 179 LEU A CA  1 
ATOM   66   C  C   . LEU A 1 8   ? 3.963   -8.072  2.557   1.00 46.26  ? 179 LEU A C   1 
ATOM   67   O  O   . LEU A 1 8   ? 3.256   -7.445  3.326   1.00 48.47  ? 179 LEU A O   1 
ATOM   68   C  CB  . LEU A 1 8   ? 2.896   -9.851  1.212   1.00 45.91  ? 179 LEU A CB  1 
ATOM   69   C  CG  . LEU A 1 8   ? 1.779   -10.087 2.246   1.00 49.12  ? 179 LEU A CG  1 
ATOM   70   C  CD1 . LEU A 1 8   ? 0.625   -9.099  1.997   1.00 46.86  ? 179 LEU A CD1 1 
ATOM   71   C  CD2 . LEU A 1 8   ? 1.245   -11.489 2.124   1.00 46.91  ? 179 LEU A CD2 1 
ATOM   72   N  N   . GLU A 1 9   ? 5.189   -8.473  2.874   1.00 45.74  ? 180 GLU A N   1 
ATOM   73   C  CA  . GLU A 1 9   ? 5.739   -8.173  4.194   1.00 45.60  ? 180 GLU A CA  1 
ATOM   74   C  C   . GLU A 1 9   ? 5.849   -6.678  4.396   1.00 43.97  ? 180 GLU A C   1 
ATOM   75   O  O   . GLU A 1 9   ? 5.500   -6.165  5.448   1.00 42.68  ? 180 GLU A O   1 
ATOM   76   C  CB  . GLU A 1 9   ? 7.129   -8.809  4.422   1.00 47.33  ? 180 GLU A CB  1 
ATOM   77   C  CG  . GLU A 1 9   ? 7.696   -8.447  5.816   1.00 51.21  ? 180 GLU A CG  1 
ATOM   78   C  CD  . GLU A 1 9   ? 9.088   -8.996  6.103   1.00 56.30  ? 180 GLU A CD  1 
ATOM   79   O  OE1 . GLU A 1 9   ? 9.965   -8.869  5.220   1.00 57.83  ? 180 GLU A OE1 1 
ATOM   80   O  OE2 . GLU A 1 9   ? 9.305   -9.532  7.219   1.00 57.30  ? 180 GLU A OE2 1 
ATOM   81   N  N   . ILE A 1 10  ? 6.381   -5.994  3.389   1.00 43.35  ? 181 ILE A N   1 
ATOM   82   C  CA  . ILE A 1 10  ? 6.542   -4.542  3.426   1.00 42.92  ? 181 ILE A CA  1 
ATOM   83   C  C   . ILE A 1 10  ? 5.193   -3.824  3.587   1.00 41.87  ? 181 ILE A C   1 
ATOM   84   O  O   . ILE A 1 10  ? 4.935   -3.181  4.606   1.00 41.48  ? 181 ILE A O   1 
ATOM   85   C  CB  . ILE A 1 10  ? 7.260   -4.047  2.135   1.00 43.84  ? 181 ILE A CB  1 
ATOM   86   C  CG1 . ILE A 1 10  ? 8.737   -4.443  2.186   1.00 45.02  ? 181 ILE A CG1 1 
ATOM   87   C  CG2 . ILE A 1 10  ? 7.174   -2.538  1.986   1.00 43.58  ? 181 ILE A CG2 1 
ATOM   88   C  CD1 . ILE A 1 10  ? 9.469   -4.276  0.861   1.00 41.76  ? 181 ILE A CD1 1 
ATOM   89   N  N   . ILE A 1 11  ? 4.353   -3.938  2.569   1.00 40.69  ? 182 ILE A N   1 
ATOM   90   C  CA  . ILE A 1 11  ? 3.044   -3.308  2.551   1.00 41.39  ? 182 ILE A CA  1 
ATOM   91   C  C   . ILE A 1 11  ? 2.205   -3.675  3.761   1.00 43.20  ? 182 ILE A C   1 
ATOM   92   O  O   . ILE A 1 11  ? 1.412   -2.884  4.244   1.00 42.49  ? 182 ILE A O   1 
ATOM   93   C  CB  . ILE A 1 11  ? 2.299   -3.676  1.238   1.00 39.53  ? 182 ILE A CB  1 
ATOM   94   C  CG1 . ILE A 1 11  ? 3.087   -3.099  0.053   1.00 40.29  ? 182 ILE A CG1 1 
ATOM   95   C  CG2 . ILE A 1 11  ? 0.901   -3.116  1.230   1.00 39.78  ? 182 ILE A CG2 1 
ATOM   96   C  CD1 . ILE A 1 11  ? 2.656   -3.610  -1.309  1.00 43.59  ? 182 ILE A CD1 1 
ATOM   97   N  N   . SER A 1 12  ? 2.406   -4.871  4.263   1.00 42.24  ? 183 SER A N   1 
ATOM   98   C  CA  . SER A 1 12  ? 1.639   -5.277  5.401   1.00 44.08  ? 183 SER A CA  1 
ATOM   99   C  C   . SER A 1 12  ? 2.060   -4.613  6.689   1.00 43.29  ? 183 SER A C   1 
ATOM   100  O  O   . SER A 1 12  ? 1.217   -4.244  7.515   1.00 41.89  ? 183 SER A O   1 
ATOM   101  C  CB  . SER A 1 12  ? 1.741   -6.756  5.578   1.00 45.94  ? 183 SER A CB  1 
ATOM   102  O  OG  . SER A 1 12  ? 1.384   -7.027  6.920   1.00 50.95  ? 183 SER A OG  1 
ATOM   103  N  N   . ARG A 1 13  ? 3.369   -4.484  6.868   1.00 44.17  ? 184 ARG A N   1 
ATOM   104  C  CA  . ARG A 1 13  ? 3.882   -3.900  8.077   1.00 43.98  ? 184 ARG A CA  1 
ATOM   105  C  C   . ARG A 1 13  ? 3.605   -2.414  8.061   1.00 41.81  ? 184 ARG A C   1 
ATOM   106  O  O   . ARG A 1 13  ? 3.305   -1.845  9.096   1.00 42.97  ? 184 ARG A O   1 
ATOM   107  C  CB  . ARG A 1 13  ? 5.375   -4.201  8.232   1.00 47.67  ? 184 ARG A CB  1 
ATOM   108  C  CG  . ARG A 1 13  ? 5.888   -3.969  9.652   1.00 53.38  ? 184 ARG A CG  1 
ATOM   109  C  CD  . ARG A 1 13  ? 6.931   -5.026  10.021  1.00 57.42  ? 184 ARG A CD  1 
ATOM   110  N  NE  . ARG A 1 13  ? 6.724   -6.246  9.240   1.00 61.05  ? 184 ARG A NE  1 
ATOM   111  C  CZ  . ARG A 1 13  ? 7.455   -7.341  9.356   1.00 62.62  ? 184 ARG A CZ  1 
ATOM   112  N  NH1 . ARG A 1 13  ? 8.470   -7.367  10.208  1.00 63.64  ? 184 ARG A NH1 1 
ATOM   113  N  NH2 . ARG A 1 13  ? 7.105   -8.434  8.692   1.00 64.09  ? 184 ARG A NH2 1 
ATOM   114  N  N   . TYR A 1 14  ? 3.699   -1.793  6.887   1.00 40.90  ? 185 TYR A N   1 
ATOM   115  C  CA  . TYR A 1 14  ? 3.408   -0.365  6.760   1.00 36.63  ? 185 TYR A CA  1 
ATOM   116  C  C   . TYR A 1 14  ? 1.954   -0.125  7.152   1.00 35.34  ? 185 TYR A C   1 
ATOM   117  O  O   . TYR A 1 14  ? 1.668   0.744   7.980   1.00 34.47  ? 185 TYR A O   1 
ATOM   118  C  CB  . TYR A 1 14  ? 3.617   0.131   5.330   1.00 32.20  ? 185 TYR A CB  1 
ATOM   119  C  CG  . TYR A 1 14  ? 3.392   1.630   5.178   1.00 33.71  ? 185 TYR A CG  1 
ATOM   120  C  CD1 . TYR A 1 14  ? 4.104   2.546   5.966   1.00 31.28  ? 185 TYR A CD1 1 
ATOM   121  C  CD2 . TYR A 1 14  ? 2.492   2.136   4.230   1.00 29.40  ? 185 TYR A CD2 1 
ATOM   122  C  CE1 . TYR A 1 14  ? 3.929   3.913   5.805   1.00 32.21  ? 185 TYR A CE1 1 
ATOM   123  C  CE2 . TYR A 1 14  ? 2.317   3.493   4.067   1.00 29.39  ? 185 TYR A CE2 1 
ATOM   124  C  CZ  . TYR A 1 14  ? 3.042   4.375   4.857   1.00 30.92  ? 185 TYR A CZ  1 
ATOM   125  O  OH  . TYR A 1 14  ? 2.922   5.724   4.700   1.00 36.15  ? 185 TYR A OH  1 
ATOM   126  N  N   . LEU A 1 15  ? 1.044   -0.889  6.552   1.00 33.18  ? 186 LEU A N   1 
ATOM   127  C  CA  . LEU A 1 15  ? -0.376  -0.760  6.859   1.00 34.11  ? 186 LEU A CA  1 
ATOM   128  C  C   . LEU A 1 15  ? -0.690  -0.985  8.340   1.00 34.23  ? 186 LEU A C   1 
ATOM   129  O  O   . LEU A 1 15  ? -1.414  -0.209  8.941   1.00 37.23  ? 186 LEU A O   1 
ATOM   130  C  CB  . LEU A 1 15  ? -1.200  -1.707  5.983   1.00 29.96  ? 186 LEU A CB  1 
ATOM   131  C  CG  . LEU A 1 15  ? -1.800  -0.950  4.788   1.00 32.15  ? 186 LEU A CG  1 
ATOM   132  C  CD1 . LEU A 1 15  ? -0.685  -0.556  3.797   1.00 29.46  ? 186 LEU A CD1 1 
ATOM   133  C  CD2 . LEU A 1 15  ? -2.876  -1.794  4.101   1.00 30.93  ? 186 LEU A CD2 1 
ATOM   134  N  N   . ARG A 1 16  ? -0.131  -2.040  8.920   1.00 37.39  ? 187 ARG A N   1 
ATOM   135  C  CA  . ARG A 1 16  ? -0.332  -2.371  10.323  1.00 37.40  ? 187 ARG A CA  1 
ATOM   136  C  C   . ARG A 1 16  ? 0.200   -1.299  11.284  1.00 39.90  ? 187 ARG A C   1 
ATOM   137  O  O   . ARG A 1 16  ? -0.492  -0.928  12.255  1.00 39.30  ? 187 ARG A O   1 
ATOM   138  C  CB  . ARG A 1 16  ? 0.326   -3.699  10.628  1.00 38.53  ? 187 ARG A CB  1 
ATOM   139  N  N   . GLU A 1 17  ? 1.415   -0.808  11.035  1.00 38.58  ? 188 GLU A N   1 
ATOM   140  C  CA  . GLU A 1 17  ? 1.979   0.211   11.920  1.00 41.69  ? 188 GLU A CA  1 
ATOM   141  C  C   . GLU A 1 17  ? 1.249   1.551   11.785  1.00 41.62  ? 188 GLU A C   1 
ATOM   142  O  O   . GLU A 1 17  ? 1.122   2.287   12.751  1.00 43.83  ? 188 GLU A O   1 
ATOM   143  C  CB  . GLU A 1 17  ? 3.496   0.395   11.683  1.00 41.58  ? 188 GLU A CB  1 
ATOM   144  C  CG  . GLU A 1 17  ? 3.903   0.833   10.280  1.00 48.34  ? 188 GLU A CG  1 
ATOM   145  C  CD  . GLU A 1 17  ? 5.413   1.030   10.134  1.00 50.42  ? 188 GLU A CD  1 
ATOM   146  O  OE1 . GLU A 1 17  ? 6.187   0.254   10.743  1.00 50.91  ? 188 GLU A OE1 1 
ATOM   147  O  OE2 . GLU A 1 17  ? 5.843   1.942   9.394   1.00 52.98  ? 188 GLU A OE2 1 
ATOM   148  N  N   . GLN A 1 18  ? 0.772   1.856   10.589  1.00 40.96  ? 189 GLN A N   1 
ATOM   149  C  CA  . GLN A 1 18  ? 0.055   3.094   10.357  1.00 41.79  ? 189 GLN A CA  1 
ATOM   150  C  C   . GLN A 1 18  ? -1.258  3.103   11.125  1.00 43.12  ? 189 GLN A C   1 
ATOM   151  O  O   . GLN A 1 18  ? -1.639  4.115   11.698  1.00 42.04  ? 189 GLN A O   1 
ATOM   152  C  CB  . GLN A 1 18  ? -0.188  3.279   8.860   1.00 39.39  ? 189 GLN A CB  1 
ATOM   153  C  CG  . GLN A 1 18  ? 1.081   3.730   8.101   1.00 37.35  ? 189 GLN A CG  1 
ATOM   154  C  CD  . GLN A 1 18  ? 1.289   5.241   8.133   1.00 34.40  ? 189 GLN A CD  1 
ATOM   155  O  OE1 . GLN A 1 18  ? 0.504   5.981   7.553   1.00 37.05  ? 189 GLN A OE1 1 
ATOM   156  N  NE2 . GLN A 1 18  ? 2.341   5.698   8.798   1.00 29.78  ? 189 GLN A NE2 1 
ATOM   157  N  N   . ALA A 1 19  ? -1.928  1.957   11.155  1.00 45.19  ? 190 ALA A N   1 
ATOM   158  C  CA  . ALA A 1 19  ? -3.197  1.834   11.847  1.00 47.28  ? 190 ALA A CA  1 
ATOM   159  C  C   . ALA A 1 19  ? -3.017  1.757   13.356  1.00 48.82  ? 190 ALA A C   1 
ATOM   160  O  O   . ALA A 1 19  ? -3.703  2.433   14.105  1.00 50.63  ? 190 ALA A O   1 
ATOM   161  C  CB  . ALA A 1 19  ? -3.929  0.612   11.348  1.00 46.39  ? 190 ALA A CB  1 
ATOM   162  N  N   . THR A 1 20  ? -2.086  0.933   13.799  1.00 52.43  ? 191 THR A N   1 
ATOM   163  C  CA  . THR A 1 20  ? -1.819  0.755   15.218  1.00 55.60  ? 191 THR A CA  1 
ATOM   164  C  C   . THR A 1 20  ? -1.046  1.922   15.826  1.00 57.74  ? 191 THR A C   1 
ATOM   165  O  O   . THR A 1 20  ? -1.232  2.261   16.996  1.00 58.31  ? 191 THR A O   1 
ATOM   166  C  CB  . THR A 1 20  ? -1.016  -0.563  15.450  1.00 57.54  ? 191 THR A CB  1 
ATOM   167  O  OG1 . THR A 1 20  ? 0.280   -0.480  14.824  1.00 59.73  ? 191 THR A OG1 1 
ATOM   168  C  CG2 . THR A 1 20  ? -1.772  -1.744  14.843  1.00 58.83  ? 191 THR A CG2 1 
ATOM   169  N  N   . GLY A 1 21  ? -0.181  2.529   15.015  1.00 59.20  ? 192 GLY A N   1 
ATOM   170  C  CA  . GLY A 1 21  ? 0.648   3.629   15.470  1.00 60.71  ? 192 GLY A CA  1 
ATOM   171  C  C   . GLY A 1 21  ? 1.873   3.086   16.202  1.00 62.74  ? 192 GLY A C   1 
ATOM   172  O  O   . GLY A 1 21  ? 2.616   3.839   16.828  1.00 61.86  ? 192 GLY A O   1 
ATOM   173  N  N   . ALA A 1 22  ? 2.096   1.771   16.128  1.00 64.65  ? 193 ALA A N   1 
ATOM   174  C  CA  . ALA A 1 22  ? 3.242   1.157   16.808  1.00 66.47  ? 193 ALA A CA  1 
ATOM   175  C  C   . ALA A 1 22  ? 4.009   0.160   15.957  1.00 67.25  ? 193 ALA A C   1 
ATOM   176  O  O   . ALA A 1 22  ? 3.448   -0.811  15.468  1.00 66.58  ? 193 ALA A O   1 
ATOM   177  C  CB  . ALA A 1 22  ? 2.792   0.486   18.104  1.00 66.13  ? 193 ALA A CB  1 
ATOM   178  N  N   . LYS A 1 23  ? 5.312   0.394   15.835  1.00 69.87  ? 194 LYS A N   1 
ATOM   179  C  CA  . LYS A 1 23  ? 6.204   -0.448  15.046  1.00 72.47  ? 194 LYS A CA  1 
ATOM   180  C  C   . LYS A 1 23  ? 6.201   -1.928  15.422  1.00 75.03  ? 194 LYS A C   1 
ATOM   181  O  O   . LYS A 1 23  ? 6.054   -2.291  16.589  1.00 75.59  ? 194 LYS A O   1 
ATOM   182  C  CB  . LYS A 1 23  ? 7.609   0.100   15.131  1.00 71.98  ? 194 LYS A CB  1 
ATOM   183  N  N   . ASP A 1 24  ? 6.377   -2.774  14.413  1.00 77.75  ? 195 ASP A N   1 
ATOM   184  C  CA  . ASP A 1 24  ? 6.422   -4.221  14.601  1.00 80.32  ? 195 ASP A CA  1 
ATOM   185  C  C   . ASP A 1 24  ? 7.879   -4.678  14.456  1.00 80.80  ? 195 ASP A C   1 
ATOM   186  O  O   . ASP A 1 24  ? 8.751   -3.863  14.123  1.00 81.53  ? 195 ASP A O   1 
ATOM   187  C  CB  . ASP A 1 24  ? 5.569   -4.911  13.539  1.00 82.11  ? 195 ASP A CB  1 
ATOM   188  C  CG  . ASP A 1 24  ? 4.572   -5.876  14.137  1.00 83.72  ? 195 ASP A CG  1 
ATOM   189  O  OD1 . ASP A 1 24  ? 3.542   -5.401  14.664  1.00 84.62  ? 195 ASP A OD1 1 
ATOM   190  O  OD2 . ASP A 1 24  ? 4.825   -7.103  14.108  1.00 84.96  ? 195 ASP A OD2 1 
ATOM   191  N  N   . ARG A 1 30  ? 14.947  -11.942 5.346   1.00 90.23  ? 201 ARG A N   1 
ATOM   192  C  CA  . ARG A 1 30  ? 14.918  -12.612 4.046   1.00 90.47  ? 201 ARG A CA  1 
ATOM   193  C  C   . ARG A 1 30  ? 14.873  -11.523 2.959   1.00 90.58  ? 201 ARG A C   1 
ATOM   194  O  O   . ARG A 1 30  ? 13.773  -11.179 2.506   1.00 91.03  ? 201 ARG A O   1 
ATOM   195  C  CB  . ARG A 1 30  ? 13.663  -13.498 3.994   1.00 89.83  ? 201 ARG A CB  1 
ATOM   196  N  N   . SER A 1 31  ? 16.019  -11.083 2.489   1.00 90.42  ? 202 SER A N   1 
ATOM   197  C  CA  . SER A 1 31  ? 16.007  -9.899  1.701   1.00 90.05  ? 202 SER A CA  1 
ATOM   198  C  C   . SER A 1 31  ? 16.073  -8.798  2.698   1.00 89.16  ? 202 SER A C   1 
ATOM   199  O  O   . SER A 1 31  ? 15.276  -7.893  2.673   1.00 88.97  ? 202 SER A O   1 
ATOM   200  C  CB  . SER A 1 31  ? 14.692  -9.834  0.961   1.00 90.29  ? 202 SER A CB  1 
ATOM   201  O  OG  . SER A 1 31  ? 14.837  -10.380 -0.335  1.00 91.88  ? 202 SER A OG  1 
ATOM   202  N  N   . GLY A 1 32  ? 17.017  -8.933  3.615   1.00 89.18  ? 203 GLY A N   1 
ATOM   203  C  CA  . GLY A 1 32  ? 17.175  -7.996  4.732   1.00 88.71  ? 203 GLY A CA  1 
ATOM   204  C  C   . GLY A 1 32  ? 18.255  -7.071  4.185   1.00 87.78  ? 203 GLY A C   1 
ATOM   205  O  O   . GLY A 1 32  ? 19.215  -7.606  3.648   1.00 88.61  ? 203 GLY A O   1 
ATOM   206  N  N   . ALA A 1 33  ? 18.139  -5.749  4.369   1.00 86.38  ? 204 ALA A N   1 
ATOM   207  C  CA  . ALA A 1 33  ? 19.067  -4.734  3.845   1.00 84.98  ? 204 ALA A CA  1 
ATOM   208  C  C   . ALA A 1 33  ? 18.452  -4.107  2.601   1.00 83.31  ? 204 ALA A C   1 
ATOM   209  O  O   . ALA A 1 33  ? 19.151  -3.596  1.729   1.00 84.05  ? 204 ALA A O   1 
ATOM   210  C  CB  . ALA A 1 33  ? 20.417  -5.326  3.500   1.00 85.40  ? 204 ALA A CB  1 
ATOM   211  N  N   . THR A 1 34  ? 17.134  -4.209  2.512   1.00 80.53  ? 205 THR A N   1 
ATOM   212  C  CA  . THR A 1 34  ? 16.347  -3.612  1.425   1.00 77.41  ? 205 THR A CA  1 
ATOM   213  C  C   . THR A 1 34  ? 14.966  -3.388  2.068   1.00 74.15  ? 205 THR A C   1 
ATOM   214  O  O   . THR A 1 34  ? 14.557  -2.238  2.312   1.00 73.75  ? 205 THR A O   1 
ATOM   215  C  CB  . THR A 1 34  ? 16.244  -4.547  0.199   1.00 78.32  ? 205 THR A CB  1 
ATOM   216  O  OG1 . THR A 1 34  ? 17.490  -4.531  -0.498  1.00 78.20  ? 205 THR A OG1 1 
ATOM   217  C  CG2 . THR A 1 34  ? 15.178  -4.066  -0.779  1.00 78.87  ? 205 THR A CG2 1 
ATOM   218  N  N   . SER A 1 35  ? 14.273  -4.484  2.341   1.00 70.71  ? 206 SER A N   1 
ATOM   219  C  CA  . SER A 1 35  ? 13.020  -4.415  3.059   1.00 67.54  ? 206 SER A CA  1 
ATOM   220  C  C   . SER A 1 35  ? 13.093  -3.326  4.163   1.00 66.24  ? 206 SER A C   1 
ATOM   221  O  O   . SER A 1 35  ? 12.239  -2.436  4.248   1.00 64.36  ? 206 SER A O   1 
ATOM   222  C  CB  . SER A 1 35  ? 12.775  -5.769  3.730   1.00 67.02  ? 206 SER A CB  1 
ATOM   223  O  OG  . SER A 1 35  ? 12.437  -6.688  2.710   1.00 65.97  ? 206 SER A OG  1 
ATOM   224  N  N   . ARG A 1 36  ? 14.162  -3.354  4.960   1.00 64.27  ? 207 ARG A N   1 
ATOM   225  C  CA  . ARG A 1 36  ? 14.275  -2.329  5.993   1.00 62.67  ? 207 ARG A CA  1 
ATOM   226  C  C   . ARG A 1 36  ? 14.333  -0.930  5.350   1.00 60.98  ? 207 ARG A C   1 
ATOM   227  O  O   . ARG A 1 36  ? 13.767  0.021   5.936   1.00 61.43  ? 207 ARG A O   1 
ATOM   228  C  CB  . ARG A 1 36  ? 15.516  -2.452  6.826   1.00 64.01  ? 207 ARG A CB  1 
ATOM   229  C  CG  . ARG A 1 36  ? 15.388  -2.594  8.323   1.00 67.29  ? 207 ARG A CG  1 
ATOM   230  C  CD  . ARG A 1 36  ? 16.458  -3.672  8.592   1.00 70.02  ? 207 ARG A CD  1 
ATOM   231  N  NE  . ARG A 1 36  ? 16.814  -4.047  9.950   1.00 72.09  ? 207 ARG A NE  1 
ATOM   232  C  CZ  . ARG A 1 36  ? 17.523  -3.296  10.801  1.00 72.90  ? 207 ARG A CZ  1 
ATOM   233  N  NH1 . ARG A 1 36  ? 17.983  -2.098  10.404  1.00 73.17  ? 207 ARG A NH1 1 
ATOM   234  N  NH2 . ARG A 1 36  ? 17.734  -3.746  12.075  1.00 73.87  ? 207 ARG A NH2 1 
ATOM   235  N  N   . LYS A 1 37  ? 15.072  -0.770  4.230   1.00 58.13  ? 208 LYS A N   1 
ATOM   236  C  CA  . LYS A 1 37  ? 15.139  0.520   3.557   1.00 55.42  ? 208 LYS A CA  1 
ATOM   237  C  C   . LYS A 1 37  ? 13.851  0.804   2.824   1.00 52.34  ? 208 LYS A C   1 
ATOM   238  O  O   . LYS A 1 37  ? 13.429  1.946   2.797   1.00 52.65  ? 208 LYS A O   1 
ATOM   239  C  CB  . LYS A 1 37  ? 16.313  0.597   2.583   1.00 55.76  ? 208 LYS A CB  1 
ATOM   240  C  CG  . LYS A 1 37  ? 17.451  1.378   3.209   1.00 57.64  ? 208 LYS A CG  1 
ATOM   241  C  CD  . LYS A 1 37  ? 18.800  0.977   2.681   1.00 60.56  ? 208 LYS A CD  1 
ATOM   242  C  CE  . LYS A 1 37  ? 19.446  2.103   1.910   1.00 61.99  ? 208 LYS A CE  1 
ATOM   243  N  NZ  . LYS A 1 37  ? 20.712  1.644   1.298   1.00 65.65  ? 208 LYS A NZ  1 
ATOM   244  N  N   . ALA A 1 38  ? 13.232  -0.216  2.230   1.00 49.72  ? 209 ALA A N   1 
ATOM   245  C  CA  . ALA A 1 38  ? 11.949  -0.035  1.542   1.00 49.77  ? 209 ALA A CA  1 
ATOM   246  C  C   . ALA A 1 38  ? 10.914  0.526   2.532   1.00 48.24  ? 209 ALA A C   1 
ATOM   247  O  O   . ALA A 1 38  ? 10.268  1.526   2.263   1.00 47.82  ? 209 ALA A O   1 
ATOM   248  C  CB  . ALA A 1 38  ? 11.461  -1.362  0.967   1.00 47.31  ? 209 ALA A CB  1 
ATOM   249  N  N   . LEU A 1 39  ? 10.786  -0.122  3.682   1.00 48.86  ? 210 LEU A N   1 
ATOM   250  C  CA  . LEU A 1 39  ? 9.857   0.307   4.708   1.00 49.06  ? 210 LEU A CA  1 
ATOM   251  C  C   . LEU A 1 39  ? 10.197  1.724   5.155   1.00 48.32  ? 210 LEU A C   1 
ATOM   252  O  O   . LEU A 1 39  ? 9.297   2.518   5.426   1.00 48.74  ? 210 LEU A O   1 
ATOM   253  C  CB  . LEU A 1 39  ? 9.916   -0.654  5.898   1.00 49.17  ? 210 LEU A CB  1 
ATOM   254  C  CG  . LEU A 1 39  ? 8.743   -0.551  6.884   1.00 52.06  ? 210 LEU A CG  1 
ATOM   255  C  CD1 . LEU A 1 39  ? 7.427   -0.694  6.123   1.00 50.54  ? 210 LEU A CD1 1 
ATOM   256  C  CD2 . LEU A 1 39  ? 8.862   -1.623  7.970   1.00 50.97  ? 210 LEU A CD2 1 
ATOM   257  N  N   . GLU A 1 40  ? 11.490  2.040   5.201   1.00 48.32  ? 211 GLU A N   1 
ATOM   258  C  CA  . GLU A 1 40  ? 11.957  3.360   5.620   1.00 47.33  ? 211 GLU A CA  1 
ATOM   259  C  C   . GLU A 1 40  ? 11.557  4.444   4.619   1.00 46.89  ? 211 GLU A C   1 
ATOM   260  O  O   . GLU A 1 40  ? 11.115  5.526   5.015   1.00 45.55  ? 211 GLU A O   1 
ATOM   261  C  CB  . GLU A 1 40  ? 13.452  3.342   5.779   1.00 47.69  ? 211 GLU A CB  1 
ATOM   262  N  N   . THR A 1 41  ? 11.733  4.143   3.333   1.00 46.40  ? 212 THR A N   1 
ATOM   263  C  CA  . THR A 1 41  ? 11.376  5.060   2.263   1.00 45.99  ? 212 THR A CA  1 
ATOM   264  C  C   . THR A 1 41  ? 9.870   5.255   2.240   1.00 43.53  ? 212 THR A C   1 
ATOM   265  O  O   . THR A 1 41  ? 9.392   6.376   2.062   1.00 44.54  ? 212 THR A O   1 
ATOM   266  C  CB  . THR A 1 41  ? 11.793  4.506   0.889   1.00 46.69  ? 212 THR A CB  1 
ATOM   267  O  OG1 . THR A 1 41  ? 13.217  4.460   0.818   1.00 48.59  ? 212 THR A OG1 1 
ATOM   268  C  CG2 . THR A 1 41  ? 11.259  5.394   -0.250  1.00 44.72  ? 212 THR A CG2 1 
ATOM   269  N  N   . LEU A 1 42  ? 9.144   4.154   2.434   1.00 40.69  ? 213 LEU A N   1 
ATOM   270  C  CA  . LEU A 1 42  ? 7.685   4.137   2.419   1.00 40.02  ? 213 LEU A CA  1 
ATOM   271  C  C   . LEU A 1 42  ? 7.074   5.019   3.492   1.00 39.77  ? 213 LEU A C   1 
ATOM   272  O  O   . LEU A 1 42  ? 6.131   5.770   3.234   1.00 41.57  ? 213 LEU A O   1 
ATOM   273  C  CB  . LEU A 1 42  ? 7.184   2.702   2.574   1.00 37.84  ? 213 LEU A CB  1 
ATOM   274  C  CG  . LEU A 1 42  ? 5.769   2.463   2.043   1.00 38.28  ? 213 LEU A CG  1 
ATOM   275  C  CD1 . LEU A 1 42  ? 5.662   2.969   0.610   1.00 37.73  ? 213 LEU A CD1 1 
ATOM   276  C  CD2 . LEU A 1 42  ? 5.440   0.997   2.114   1.00 38.83  ? 213 LEU A CD2 1 
ATOM   277  N  N   . ARG A 1 43  ? 7.607   4.911   4.698   1.00 39.94  ? 214 ARG A N   1 
ATOM   278  C  CA  . ARG A 1 43  ? 7.144   5.725   5.790   1.00 39.85  ? 214 ARG A CA  1 
ATOM   279  C  C   . ARG A 1 43  ? 7.276   7.181   5.383   1.00 39.75  ? 214 ARG A C   1 
ATOM   280  O  O   . ARG A 1 43  ? 6.334   7.961   5.514   1.00 41.77  ? 214 ARG A O   1 
ATOM   281  C  CB  . ARG A 1 43  ? 8.002   5.453   7.013   1.00 40.59  ? 214 ARG A CB  1 
ATOM   282  C  CG  . ARG A 1 43  ? 7.842   4.063   7.541   1.00 42.19  ? 214 ARG A CG  1 
ATOM   283  C  CD  . ARG A 1 43  ? 8.802   3.811   8.658   1.00 42.96  ? 214 ARG A CD  1 
ATOM   284  N  NE  . ARG A 1 43  ? 8.528   2.523   9.278   1.00 44.16  ? 214 ARG A NE  1 
ATOM   285  C  CZ  . ARG A 1 43  ? 9.452   1.750   9.845   1.00 45.54  ? 214 ARG A CZ  1 
ATOM   286  N  NH1 . ARG A 1 43  ? 10.728  2.133   9.869   1.00 43.24  ? 214 ARG A NH1 1 
ATOM   287  N  NH2 . ARG A 1 43  ? 9.099   0.587   10.389  1.00 45.56  ? 214 ARG A NH2 1 
ATOM   288  N  N   . ARG A 1 44  ? 8.439   7.532   4.853   1.00 37.91  ? 215 ARG A N   1 
ATOM   289  C  CA  . ARG A 1 44  ? 8.708   8.905   4.464   1.00 39.69  ? 215 ARG A CA  1 
ATOM   290  C  C   . ARG A 1 44  ? 7.842   9.479   3.349   1.00 39.88  ? 215 ARG A C   1 
ATOM   291  O  O   . ARG A 1 44  ? 7.221   10.530  3.522   1.00 39.05  ? 215 ARG A O   1 
ATOM   292  C  CB  . ARG A 1 44  ? 10.185  9.076   4.090   1.00 38.79  ? 215 ARG A CB  1 
ATOM   293  C  CG  . ARG A 1 44  ? 10.459  10.344  3.288   1.00 40.49  ? 215 ARG A CG  1 
ATOM   294  C  CD  . ARG A 1 44  ? 11.933  10.671  3.332   1.00 42.87  ? 215 ARG A CD  1 
ATOM   295  N  NE  . ARG A 1 44  ? 12.780  9.651   2.725   1.00 43.98  ? 215 ARG A NE  1 
ATOM   296  C  CZ  . ARG A 1 44  ? 13.084  9.586   1.435   1.00 45.18  ? 215 ARG A CZ  1 
ATOM   297  N  NH1 . ARG A 1 44  ? 12.601  10.479  0.575   1.00 47.73  ? 215 ARG A NH1 1 
ATOM   298  N  NH2 . ARG A 1 44  ? 13.920  8.651   1.019   1.00 45.75  ? 215 ARG A NH2 1 
ATOM   299  N  N   . VAL A 1 45  ? 7.816   8.807   2.204   1.00 40.74  ? 216 VAL A N   1 
ATOM   300  C  CA  . VAL A 1 45  ? 7.057   9.322   1.078   1.00 40.08  ? 216 VAL A CA  1 
ATOM   301  C  C   . VAL A 1 45  ? 5.575   9.016   1.199   1.00 39.10  ? 216 VAL A C   1 
ATOM   302  O  O   . VAL A 1 45  ? 4.750   9.835   0.810   1.00 40.82  ? 216 VAL A O   1 
ATOM   303  C  CB  . VAL A 1 45  ? 7.620   8.786   -0.293  1.00 40.72  ? 216 VAL A CB  1 
ATOM   304  C  CG1 . VAL A 1 45  ? 9.142   8.795   -0.254  1.00 40.11  ? 216 VAL A CG1 1 
ATOM   305  C  CG2 . VAL A 1 45  ? 7.105   7.402   -0.605  1.00 41.62  ? 216 VAL A CG2 1 
ATOM   306  N  N   . GLY A 1 46  ? 5.246   7.853   1.754   1.00 37.27  ? 217 GLY A N   1 
ATOM   307  C  CA  . GLY A 1 46  ? 3.856   7.471   1.931   1.00 36.30  ? 217 GLY A CA  1 
ATOM   308  C  C   . GLY A 1 46  ? 3.182   8.429   2.894   1.00 35.37  ? 217 GLY A C   1 
ATOM   309  O  O   . GLY A 1 46  ? 2.007   8.774   2.742   1.00 35.54  ? 217 GLY A O   1 
ATOM   310  N  N   . ASP A 1 47  ? 3.925   8.858   3.904   1.00 35.73  ? 218 ASP A N   1 
ATOM   311  C  CA  . ASP A 1 47  ? 3.385   9.813   4.865   1.00 38.38  ? 218 ASP A CA  1 
ATOM   312  C  C   . ASP A 1 47  ? 3.164   11.143  4.158   1.00 38.07  ? 218 ASP A C   1 
ATOM   313  O  O   . ASP A 1 47  ? 2.144   11.791  4.373   1.00 39.67  ? 218 ASP A O   1 
ATOM   314  C  CB  . ASP A 1 47  ? 4.357   10.042  6.018   1.00 39.87  ? 218 ASP A CB  1 
ATOM   315  C  CG  . ASP A 1 47  ? 4.258   8.988   7.111   1.00 41.37  ? 218 ASP A CG  1 
ATOM   316  O  OD1 . ASP A 1 47  ? 3.843   7.839   6.849   1.00 42.77  ? 218 ASP A OD1 1 
ATOM   317  O  OD2 . ASP A 1 47  ? 4.632   9.310   8.251   1.00 43.13  ? 218 ASP A OD2 1 
ATOM   318  N  N   . GLY A 1 48  ? 4.134   11.548  3.341   1.00 38.33  ? 219 GLY A N   1 
ATOM   319  C  CA  . GLY A 1 48  ? 4.024   12.793  2.607   1.00 38.32  ? 219 GLY A CA  1 
ATOM   320  C  C   . GLY A 1 48  ? 2.795   12.809  1.731   1.00 38.15  ? 219 GLY A C   1 
ATOM   321  O  O   . GLY A 1 48  ? 2.017   13.755  1.736   1.00 38.67  ? 219 GLY A O   1 
ATOM   322  N  N   . VAL A 1 49  ? 2.618   11.721  0.994   1.00 38.37  ? 220 VAL A N   1 
ATOM   323  C  CA  . VAL A 1 49  ? 1.494   11.585  0.091   1.00 37.37  ? 220 VAL A CA  1 
ATOM   324  C  C   . VAL A 1 49  ? 0.177   11.702  0.858   1.00 38.06  ? 220 VAL A C   1 
ATOM   325  O  O   . VAL A 1 49  ? -0.734  12.390  0.418   1.00 37.88  ? 220 VAL A O   1 
ATOM   326  C  CB  . VAL A 1 49  ? 1.605   10.274  -0.675  1.00 34.51  ? 220 VAL A CB  1 
ATOM   327  C  CG1 . VAL A 1 49  ? 0.461   10.097  -1.631  1.00 35.97  ? 220 VAL A CG1 1 
ATOM   328  C  CG2 . VAL A 1 49  ? 2.908   10.279  -1.409  1.00 36.97  ? 220 VAL A CG2 1 
ATOM   329  N  N   . GLN A 1 50  ? 0.052   11.033  1.996   1.00 37.10  ? 221 GLN A N   1 
ATOM   330  C  CA  . GLN A 1 50  ? -1.193  11.126  2.782   1.00 38.19  ? 221 GLN A CA  1 
ATOM   331  C  C   . GLN A 1 50  ? -1.458  12.538  3.299   1.00 39.34  ? 221 GLN A C   1 
ATOM   332  O  O   . GLN A 1 50  ? -2.602  12.967  3.440   1.00 39.19  ? 221 GLN A O   1 
ATOM   333  C  CB  . GLN A 1 50  ? -1.145  10.190  3.987   1.00 34.84  ? 221 GLN A CB  1 
ATOM   334  C  CG  . GLN A 1 50  ? -1.437  8.749   3.668   1.00 37.18  ? 221 GLN A CG  1 
ATOM   335  C  CD  . GLN A 1 50  ? -1.391  7.873   4.889   1.00 37.36  ? 221 GLN A CD  1 
ATOM   336  O  OE1 . GLN A 1 50  ? -2.318  7.851   5.674   1.00 38.78  ? 221 GLN A OE1 1 
ATOM   337  N  NE2 . GLN A 1 50  ? -0.296  7.147   5.059   1.00 41.40  ? 221 GLN A NE2 1 
ATOM   338  N  N   . ARG A 1 51  ? -0.382  13.237  3.619   1.00 39.81  ? 222 ARG A N   1 
ATOM   339  C  CA  . ARG A 1 51  ? -0.484  14.576  4.134   1.00 41.73  ? 222 ARG A CA  1 
ATOM   340  C  C   . ARG A 1 51  ? -0.886  15.581  3.056   1.00 41.97  ? 222 ARG A C   1 
ATOM   341  O  O   . ARG A 1 51  ? -1.943  16.185  3.164   1.00 46.31  ? 222 ARG A O   1 
ATOM   342  C  CB  . ARG A 1 51  ? 0.839   14.925  4.774   1.00 43.41  ? 222 ARG A CB  1 
ATOM   343  C  CG  . ARG A 1 51  ? 0.810   16.128  5.666   1.00 45.80  ? 222 ARG A CG  1 
ATOM   344  C  CD  . ARG A 1 51  ? 2.040   16.131  6.588   1.00 49.61  ? 222 ARG A CD  1 
ATOM   345  N  NE  . ARG A 1 51  ? 3.265   15.709  5.894   1.00 50.31  ? 222 ARG A NE  1 
ATOM   346  C  CZ  . ARG A 1 51  ? 4.101   14.792  6.379   1.00 52.39  ? 222 ARG A CZ  1 
ATOM   347  N  NH1 . ARG A 1 51  ? 3.831   14.238  7.553   1.00 55.72  ? 222 ARG A NH1 1 
ATOM   348  N  NH2 . ARG A 1 51  ? 5.172   14.387  5.694   1.00 52.04  ? 222 ARG A NH2 1 
ATOM   349  N  N   . ASN A 1 52  ? -0.058  15.729  2.024   1.00 39.98  ? 223 ASN A N   1 
ATOM   350  C  CA  . ASN A 1 52  ? -0.280  16.629  0.895   1.00 36.75  ? 223 ASN A CA  1 
ATOM   351  C  C   . ASN A 1 52  ? -1.510  16.269  0.072   1.00 36.05  ? 223 ASN A C   1 
ATOM   352  O  O   . ASN A 1 52  ? -1.982  17.088  -0.691  1.00 36.72  ? 223 ASN A O   1 
ATOM   353  C  CB  . ASN A 1 52  ? 0.920   16.586  -0.053  1.00 35.73  ? 223 ASN A CB  1 
ATOM   354  C  CG  . ASN A 1 52  ? 2.198   16.857  0.652   1.00 36.54  ? 223 ASN A CG  1 
ATOM   355  O  OD1 . ASN A 1 52  ? 2.191   17.481  1.711   1.00 37.80  ? 223 ASN A OD1 1 
ATOM   356  N  ND2 . ASN A 1 52  ? 3.311   16.388  0.096   1.00 38.87  ? 223 ASN A ND2 1 
ATOM   357  N  N   . HIS A 1 53  ? -2.007  15.040  0.187   1.00 35.93  ? 224 HIS A N   1 
ATOM   358  C  CA  . HIS A 1 53  ? -3.182  14.608  -0.585  1.00 33.35  ? 224 HIS A CA  1 
ATOM   359  C  C   . HIS A 1 53  ? -4.385  14.269  0.301   1.00 33.42  ? 224 HIS A C   1 
ATOM   360  O  O   . HIS A 1 53  ? -5.373  13.702  -0.157  1.00 31.84  ? 224 HIS A O   1 
ATOM   361  C  CB  . HIS A 1 53  ? -2.852  13.382  -1.432  1.00 35.00  ? 224 HIS A CB  1 
ATOM   362  C  CG  . HIS A 1 53  ? -1.843  13.638  -2.520  1.00 38.02  ? 224 HIS A CG  1 
ATOM   363  N  ND1 . HIS A 1 53  ? -2.212  14.099  -3.767  1.00 40.38  ? 224 HIS A ND1 1 
ATOM   364  C  CD2 . HIS A 1 53  ? -0.503  13.532  -2.529  1.00 38.72  ? 224 HIS A CD2 1 
ATOM   365  C  CE1 . HIS A 1 53  ? -1.121  14.264  -4.496  1.00 38.05  ? 224 HIS A CE1 1 
ATOM   366  N  NE2 . HIS A 1 53  ? -0.074  13.933  -3.782  1.00 39.30  ? 224 HIS A NE2 1 
ATOM   367  N  N   . GLU A 1 54  ? -4.324  14.680  1.558   1.00 34.53  ? 225 GLU A N   1 
ATOM   368  C  CA  . GLU A 1 54  ? -5.369  14.406  2.532   1.00 36.96  ? 225 GLU A CA  1 
ATOM   369  C  C   . GLU A 1 54  ? -6.837  14.640  2.183   1.00 36.92  ? 225 GLU A C   1 
ATOM   370  O  O   . GLU A 1 54  ? -7.684  13.813  2.538   1.00 34.88  ? 225 GLU A O   1 
ATOM   371  C  CB  . GLU A 1 54  ? -5.082  15.174  3.798   1.00 39.60  ? 225 GLU A CB  1 
ATOM   372  C  CG  . GLU A 1 54  ? -5.912  14.677  4.928   1.00 44.17  ? 225 GLU A CG  1 
ATOM   373  C  CD  . GLU A 1 54  ? -5.729  15.526  6.136   1.00 48.78  ? 225 GLU A CD  1 
ATOM   374  O  OE1 . GLU A 1 54  ? -4.563  15.831  6.458   1.00 51.37  ? 225 GLU A OE1 1 
ATOM   375  O  OE2 . GLU A 1 54  ? -6.743  15.889  6.764   1.00 51.53  ? 225 GLU A OE2 1 
ATOM   376  N  N   . THR A 1 55  ? -7.152  15.763  1.533   1.00 37.06  ? 226 THR A N   1 
ATOM   377  C  CA  . THR A 1 55  ? -8.541  16.044  1.200   1.00 37.63  ? 226 THR A CA  1 
ATOM   378  C  C   . THR A 1 55  ? -9.043  15.109  0.131   1.00 34.60  ? 226 THR A C   1 
ATOM   379  O  O   . THR A 1 55  ? -10.184 14.699  0.194   1.00 38.14  ? 226 THR A O   1 
ATOM   380  C  CB  . THR A 1 55  ? -8.797  17.555  0.796   1.00 41.50  ? 226 THR A CB  1 
ATOM   381  O  OG1 . THR A 1 55  ? -9.205  17.670  -0.579  1.00 44.47  ? 226 THR A OG1 1 
ATOM   382  C  CG2 . THR A 1 55  ? -7.579  18.369  1.034   1.00 43.13  ? 226 THR A CG2 1 
ATOM   383  N  N   . ALA A 1 56  ? -8.189  14.753  -0.827  1.00 33.25  ? 227 ALA A N   1 
ATOM   384  C  CA  . ALA A 1 56  ? -8.563  13.792  -1.863  1.00 30.47  ? 227 ALA A CA  1 
ATOM   385  C  C   . ALA A 1 56  ? -8.719  12.390  -1.232  1.00 29.82  ? 227 ALA A C   1 
ATOM   386  O  O   . ALA A 1 56  ? -9.576  11.628  -1.643  1.00 29.58  ? 227 ALA A O   1 
ATOM   387  C  CB  . ALA A 1 56  ? -7.511  13.774  -2.986  1.00 29.83  ? 227 ALA A CB  1 
ATOM   388  N  N   . PHE A 1 57  ? -7.898  12.067  -0.235  1.00 31.46  ? 228 PHE A N   1 
ATOM   389  C  CA  . PHE A 1 57  ? -7.971  10.774  0.448   1.00 31.82  ? 228 PHE A CA  1 
ATOM   390  C  C   . PHE A 1 57  ? -9.246  10.727  1.260   1.00 31.67  ? 228 PHE A C   1 
ATOM   391  O  O   . PHE A 1 57  ? -9.929  9.713   1.307   1.00 29.86  ? 228 PHE A O   1 
ATOM   392  C  CB  . PHE A 1 57  ? -6.758  10.573  1.387   1.00 26.10  ? 228 PHE A CB  1 
ATOM   393  C  CG  . PHE A 1 57  ? -5.542  10.038  0.703   1.00 25.50  ? 228 PHE A CG  1 
ATOM   394  C  CD1 . PHE A 1 57  ? -5.328  10.290  -0.647  1.00 27.49  ? 228 PHE A CD1 1 
ATOM   395  C  CD2 . PHE A 1 57  ? -4.615  9.254   1.394   1.00 25.85  ? 228 PHE A CD2 1 
ATOM   396  C  CE1 . PHE A 1 57  ? -4.219  9.770   -1.308  1.00 26.29  ? 228 PHE A CE1 1 
ATOM   397  C  CE2 . PHE A 1 57  ? -3.487  8.721   0.741   1.00 27.56  ? 228 PHE A CE2 1 
ATOM   398  C  CZ  . PHE A 1 57  ? -3.292  8.980   -0.614  1.00 25.63  ? 228 PHE A CZ  1 
ATOM   399  N  N   . GLN A 1 58  ? -9.524  11.848  1.921   1.00 36.94  ? 229 GLN A N   1 
ATOM   400  C  CA  . GLN A 1 58  ? -10.715 12.018  2.741   1.00 39.17  ? 229 GLN A CA  1 
ATOM   401  C  C   . GLN A 1 58  ? -11.924 11.689  1.880   1.00 38.77  ? 229 GLN A C   1 
ATOM   402  O  O   . GLN A 1 58  ? -12.705 10.799  2.196   1.00 38.43  ? 229 GLN A O   1 
ATOM   403  C  CB  . GLN A 1 58  ? -10.816 13.466  3.191   1.00 42.75  ? 229 GLN A CB  1 
ATOM   404  C  CG  . GLN A 1 58  ? -10.359 13.773  4.597   1.00 49.44  ? 229 GLN A CG  1 
ATOM   405  C  CD  . GLN A 1 58  ? -10.274 15.269  4.820   1.00 54.29  ? 229 GLN A CD  1 
ATOM   406  O  OE1 . GLN A 1 58  ? -10.485 16.058  3.894   1.00 56.54  ? 229 GLN A OE1 1 
ATOM   407  N  NE2 . GLN A 1 58  ? -9.958  15.674  6.053   1.00 59.06  ? 229 GLN A NE2 1 
ATOM   408  N  N   . GLY A 1 59  ? -12.039 12.416  0.772   1.00 39.91  ? 230 GLY A N   1 
ATOM   409  C  CA  . GLY A 1 59  ? -13.146 12.246  -0.151  1.00 37.48  ? 230 GLY A CA  1 
ATOM   410  C  C   . GLY A 1 59  ? -13.307 10.873  -0.776  1.00 38.49  ? 230 GLY A C   1 
ATOM   411  O  O   . GLY A 1 59  ? -14.438 10.418  -1.018  1.00 36.82  ? 230 GLY A O   1 
ATOM   412  N  N   . MET A 1 60  ? -12.187 10.209  -1.055  1.00 35.51  ? 231 MET A N   1 
ATOM   413  C  CA  . MET A 1 60  ? -12.222 8.882   -1.641  1.00 33.40  ? 231 MET A CA  1 
ATOM   414  C  C   . MET A 1 60  ? -12.731 7.897   -0.607  1.00 31.59  ? 231 MET A C   1 
ATOM   415  O  O   . MET A 1 60  ? -13.602 7.084   -0.894  1.00 28.21  ? 231 MET A O   1 
ATOM   416  C  CB  . MET A 1 60  ? -10.830 8.469   -2.113  1.00 36.18  ? 231 MET A CB  1 
ATOM   417  C  CG  . MET A 1 60  ? -10.783 7.117   -2.767  1.00 39.79  ? 231 MET A CG  1 
ATOM   418  S  SD  . MET A 1 60  ? -11.665 7.167   -4.278  1.00 49.71  ? 231 MET A SD  1 
ATOM   419  C  CE  . MET A 1 60  ? -11.273 5.556   -4.972  1.00 48.78  ? 231 MET A CE  1 
ATOM   420  N  N   . LEU A 1 61  ? -12.157 7.952   0.588   1.00 32.83  ? 232 LEU A N   1 
ATOM   421  C  CA  . LEU A 1 61  ? -12.578 7.084   1.694   1.00 32.84  ? 232 LEU A CA  1 
ATOM   422  C  C   . LEU A 1 61  ? -14.078 7.245   1.883   1.00 31.88  ? 232 LEU A C   1 
ATOM   423  O  O   . LEU A 1 61  ? -14.809 6.289   2.103   1.00 30.67  ? 232 LEU A O   1 
ATOM   424  C  CB  . LEU A 1 61  ? -11.866 7.479   3.001   1.00 30.44  ? 232 LEU A CB  1 
ATOM   425  C  CG  . LEU A 1 61  ? -12.276 6.753   4.281   1.00 32.98  ? 232 LEU A CG  1 
ATOM   426  C  CD1 . LEU A 1 61  ? -12.054 5.249   4.110   1.00 29.35  ? 232 LEU A CD1 1 
ATOM   427  C  CD2 . LEU A 1 61  ? -11.480 7.324   5.475   1.00 29.34  ? 232 LEU A CD2 1 
ATOM   428  N  N   . ARG A 1 62  ? -14.522 8.481   1.756   1.00 33.32  ? 233 ARG A N   1 
ATOM   429  C  CA  . ARG A 1 62  ? -15.921 8.779   1.919   1.00 37.46  ? 233 ARG A CA  1 
ATOM   430  C  C   . ARG A 1 62  ? -16.728 8.170   0.771   1.00 36.97  ? 233 ARG A C   1 
ATOM   431  O  O   . ARG A 1 62  ? -17.769 7.551   0.999   1.00 36.72  ? 233 ARG A O   1 
ATOM   432  C  CB  . ARG A 1 62  ? -16.100 10.297  2.000   1.00 39.75  ? 233 ARG A CB  1 
ATOM   433  C  CG  . ARG A 1 62  ? -17.160 10.754  2.959   1.00 46.47  ? 233 ARG A CG  1 
ATOM   434  C  CD  . ARG A 1 62  ? -16.959 12.240  3.275   1.00 50.38  ? 233 ARG A CD  1 
ATOM   435  N  NE  . ARG A 1 62  ? -18.241 12.918  3.482   1.00 56.88  ? 233 ARG A NE  1 
ATOM   436  C  CZ  . ARG A 1 62  ? -19.078 13.274  2.508   1.00 58.34  ? 233 ARG A CZ  1 
ATOM   437  N  NH1 . ARG A 1 62  ? -18.763 13.032  1.241   1.00 60.24  ? 233 ARG A NH1 1 
ATOM   438  N  NH2 . ARG A 1 62  ? -20.242 13.854  2.807   1.00 59.63  ? 233 ARG A NH2 1 
ATOM   439  N  N   . LYS A 1 63  ? -16.251 8.363   -0.458  1.00 34.89  ? 234 LYS A N   1 
ATOM   440  C  CA  . LYS A 1 63  ? -16.920 7.795   -1.630  1.00 34.14  ? 234 LYS A CA  1 
ATOM   441  C  C   . LYS A 1 63  ? -17.051 6.300   -1.445  1.00 34.11  ? 234 LYS A C   1 
ATOM   442  O  O   . LYS A 1 63  ? -18.057 5.700   -1.807  1.00 35.34  ? 234 LYS A O   1 
ATOM   443  C  CB  . LYS A 1 63  ? -16.125 8.034   -2.903  1.00 37.00  ? 234 LYS A CB  1 
ATOM   444  C  CG  . LYS A 1 63  ? -16.766 8.992   -3.857  1.00 39.84  ? 234 LYS A CG  1 
ATOM   445  C  CD  . LYS A 1 63  ? -16.060 8.958   -5.176  1.00 42.12  ? 234 LYS A CD  1 
ATOM   446  C  CE  . LYS A 1 63  ? -15.949 10.353  -5.703  1.00 42.21  ? 234 LYS A CE  1 
ATOM   447  N  NZ  . LYS A 1 63  ? -15.104 11.158  -4.788  1.00 47.63  ? 234 LYS A NZ  1 
ATOM   448  N  N   . LEU A 1 64  ? -16.020 5.697   -0.878  1.00 34.91  ? 235 LEU A N   1 
ATOM   449  C  CA  . LEU A 1 64  ? -16.022 4.265   -0.640  1.00 34.91  ? 235 LEU A CA  1 
ATOM   450  C  C   . LEU A 1 64  ? -16.997 3.767   0.412   1.00 38.68  ? 235 LEU A C   1 
ATOM   451  O  O   . LEU A 1 64  ? -17.536 2.674   0.266   1.00 40.02  ? 235 LEU A O   1 
ATOM   452  C  CB  . LEU A 1 64  ? -14.611 3.781   -0.302  1.00 33.97  ? 235 LEU A CB  1 
ATOM   453  C  CG  . LEU A 1 64  ? -13.807 3.554   -1.585  1.00 36.09  ? 235 LEU A CG  1 
ATOM   454  C  CD1 . LEU A 1 64  ? -12.392 3.144   -1.235  1.00 33.15  ? 235 LEU A CD1 1 
ATOM   455  C  CD2 . LEU A 1 64  ? -14.527 2.510   -2.473  1.00 34.77  ? 235 LEU A CD2 1 
ATOM   456  N  N   . ASP A 1 65  ? -17.253 4.519   1.455   1.00 41.38  ? 236 ASP A N   1 
ATOM   457  C  CA  . ASP A 1 65  ? -18.216 4.116   2.458   1.00 43.61  ? 236 ASP A CA  1 
ATOM   458  C  C   . ASP A 1 65  ? -17.846 2.805   3.129   1.00 45.15  ? 236 ASP A C   1 
ATOM   459  O  O   . ASP A 1 65  ? -18.548 1.850   2.990   1.00 47.18  ? 236 ASP A O   1 
ATOM   460  C  CB  . ASP A 1 65  ? -19.628 4.067   1.860   1.00 43.35  ? 236 ASP A CB  1 
ATOM   461  C  CG  . ASP A 1 65  ? -20.741 4.081   2.914   1.00 46.85  ? 236 ASP A CG  1 
ATOM   462  O  OD1 . ASP A 1 65  ? -20.683 4.864   3.865   1.00 48.86  ? 236 ASP A OD1 1 
ATOM   463  O  OD2 . ASP A 1 65  ? -21.710 3.323   2.777   1.00 45.73  ? 236 ASP A OD2 1 
ATOM   464  N  N   . ILE A 1 66  ? -16.760 2.760   3.884   1.00 47.72  ? 237 ILE A N   1 
ATOM   465  C  CA  . ILE A 1 66  ? -16.388 1.521   4.536   1.00 49.74  ? 237 ILE A CA  1 
ATOM   466  C  C   . ILE A 1 66  ? -17.052 1.429   5.901   1.00 51.42  ? 237 ILE A C   1 
ATOM   467  O  O   . ILE A 1 66  ? -16.852 2.257   6.810   1.00 51.99  ? 237 ILE A O   1 
ATOM   468  C  CB  . ILE A 1 66  ? -14.887 1.347   4.432   1.00 49.68  ? 237 ILE A CB  1 
ATOM   469  C  CG1 . ILE A 1 66  ? -14.696 1.183   2.931   1.00 49.02  ? 237 ILE A CG1 1 
ATOM   470  C  CG2 . ILE A 1 66  ? -14.361 0.108   5.228   1.00 50.65  ? 237 ILE A CG2 1 
ATOM   471  C  CD1 . ILE A 1 66  ? -13.348 1.151   2.285   1.00 52.11  ? 237 ILE A CD1 1 
ATOM   472  N  N   . LYS A 1 67  ? -17.920 0.418   5.992   1.00 53.15  ? 238 LYS A N   1 
ATOM   473  C  CA  . LYS A 1 67  ? -18.719 0.153   7.186   1.00 55.88  ? 238 LYS A CA  1 
ATOM   474  C  C   . LYS A 1 67  ? -18.384 -1.195  7.808   1.00 57.51  ? 238 LYS A C   1 
ATOM   475  O  O   . LYS A 1 67  ? -18.468 -1.346  9.017   1.00 58.09  ? 238 LYS A O   1 
ATOM   476  C  CB  . LYS A 1 67  ? -20.210 0.158   6.836   1.00 55.43  ? 238 LYS A CB  1 
ATOM   477  C  CG  . LYS A 1 67  ? -20.764 1.469   6.254   1.00 54.66  ? 238 LYS A CG  1 
ATOM   478  C  CD  . LYS A 1 67  ? -22.237 1.290   5.881   1.00 56.03  ? 238 LYS A CD  1 
ATOM   479  C  CE  . LYS A 1 67  ? -22.437 0.214   4.824   1.00 55.72  ? 238 LYS A CE  1 
ATOM   480  N  NZ  . LYS A 1 67  ? -23.773 -0.418  5.037   1.00 59.32  ? 238 LYS A NZ  1 
ATOM   481  N  N   . ASN A 1 68  ? -18.022 -2.167  6.979   1.00 60.77  ? 239 ASN A N   1 
ATOM   482  C  CA  . ASN A 1 68  ? -17.718 -3.492  7.478   1.00 64.87  ? 239 ASN A CA  1 
ATOM   483  C  C   . ASN A 1 68  ? -16.775 -4.301  6.604   1.00 67.04  ? 239 ASN A C   1 
ATOM   484  O  O   . ASN A 1 68  ? -16.144 -3.789  5.669   1.00 67.95  ? 239 ASN A O   1 
ATOM   485  C  CB  . ASN A 1 68  ? -19.013 -4.294  7.644   1.00 65.70  ? 239 ASN A CB  1 
ATOM   486  C  CG  . ASN A 1 68  ? -19.844 -4.286  6.395   1.00 67.49  ? 239 ASN A CG  1 
ATOM   487  O  OD1 . ASN A 1 68  ? -21.053 -4.059  6.441   1.00 70.12  ? 239 ASN A OD1 1 
ATOM   488  N  ND2 . ASN A 1 68  ? -19.196 -4.522  5.254   1.00 66.50  ? 239 ASN A ND2 1 
ATOM   489  N  N   . GLU A 1 69  ? -16.739 -5.595  6.904   1.00 68.48  ? 240 GLU A N   1 
ATOM   490  C  CA  . GLU A 1 69  ? -15.893 -6.540  6.203   1.00 70.73  ? 240 GLU A CA  1 
ATOM   491  C  C   . GLU A 1 69  ? -16.236 -6.775  4.752   1.00 70.77  ? 240 GLU A C   1 
ATOM   492  O  O   . GLU A 1 69  ? -15.335 -6.988  3.950   1.00 70.72  ? 240 GLU A O   1 
ATOM   493  C  CB  . GLU A 1 69  ? -15.892 -7.902  6.902   1.00 73.66  ? 240 GLU A CB  1 
ATOM   494  C  CG  . GLU A 1 69  ? -17.162 -8.750  6.659   1.00 77.62  ? 240 GLU A CG  1 
ATOM   495  C  CD  . GLU A 1 69  ? -16.936 -10.226 6.985   1.00 80.28  ? 240 GLU A CD  1 
ATOM   496  O  OE1 . GLU A 1 69  ? -16.390 -10.516 8.073   1.00 80.94  ? 240 GLU A OE1 1 
ATOM   497  O  OE2 . GLU A 1 69  ? -17.301 -11.097 6.156   1.00 82.48  ? 240 GLU A OE2 1 
ATOM   498  N  N   . ASP A 1 70  ? -17.513 -6.766  4.386   1.00 71.65  ? 241 ASP A N   1 
ATOM   499  C  CA  . ASP A 1 70  ? -17.832 -7.024  2.987   1.00 72.23  ? 241 ASP A CA  1 
ATOM   500  C  C   . ASP A 1 70  ? -17.758 -5.722  2.193   1.00 71.50  ? 241 ASP A C   1 
ATOM   501  O  O   . ASP A 1 70  ? -18.341 -5.579  1.129   1.00 72.82  ? 241 ASP A O   1 
ATOM   502  C  CB  . ASP A 1 70  ? -19.191 -7.735  2.876   1.00 73.00  ? 241 ASP A CB  1 
ATOM   503  C  CG  . ASP A 1 70  ? -19.118 -9.210  3.315   1.00 74.61  ? 241 ASP A CG  1 
ATOM   504  O  OD1 . ASP A 1 70  ? -19.152 -10.113 2.444   1.00 75.26  ? 241 ASP A OD1 1 
ATOM   505  O  OD2 . ASP A 1 70  ? -19.016 -9.468  4.538   1.00 74.21  ? 241 ASP A OD2 1 
ATOM   506  N  N   . ASP A 1 71  ? -17.008 -4.769  2.730   1.00 70.95  ? 242 ASP A N   1 
ATOM   507  C  CA  . ASP A 1 71  ? -16.811 -3.499  2.063   1.00 69.14  ? 242 ASP A CA  1 
ATOM   508  C  C   . ASP A 1 71  ? -15.370 -3.524  1.530   1.00 67.08  ? 242 ASP A C   1 
ATOM   509  O  O   . ASP A 1 71  ? -15.085 -2.983  0.441   1.00 67.81  ? 242 ASP A O   1 
ATOM   510  C  CB  . ASP A 1 71  ? -17.058 -2.317  3.036   1.00 70.59  ? 242 ASP A CB  1 
ATOM   511  C  CG  . ASP A 1 71  ? -18.556 -2.052  3.293   1.00 71.42  ? 242 ASP A CG  1 
ATOM   512  O  OD1 . ASP A 1 71  ? -19.358 -2.166  2.350   1.00 72.65  ? 242 ASP A OD1 1 
ATOM   513  O  OD2 . ASP A 1 71  ? -18.940 -1.703  4.428   1.00 73.34  ? 242 ASP A OD2 1 
ATOM   514  N  N   . VAL A 1 72  ? -14.473 -4.175  2.281   1.00 64.59  ? 243 VAL A N   1 
ATOM   515  C  CA  . VAL A 1 72  ? -13.054 -4.296  1.902   1.00 62.51  ? 243 VAL A CA  1 
ATOM   516  C  C   . VAL A 1 72  ? -12.889 -5.257  0.740   1.00 62.06  ? 243 VAL A C   1 
ATOM   517  O  O   . VAL A 1 72  ? -12.112 -5.012  -0.164  1.00 62.82  ? 243 VAL A O   1 
ATOM   518  C  CB  . VAL A 1 72  ? -12.200 -4.854  3.032   1.00 60.72  ? 243 VAL A CB  1 
ATOM   519  C  CG1 . VAL A 1 72  ? -10.763 -4.929  2.546   1.00 61.78  ? 243 VAL A CG1 1 
ATOM   520  C  CG2 . VAL A 1 72  ? -12.304 -3.993  4.275   1.00 60.00  ? 243 VAL A CG2 1 
ATOM   521  N  N   . LYS A 1 73  ? -13.597 -6.375  0.799   1.00 61.76  ? 244 LYS A N   1 
ATOM   522  C  CA  . LYS A 1 73  ? -13.593 -7.367  -0.277  1.00 61.34  ? 244 LYS A CA  1 
ATOM   523  C  C   . LYS A 1 73  ? -13.952 -6.682  -1.619  1.00 58.82  ? 244 LYS A C   1 
ATOM   524  O  O   . LYS A 1 73  ? -13.239 -6.732  -2.619  1.00 58.27  ? 244 LYS A O   1 
ATOM   525  C  CB  . LYS A 1 73  ? -14.686 -8.394  0.033   1.00 64.54  ? 244 LYS A CB  1 
ATOM   526  C  CG  . LYS A 1 73  ? -14.623 -9.025  1.423   1.00 64.48  ? 244 LYS A CG  1 
ATOM   527  C  CD  . LYS A 1 73  ? -15.318 -10.360 1.289   1.00 66.45  ? 244 LYS A CD  1 
ATOM   528  C  CE  . LYS A 1 73  ? -16.807 -10.223 0.902   1.00 66.57  ? 244 LYS A CE  1 
ATOM   529  N  NZ  . LYS A 1 73  ? -17.323 -11.518 0.321   1.00 67.82  ? 244 LYS A NZ  1 
ATOM   530  N  N   . SER A 1 74  ? -15.151 -6.118  -1.630  1.00 58.07  ? 245 SER A N   1 
ATOM   531  C  CA  . SER A 1 74  ? -15.662 -5.420  -2.827  1.00 58.11  ? 245 SER A CA  1 
ATOM   532  C  C   . SER A 1 74  ? -14.649 -4.401  -3.394  1.00 56.31  ? 245 SER A C   1 
ATOM   533  O  O   . SER A 1 74  ? -14.514 -4.183  -4.613  1.00 57.18  ? 245 SER A O   1 
ATOM   534  C  CB  . SER A 1 74  ? -16.941 -4.708  -2.482  1.00 59.36  ? 245 SER A CB  1 
ATOM   535  O  OG  . SER A 1 74  ? -16.593 -3.656  -1.608  1.00 64.18  ? 245 SER A OG  1 
ATOM   536  N  N   . LEU A 1 75  ? -13.948 -3.790  -2.444  1.00 54.47  ? 246 LEU A N   1 
ATOM   537  C  CA  . LEU A 1 75  ? -12.883 -2.827  -2.710  1.00 52.29  ? 246 LEU A CA  1 
ATOM   538  C  C   . LEU A 1 75  ? -12.016 -3.106  -3.906  1.00 51.72  ? 246 LEU A C   1 
ATOM   539  O  O   . LEU A 1 75  ? -11.767 -2.184  -4.662  1.00 51.94  ? 246 LEU A O   1 
ATOM   540  C  CB  . LEU A 1 75  ? -11.989 -2.725  -1.492  1.00 51.96  ? 246 LEU A CB  1 
ATOM   541  C  CG  . LEU A 1 75  ? -11.237 -1.445  -1.186  1.00 49.48  ? 246 LEU A CG  1 
ATOM   542  C  CD1 . LEU A 1 75  ? -12.243 -0.311  -1.090  1.00 48.71  ? 246 LEU A CD1 1 
ATOM   543  C  CD2 . LEU A 1 75  ? -10.478 -1.586  0.133   1.00 51.46  ? 246 LEU A CD2 1 
ATOM   544  N  N   . SER A 1 76  ? -11.526 -4.345  -4.036  0.50 50.91  ? 247 SER A N   1 
ATOM   545  C  CA  . SER A 1 76  ? -10.609 -4.767  -5.121  0.50 49.69  ? 247 SER A CA  1 
ATOM   546  C  C   . SER A 1 76  ? -11.054 -4.419  -6.511  0.50 49.65  ? 247 SER A C   1 
ATOM   547  O  O   . SER A 1 76  ? -10.282 -4.103  -7.390  0.50 48.01  ? 247 SER A O   1 
ATOM   548  C  CB  . SER A 1 76  ? -10.345 -6.264  -5.010  0.50 49.93  ? 247 SER A CB  1 
ATOM   549  O  OG  . SER A 1 76  ? -8.927  -6.498  -5.084  0.50 52.08  ? 247 SER A OG  1 
ATOM   550  N  N   . ARG A 1 77  ? -12.372 -4.472  -6.693  1.00 50.75  ? 248 ARG A N   1 
ATOM   551  C  CA  . ARG A 1 77  ? -13.010 -4.078  -7.938  1.00 50.94  ? 248 ARG A CA  1 
ATOM   552  C  C   . ARG A 1 77  ? -12.653 -2.664  -8.280  1.00 48.80  ? 248 ARG A C   1 
ATOM   553  O  O   . ARG A 1 77  ? -12.149 -2.403  -9.339  1.00 49.34  ? 248 ARG A O   1 
ATOM   554  C  CB  . ARG A 1 77  ? -14.513 -4.130  -7.814  1.00 50.88  ? 248 ARG A CB  1 
ATOM   555  C  CG  . ARG A 1 77  ? -15.194 -3.855  -9.113  1.00 53.40  ? 248 ARG A CG  1 
ATOM   556  C  CD  . ARG A 1 77  ? -15.095 -5.109  -9.930  1.00 54.21  ? 248 ARG A CD  1 
ATOM   557  N  NE  . ARG A 1 77  ? -15.035 -6.244  -9.036  1.00 56.41  ? 248 ARG A NE  1 
ATOM   558  C  CZ  . ARG A 1 77  ? -16.092 -6.869  -8.552  1.00 60.25  ? 248 ARG A CZ  1 
ATOM   559  N  NH1 . ARG A 1 77  ? -17.304 -6.510  -8.885  1.00 63.37  ? 248 ARG A NH1 1 
ATOM   560  N  NH2 . ARG A 1 77  ? -15.922 -7.868  -7.729  1.00 61.50  ? 248 ARG A NH2 1 
ATOM   561  N  N   . VAL A 1 78  ? -12.954 -1.771  -7.352  1.00 47.15  ? 249 VAL A N   1 
ATOM   562  C  CA  . VAL A 1 78  ? -12.843 -0.311  -7.474  1.00 46.21  ? 249 VAL A CA  1 
ATOM   563  C  C   . VAL A 1 78  ? -11.380 0.097   -7.464  1.00 44.71  ? 249 VAL A C   1 
ATOM   564  O  O   . VAL A 1 78  ? -10.955 1.121   -8.024  1.00 44.97  ? 249 VAL A O   1 
ATOM   565  C  CB  . VAL A 1 78  ? -13.646 0.442   -6.313  1.00 47.65  ? 249 VAL A CB  1 
ATOM   566  C  CG1 . VAL A 1 78  ? -13.520 1.980   -6.488  1.00 48.29  ? 249 VAL A CG1 1 
ATOM   567  C  CG2 . VAL A 1 78  ? -15.143 0.062   -6.358  1.00 45.18  ? 249 VAL A CG2 1 
ATOM   568  N  N   . MET A 1 79  ? -10.599 -0.746  -6.822  1.00 44.05  ? 250 MET A N   1 
ATOM   569  C  CA  . MET A 1 79  ? -9.173  -0.496  -6.690  1.00 44.68  ? 250 MET A CA  1 
ATOM   570  C  C   . MET A 1 79  ? -8.296  -0.873  -7.873  1.00 44.68  ? 250 MET A C   1 
ATOM   571  O  O   . MET A 1 79  ? -7.321  -0.192  -8.167  1.00 41.94  ? 250 MET A O   1 
ATOM   572  C  CB  . MET A 1 79  ? -8.675  -1.229  -5.471  1.00 44.68  ? 250 MET A CB  1 
ATOM   573  C  CG  . MET A 1 79  ? -7.230  -0.942  -5.126  1.00 48.69  ? 250 MET A CG  1 
ATOM   574  S  SD  . MET A 1 79  ? -6.416  -2.391  -4.348  1.00 52.92  ? 250 MET A SD  1 
ATOM   575  C  CE  . MET A 1 79  ? -6.824  -2.272  -2.720  1.00 52.19  ? 250 MET A CE  1 
ATOM   576  N  N   . ILE A 1 80  ? -8.652  -1.976  -8.519  1.00 46.05  ? 251 ILE A N   1 
ATOM   577  C  CA  . ILE A 1 80  ? -7.929  -2.446  -9.678  1.00 46.72  ? 251 ILE A CA  1 
ATOM   578  C  C   . ILE A 1 80  ? -8.299  -1.466  -10.789 1.00 45.51  ? 251 ILE A C   1 
ATOM   579  O  O   . ILE A 1 80  ? -7.509  -1.131  -11.694 1.00 44.78  ? 251 ILE A O   1 
ATOM   580  C  CB  . ILE A 1 80  ? -8.386  -3.898  -10.040 1.00 48.25  ? 251 ILE A CB  1 
ATOM   581  C  CG1 . ILE A 1 80  ? -7.875  -4.861  -8.953  1.00 51.46  ? 251 ILE A CG1 1 
ATOM   582  C  CG2 . ILE A 1 80  ? -7.967  -4.263  -11.460 1.00 47.88  ? 251 ILE A CG2 1 
ATOM   583  C  CD1 . ILE A 1 80  ? -6.987  -5.958  -9.442  1.00 55.00  ? 251 ILE A CD1 1 
ATOM   584  N  N   . HIS A 1 81  ? -9.531  -0.997  -10.695 1.00 43.90  ? 252 HIS A N   1 
ATOM   585  C  CA  . HIS A 1 81  ? -10.023 -0.075  -11.689 1.00 44.51  ? 252 HIS A CA  1 
ATOM   586  C  C   . HIS A 1 81  ? -9.064  1.107   -11.774 1.00 45.29  ? 252 HIS A C   1 
ATOM   587  O  O   . HIS A 1 81  ? -8.588  1.435   -12.863 1.00 46.35  ? 252 HIS A O   1 
ATOM   588  C  CB  . HIS A 1 81  ? -11.423 0.414   -11.319 1.00 45.10  ? 252 HIS A CB  1 
ATOM   589  C  CG  . HIS A 1 81  ? -11.881 1.607   -12.125 1.00 46.77  ? 252 HIS A CG  1 
ATOM   590  N  ND1 . HIS A 1 81  ? -12.074 1.537   -13.489 1.00 48.72  ? 252 HIS A ND1 1 
ATOM   591  C  CD2 . HIS A 1 81  ? -12.129 2.874   -11.759 1.00 46.33  ? 252 HIS A CD2 1 
ATOM   592  C  CE1 . HIS A 1 81  ? -12.428 2.741   -13.923 1.00 49.63  ? 252 HIS A CE1 1 
ATOM   593  N  NE2 . HIS A 1 81  ? -12.473 3.565   -12.909 1.00 47.77  ? 252 HIS A NE2 1 
ATOM   594  N  N   . VAL A 1 82  ? -8.745  1.681   -10.607 1.00 44.34  ? 253 VAL A N   1 
ATOM   595  C  CA  . VAL A 1 82  ? -7.891  2.864   -10.499 1.00 45.29  ? 253 VAL A CA  1 
ATOM   596  C  C   . VAL A 1 82  ? -6.380  2.749   -10.583 1.00 46.21  ? 253 VAL A C   1 
ATOM   597  O  O   . VAL A 1 82  ? -5.756  3.632   -11.161 1.00 49.51  ? 253 VAL A O   1 
ATOM   598  C  CB  . VAL A 1 82  ? -8.232  3.637   -9.246  1.00 45.03  ? 253 VAL A CB  1 
ATOM   599  C  CG1 . VAL A 1 82  ? -7.741  5.097   -9.365  1.00 41.49  ? 253 VAL A CG1 1 
ATOM   600  C  CG2 . VAL A 1 82  ? -9.684  3.508   -9.021  1.00 43.49  ? 253 VAL A CG2 1 
ATOM   601  N  N   . PHE A 1 83  ? -5.784  1.715   -9.990  1.00 47.22  ? 254 PHE A N   1 
ATOM   602  C  CA  . PHE A 1 83  ? -4.325  1.568   -10.083 1.00 49.43  ? 254 PHE A CA  1 
ATOM   603  C  C   . PHE A 1 83  ? -3.976  1.102   -11.492 1.00 50.25  ? 254 PHE A C   1 
ATOM   604  O  O   . PHE A 1 83  ? -2.920  1.427   -12.012 1.00 48.11  ? 254 PHE A O   1 
ATOM   605  C  CB  . PHE A 1 83  ? -3.819  0.528   -9.082  1.00 48.91  ? 254 PHE A CB  1 
ATOM   606  C  CG  . PHE A 1 83  ? -2.348  0.254   -9.182  1.00 51.26  ? 254 PHE A CG  1 
ATOM   607  C  CD1 . PHE A 1 83  ? -1.425  1.278   -8.937  1.00 51.76  ? 254 PHE A CD1 1 
ATOM   608  C  CD2 . PHE A 1 83  ? -1.880  -1.008  -9.530  1.00 51.11  ? 254 PHE A CD2 1 
ATOM   609  C  CE1 . PHE A 1 83  ? -0.068  1.040   -9.035  1.00 52.91  ? 254 PHE A CE1 1 
ATOM   610  C  CE2 . PHE A 1 83  ? -0.525  -1.253  -9.627  1.00 51.55  ? 254 PHE A CE2 1 
ATOM   611  C  CZ  . PHE A 1 83  ? 0.385   -0.231  -9.383  1.00 50.05  ? 254 PHE A CZ  1 
ATOM   612  N  N   . SER A 1 84  ? -4.875  0.300   -12.077 1.00 51.49  ? 255 SER A N   1 
ATOM   613  C  CA  . SER A 1 84  ? -4.701  -0.265  -13.432 1.00 55.10  ? 255 SER A CA  1 
ATOM   614  C  C   . SER A 1 84  ? -4.934  0.711   -14.544 1.00 56.88  ? 255 SER A C   1 
ATOM   615  O  O   . SER A 1 84  ? -4.479  0.455   -15.648 1.00 57.60  ? 255 SER A O   1 
ATOM   616  C  CB  . SER A 1 84  ? -5.598  -1.467  -13.641 1.00 54.48  ? 255 SER A CB  1 
ATOM   617  O  OG  . SER A 1 84  ? -5.623  -2.194  -12.442 1.00 58.62  ? 255 SER A OG  1 
ATOM   618  N  N   . ASP A 1 85  ? -5.649  1.808   -14.293 1.00 58.25  ? 256 ASP A N   1 
ATOM   619  C  CA  . ASP A 1 85  ? -5.836  2.825   -15.332 1.00 60.08  ? 256 ASP A CA  1 
ATOM   620  C  C   . ASP A 1 85  ? -4.596  3.733   -15.182 1.00 61.93  ? 256 ASP A C   1 
ATOM   621  O  O   . ASP A 1 85  ? -4.387  4.325   -14.124 1.00 64.77  ? 256 ASP A O   1 
ATOM   622  C  CB  . ASP A 1 85  ? -7.105  3.608   -15.036 1.00 61.19  ? 256 ASP A CB  1 
ATOM   623  C  CG  . ASP A 1 85  ? -7.547  4.465   -16.191 1.00 62.20  ? 256 ASP A CG  1 
ATOM   624  O  OD1 . ASP A 1 85  ? -7.992  3.900   -17.211 1.00 62.72  ? 256 ASP A OD1 1 
ATOM   625  O  OD2 . ASP A 1 85  ? -7.435  5.705   -16.087 1.00 63.87  ? 256 ASP A OD2 1 
ATOM   626  N  N   . GLY A 1 86  ? -3.731  3.818   -16.187 1.00 62.46  ? 257 GLY A N   1 
ATOM   627  C  CA  . GLY A 1 86  ? -2.555  4.665   -16.025 1.00 60.89  ? 257 GLY A CA  1 
ATOM   628  C  C   . GLY A 1 86  ? -1.201  4.070   -16.363 1.00 60.06  ? 257 GLY A C   1 
ATOM   629  O  O   . GLY A 1 86  ? -1.084  2.939   -16.844 1.00 59.60  ? 257 GLY A O   1 
ATOM   630  N  N   . VAL A 1 87  ? -0.169  4.863   -16.090 1.00 59.27  ? 258 VAL A N   1 
ATOM   631  C  CA  . VAL A 1 87  ? 1.216   4.491   -16.359 1.00 57.77  ? 258 VAL A CA  1 
ATOM   632  C  C   . VAL A 1 87  ? 1.884   3.918   -15.139 1.00 56.75  ? 258 VAL A C   1 
ATOM   633  O  O   . VAL A 1 87  ? 1.501   4.209   -14.010 1.00 56.41  ? 258 VAL A O   1 
ATOM   634  C  CB  . VAL A 1 87  ? 2.045   5.702   -16.811 1.00 58.90  ? 258 VAL A CB  1 
ATOM   635  C  CG1 . VAL A 1 87  ? 1.518   6.197   -18.127 1.00 57.17  ? 258 VAL A CG1 1 
ATOM   636  C  CG2 . VAL A 1 87  ? 1.971   6.834   -15.742 1.00 59.20  ? 258 VAL A CG2 1 
ATOM   637  N  N   . THR A 1 88  ? 2.904   3.110   -15.387 1.00 54.85  ? 259 THR A N   1 
ATOM   638  C  CA  . THR A 1 88  ? 3.659   2.486   -14.326 1.00 52.18  ? 259 THR A CA  1 
ATOM   639  C  C   . THR A 1 88  ? 4.863   3.337   -13.930 1.00 49.99  ? 259 THR A C   1 
ATOM   640  O  O   . THR A 1 88  ? 5.742   3.643   -14.744 1.00 49.14  ? 259 THR A O   1 
ATOM   641  C  CB  . THR A 1 88  ? 4.156   1.106   -14.771 1.00 52.94  ? 259 THR A CB  1 
ATOM   642  O  OG1 . THR A 1 88  ? 3.130   0.479   -15.549 1.00 51.61  ? 259 THR A OG1 1 
ATOM   643  C  CG2 . THR A 1 88  ? 4.500   0.231   -13.557 1.00 52.00  ? 259 THR A CG2 1 
ATOM   644  N  N   . ASN A 1 89  ? 4.873   3.723   -12.664 1.00 46.98  ? 260 ASN A N   1 
ATOM   645  C  CA  . ASN A 1 89  ? 5.975   4.481   -12.097 1.00 45.92  ? 260 ASN A CA  1 
ATOM   646  C  C   . ASN A 1 89  ? 5.820   4.330   -10.595 1.00 43.44  ? 260 ASN A C   1 
ATOM   647  O  O   . ASN A 1 89  ? 4.726   4.063   -10.116 1.00 41.48  ? 260 ASN A O   1 
ATOM   648  C  CB  . ASN A 1 89  ? 5.939   5.957   -12.537 1.00 44.28  ? 260 ASN A CB  1 
ATOM   649  C  CG  . ASN A 1 89  ? 4.653   6.654   -12.167 1.00 44.34  ? 260 ASN A CG  1 
ATOM   650  O  OD1 . ASN A 1 89  ? 4.222   6.593   -11.026 1.00 46.80  ? 260 ASN A OD1 1 
ATOM   651  N  ND2 . ASN A 1 89  ? 4.047   7.345   -13.131 1.00 45.34  ? 260 ASN A ND2 1 
ATOM   652  N  N   . TRP A 1 90  ? 6.923   4.440   -9.867  1.00 41.51  ? 261 TRP A N   1 
ATOM   653  C  CA  . TRP A 1 90  ? 6.900   4.303   -8.421  1.00 43.56  ? 261 TRP A CA  1 
ATOM   654  C  C   . TRP A 1 90  ? 6.016   5.328   -7.702  1.00 43.13  ? 261 TRP A C   1 
ATOM   655  O  O   . TRP A 1 90  ? 5.682   5.138   -6.538  1.00 42.95  ? 261 TRP A O   1 
ATOM   656  C  CB  . TRP A 1 90  ? 8.317   4.387   -7.866  1.00 43.99  ? 261 TRP A CB  1 
ATOM   657  C  CG  . TRP A 1 90  ? 9.114   3.151   -8.074  1.00 45.32  ? 261 TRP A CG  1 
ATOM   658  C  CD1 . TRP A 1 90  ? 10.285  3.033   -8.778  1.00 46.59  ? 261 TRP A CD1 1 
ATOM   659  C  CD2 . TRP A 1 90  ? 8.844   1.853   -7.531  1.00 46.66  ? 261 TRP A CD2 1 
ATOM   660  N  NE1 . TRP A 1 90  ? 10.756  1.750   -8.697  1.00 48.08  ? 261 TRP A NE1 1 
ATOM   661  C  CE2 . TRP A 1 90  ? 9.894   1.003   -7.943  1.00 44.64  ? 261 TRP A CE2 1 
ATOM   662  C  CE3 . TRP A 1 90  ? 7.816   1.326   -6.741  1.00 48.63  ? 261 TRP A CE3 1 
ATOM   663  C  CZ2 . TRP A 1 90  ? 9.957   -0.338  -7.583  1.00 47.14  ? 261 TRP A CZ2 1 
ATOM   664  C  CZ3 . TRP A 1 90  ? 7.880   -0.006  -6.384  1.00 49.21  ? 261 TRP A CZ3 1 
ATOM   665  C  CH2 . TRP A 1 90  ? 8.946   -0.828  -6.807  1.00 48.72  ? 261 TRP A CH2 1 
ATOM   666  N  N   . GLY A 1 91  ? 5.658   6.410   -8.386  1.00 42.90  ? 262 GLY A N   1 
ATOM   667  C  CA  . GLY A 1 91  ? 4.793   7.415   -7.782  1.00 42.25  ? 262 GLY A CA  1 
ATOM   668  C  C   . GLY A 1 91  ? 3.350   6.923   -7.623  1.00 42.59  ? 262 GLY A C   1 
ATOM   669  O  O   . GLY A 1 91  ? 2.690   7.200   -6.620  1.00 40.47  ? 262 GLY A O   1 
ATOM   670  N  N   . ARG A 1 92  ? 2.855   6.194   -8.620  1.00 41.74  ? 263 ARG A N   1 
ATOM   671  C  CA  . ARG A 1 92  ? 1.505   5.656   -8.561  1.00 40.81  ? 263 ARG A CA  1 
ATOM   672  C  C   . ARG A 1 92  ? 1.446   4.432   -7.647  1.00 41.05  ? 263 ARG A C   1 
ATOM   673  O  O   . ARG A 1 92  ? 0.385   4.097   -7.118  1.00 40.53  ? 263 ARG A O   1 
ATOM   674  C  CB  . ARG A 1 92  ? 0.989   5.325   -9.974  1.00 40.48  ? 263 ARG A CB  1 
ATOM   675  C  CG  . ARG A 1 92  ? 0.879   6.587   -10.842 1.00 44.43  ? 263 ARG A CG  1 
ATOM   676  C  CD  . ARG A 1 92  ? -0.016  6.491   -12.094 1.00 45.76  ? 263 ARG A CD  1 
ATOM   677  N  NE  . ARG A 1 92  ? -1.439  6.670   -11.797 1.00 49.12  ? 263 ARG A NE  1 
ATOM   678  C  CZ  . ARG A 1 92  ? -2.380  5.746   -11.976 1.00 49.85  ? 263 ARG A CZ  1 
ATOM   679  N  NH1 . ARG A 1 92  ? -2.070  4.557   -12.467 1.00 50.31  ? 263 ARG A NH1 1 
ATOM   680  N  NH2 . ARG A 1 92  ? -3.629  5.999   -11.625 1.00 50.52  ? 263 ARG A NH2 1 
ATOM   681  N  N   . ILE A 1 93  ? 2.587   3.781   -7.435  1.00 38.97  ? 264 ILE A N   1 
ATOM   682  C  CA  . ILE A 1 93  ? 2.619   2.622   -6.562  1.00 38.07  ? 264 ILE A CA  1 
ATOM   683  C  C   . ILE A 1 93  ? 2.520   3.053   -5.103  1.00 37.06  ? 264 ILE A C   1 
ATOM   684  O  O   . ILE A 1 93  ? 1.806   2.429   -4.329  1.00 37.39  ? 264 ILE A O   1 
ATOM   685  C  CB  . ILE A 1 93  ? 3.914   1.776   -6.771  1.00 38.56  ? 264 ILE A CB  1 
ATOM   686  C  CG1 . ILE A 1 93  ? 3.892   1.100   -8.149  1.00 38.64  ? 264 ILE A CG1 1 
ATOM   687  C  CG2 . ILE A 1 93  ? 4.040   0.733   -5.694  1.00 35.36  ? 264 ILE A CG2 1 
ATOM   688  C  CD1 . ILE A 1 93  ? 5.161   0.356   -8.507  1.00 41.80  ? 264 ILE A CD1 1 
ATOM   689  N  N   . VAL A 1 94  ? 3.227   4.117   -4.735  1.00 35.96  ? 265 VAL A N   1 
ATOM   690  C  CA  . VAL A 1 94  ? 3.186   4.602   -3.359  1.00 36.11  ? 265 VAL A CA  1 
ATOM   691  C  C   . VAL A 1 94  ? 1.851   5.250   -3.032  1.00 36.36  ? 265 VAL A C   1 
ATOM   692  O  O   . VAL A 1 94  ? 1.425   5.192   -1.900  1.00 34.75  ? 265 VAL A O   1 
ATOM   693  C  CB  . VAL A 1 94  ? 4.285   5.610   -3.056  1.00 36.72  ? 265 VAL A CB  1 
ATOM   694  C  CG1 . VAL A 1 94  ? 5.610   4.900   -3.076  1.00 39.17  ? 265 VAL A CG1 1 
ATOM   695  C  CG2 . VAL A 1 94  ? 4.241   6.783   -4.038  1.00 36.66  ? 265 VAL A CG2 1 
ATOM   696  N  N   . THR A 1 95  ? 1.187   5.856   -4.012  1.00 36.59  ? 266 THR A N   1 
ATOM   697  C  CA  . THR A 1 95  ? -0.115  6.448   -3.752  1.00 37.50  ? 266 THR A CA  1 
ATOM   698  C  C   . THR A 1 95  ? -1.092  5.250   -3.562  1.00 37.35  ? 266 THR A C   1 
ATOM   699  O  O   . THR A 1 95  ? -2.019  5.304   -2.728  1.00 39.57  ? 266 THR A O   1 
ATOM   700  C  CB  . THR A 1 95  ? -0.561  7.411   -4.926  1.00 37.59  ? 266 THR A CB  1 
ATOM   701  O  OG1 . THR A 1 95  ? 0.305   8.549   -4.955  1.00 42.09  ? 266 THR A OG1 1 
ATOM   702  C  CG2 . THR A 1 95  ? -1.945  7.948   -4.707  1.00 37.80  ? 266 THR A CG2 1 
ATOM   703  N  N   . LEU A 1 96  ? -0.862  4.167   -4.309  1.00 37.29  ? 267 LEU A N   1 
ATOM   704  C  CA  . LEU A 1 96  ? -1.682  2.968   -4.183  1.00 35.69  ? 267 LEU A CA  1 
ATOM   705  C  C   . LEU A 1 96  ? -1.578  2.431   -2.754  1.00 33.88  ? 267 LEU A C   1 
ATOM   706  O  O   . LEU A 1 96  ? -2.587  2.182   -2.089  1.00 33.28  ? 267 LEU A O   1 
ATOM   707  C  CB  . LEU A 1 96  ? -1.201  1.848   -5.132  1.00 34.77  ? 267 LEU A CB  1 
ATOM   708  C  CG  . LEU A 1 96  ? -1.784  0.469   -4.864  1.00 35.17  ? 267 LEU A CG  1 
ATOM   709  C  CD1 . LEU A 1 96  ? -3.176  0.400   -5.436  1.00 35.31  ? 267 LEU A CD1 1 
ATOM   710  C  CD2 . LEU A 1 96  ? -0.890  -0.583  -5.484  1.00 37.10  ? 267 LEU A CD2 1 
ATOM   711  N  N   . ILE A 1 97  ? -0.337  2.251   -2.309  1.00 33.23  ? 268 ILE A N   1 
ATOM   712  C  CA  . ILE A 1 97  ? -0.054  1.770   -0.963  1.00 31.88  ? 268 ILE A CA  1 
ATOM   713  C  C   . ILE A 1 97  ? -0.421  2.817   0.127   1.00 33.10  ? 268 ILE A C   1 
ATOM   714  O  O   . ILE A 1 97  ? -0.853  2.460   1.218   1.00 33.88  ? 268 ILE A O   1 
ATOM   715  C  CB  . ILE A 1 97  ? 1.453   1.384   -0.830  1.00 32.57  ? 268 ILE A CB  1 
ATOM   716  C  CG1 . ILE A 1 97  ? 1.812   0.281   -1.856  1.00 30.01  ? 268 ILE A CG1 1 
ATOM   717  C  CG2 . ILE A 1 97  ? 1.768   0.936   0.610   1.00 27.05  ? 268 ILE A CG2 1 
ATOM   718  C  CD1 . ILE A 1 97  ? 3.293   -0.086  -1.908  1.00 28.68  ? 268 ILE A CD1 1 
ATOM   719  N  N   . SER A 1 98  ? -0.247  4.098   -0.191  1.00 33.03  ? 269 SER A N   1 
ATOM   720  C  CA  . SER A 1 98  ? -0.520  5.193   0.735   1.00 31.38  ? 269 SER A CA  1 
ATOM   721  C  C   . SER A 1 98  ? -1.996  5.304   1.064   1.00 33.28  ? 269 SER A C   1 
ATOM   722  O  O   . SER A 1 98  ? -2.368  5.488   2.218   1.00 31.89  ? 269 SER A O   1 
ATOM   723  C  CB  . SER A 1 98  ? -0.022  6.522   0.169   1.00 32.51  ? 269 SER A CB  1 
ATOM   724  O  OG  . SER A 1 98  ? 1.389   6.625   0.262   1.00 36.69  ? 269 SER A OG  1 
ATOM   725  N  N   . PHE A 1 99  ? -2.834  5.191   0.045   1.00 29.90  ? 270 PHE A N   1 
ATOM   726  C  CA  . PHE A 1 99  ? -4.253  5.242   0.292   1.00 27.36  ? 270 PHE A CA  1 
ATOM   727  C  C   . PHE A 1 99  ? -4.598  3.970   1.078   1.00 28.61  ? 270 PHE A C   1 
ATOM   728  O  O   . PHE A 1 99  ? -5.473  3.983   1.943   1.00 30.23  ? 270 PHE A O   1 
ATOM   729  C  CB  . PHE A 1 99  ? -5.043  5.315   -1.021  1.00 27.32  ? 270 PHE A CB  1 
ATOM   730  C  CG  . PHE A 1 99  ? -6.517  5.486   -0.815  1.00 25.05  ? 270 PHE A CG  1 
ATOM   731  C  CD1 . PHE A 1 99  ? -7.015  6.634   -0.178  1.00 26.22  ? 270 PHE A CD1 1 
ATOM   732  C  CD2 . PHE A 1 99  ? -7.411  4.482   -1.185  1.00 23.12  ? 270 PHE A CD2 1 
ATOM   733  C  CE1 . PHE A 1 99  ? -8.377  6.778   0.091   1.00 23.17  ? 270 PHE A CE1 1 
ATOM   734  C  CE2 . PHE A 1 99  ? -8.768  4.611   -0.923  1.00 25.16  ? 270 PHE A CE2 1 
ATOM   735  C  CZ  . PHE A 1 99  ? -9.259  5.772   -0.277  1.00 24.20  ? 270 PHE A CZ  1 
ATOM   736  N  N   . GLY A 1 100 ? -3.907  2.869   0.774   1.00 28.22  ? 271 GLY A N   1 
ATOM   737  C  CA  . GLY A 1 100 ? -4.145  1.631   1.503   1.00 26.70  ? 271 GLY A CA  1 
ATOM   738  C  C   . GLY A 1 100 ? -3.922  1.867   2.997   1.00 25.82  ? 271 GLY A C   1 
ATOM   739  O  O   . GLY A 1 100 ? -4.666  1.383   3.841   1.00 24.28  ? 271 GLY A O   1 
ATOM   740  N  N   . ALA A 1 101 ? -2.871  2.617   3.306   1.00 26.09  ? 272 ALA A N   1 
ATOM   741  C  CA  . ALA A 1 101 ? -2.519  2.978   4.672   1.00 27.01  ? 272 ALA A CA  1 
ATOM   742  C  C   . ALA A 1 101 ? -3.646  3.818   5.296   1.00 30.72  ? 272 ALA A C   1 
ATOM   743  O  O   . ALA A 1 101 ? -3.958  3.669   6.472   1.00 31.83  ? 272 ALA A O   1 
ATOM   744  C  CB  . ALA A 1 101 ? -1.230  3.779   4.675   1.00 24.37  ? 272 ALA A CB  1 
ATOM   745  N  N   . PHE A 1 102 ? -4.221  4.710   4.487   1.00 31.67  ? 273 PHE A N   1 
ATOM   746  C  CA  . PHE A 1 102 ? -5.305  5.577   4.906   1.00 33.01  ? 273 PHE A CA  1 
ATOM   747  C  C   . PHE A 1 102 ? -6.531  4.736   5.246   1.00 32.45  ? 273 PHE A C   1 
ATOM   748  O  O   . PHE A 1 102 ? -7.180  4.978   6.254   1.00 31.43  ? 273 PHE A O   1 
ATOM   749  C  CB  . PHE A 1 102 ? -5.650  6.568   3.794   1.00 33.65  ? 273 PHE A CB  1 
ATOM   750  C  CG  . PHE A 1 102 ? -6.365  7.784   4.280   1.00 32.17  ? 273 PHE A CG  1 
ATOM   751  C  CD1 . PHE A 1 102 ? -5.687  8.743   5.016   1.00 34.03  ? 273 PHE A CD1 1 
ATOM   752  C  CD2 . PHE A 1 102 ? -7.717  7.974   4.026   1.00 32.50  ? 273 PHE A CD2 1 
ATOM   753  C  CE1 . PHE A 1 102 ? -6.339  9.893   5.496   1.00 33.69  ? 273 PHE A CE1 1 
ATOM   754  C  CE2 . PHE A 1 102 ? -8.381  9.122   4.501   1.00 34.25  ? 273 PHE A CE2 1 
ATOM   755  C  CZ  . PHE A 1 102 ? -7.683  10.081  5.239   1.00 31.66  ? 273 PHE A CZ  1 
ATOM   756  N  N   . VAL A 1 103 ? -6.830  3.749   4.401   1.00 34.06  ? 274 VAL A N   1 
ATOM   757  C  CA  . VAL A 1 103 ? -7.956  2.850   4.630   1.00 34.39  ? 274 VAL A CA  1 
ATOM   758  C  C   . VAL A 1 103 ? -7.715  2.050   5.906   1.00 34.55  ? 274 VAL A C   1 
ATOM   759  O  O   . VAL A 1 103 ? -8.623  1.883   6.721   1.00 37.28  ? 274 VAL A O   1 
ATOM   760  C  CB  . VAL A 1 103 ? -8.154  1.894   3.424   1.00 33.69  ? 274 VAL A CB  1 
ATOM   761  C  CG1 . VAL A 1 103 ? -9.224  0.866   3.715   1.00 33.40  ? 274 VAL A CG1 1 
ATOM   762  C  CG2 . VAL A 1 103 ? -8.522  2.698   2.209   1.00 31.61  ? 274 VAL A CG2 1 
ATOM   763  N  N   . ALA A 1 104 ? -6.482  1.590   6.090   1.00 35.04  ? 275 ALA A N   1 
ATOM   764  C  CA  . ALA A 1 104 ? -6.130  0.810   7.272   1.00 35.55  ? 275 ALA A CA  1 
ATOM   765  C  C   . ALA A 1 104 ? -6.393  1.628   8.532   1.00 33.85  ? 275 ALA A C   1 
ATOM   766  O  O   . ALA A 1 104 ? -6.876  1.105   9.527   1.00 34.98  ? 275 ALA A O   1 
ATOM   767  C  CB  . ALA A 1 104 ? -4.646  0.379   7.209   1.00 32.60  ? 275 ALA A CB  1 
ATOM   768  N  N   . LYS A 1 105 ? -6.067  2.912   8.477   1.00 32.03  ? 276 LYS A N   1 
ATOM   769  C  CA  . LYS A 1 105 ? -6.275  3.798   9.616   1.00 33.19  ? 276 LYS A CA  1 
ATOM   770  C  C   . LYS A 1 105 ? -7.756  3.846   9.961   1.00 33.62  ? 276 LYS A C   1 
ATOM   771  O  O   . LYS A 1 105 ? -8.126  3.808   11.129  1.00 35.52  ? 276 LYS A O   1 
ATOM   772  C  CB  . LYS A 1 105 ? -5.773  5.207   9.313   1.00 29.44  ? 276 LYS A CB  1 
ATOM   773  C  CG  . LYS A 1 105 ? -4.344  5.422   9.688   1.00 32.22  ? 276 LYS A CG  1 
ATOM   774  C  CD  . LYS A 1 105 ? -3.798  6.715   9.119   1.00 30.06  ? 276 LYS A CD  1 
ATOM   775  C  CE  . LYS A 1 105 ? -2.355  6.883   9.532   1.00 30.84  ? 276 LYS A CE  1 
ATOM   776  N  NZ  . LYS A 1 105 ? -1.723  8.141   9.081   1.00 35.10  ? 276 LYS A NZ  1 
ATOM   777  N  N   . HIS A 1 106 ? -8.584  3.909   8.927   1.00 32.60  ? 277 HIS A N   1 
ATOM   778  C  CA  . HIS A 1 106 ? -10.013 3.931   9.097   1.00 31.91  ? 277 HIS A CA  1 
ATOM   779  C  C   . HIS A 1 106 ? -10.543 2.596   9.640   1.00 33.20  ? 277 HIS A C   1 
ATOM   780  O  O   . HIS A 1 106 ? -11.379 2.571   10.529  1.00 32.87  ? 277 HIS A O   1 
ATOM   781  C  CB  . HIS A 1 106 ? -10.682 4.274   7.772   1.00 30.44  ? 277 HIS A CB  1 
ATOM   782  C  CG  . HIS A 1 106 ? -12.172 4.397   7.867   1.00 32.66  ? 277 HIS A CG  1 
ATOM   783  N  ND1 . HIS A 1 106 ? -12.771 5.283   8.740   1.00 35.83  ? 277 HIS A ND1 1 
ATOM   784  C  CD2 . HIS A 1 106 ? -13.157 3.764   7.208   1.00 33.61  ? 277 HIS A CD2 1 
ATOM   785  C  CE1 . HIS A 1 106 ? -14.085 5.181   8.594   1.00 34.39  ? 277 HIS A CE1 1 
ATOM   786  N  NE2 . HIS A 1 106 ? -14.351 4.279   7.685   1.00 31.67  ? 277 HIS A NE2 1 
ATOM   787  N  N   . LEU A 1 107 ? -10.046 1.483   9.122   1.00 33.44  ? 278 LEU A N   1 
ATOM   788  C  CA  . LEU A 1 107 ? -10.508 0.189   9.613   1.00 34.60  ? 278 LEU A CA  1 
ATOM   789  C  C   . LEU A 1 107 ? -10.373 -0.023  11.116  1.00 34.73  ? 278 LEU A C   1 
ATOM   790  O  O   . LEU A 1 107 ? -11.285 -0.545  11.740  1.00 33.67  ? 278 LEU A O   1 
ATOM   791  C  CB  . LEU A 1 107 ? -9.803  -0.941  8.865   1.00 34.77  ? 278 LEU A CB  1 
ATOM   792  C  CG  . LEU A 1 107 ? -10.276 -1.101  7.419   1.00 36.42  ? 278 LEU A CG  1 
ATOM   793  C  CD1 . LEU A 1 107 ? -9.378  -2.100  6.664   1.00 33.26  ? 278 LEU A CD1 1 
ATOM   794  C  CD2 . LEU A 1 107 ? -11.737 -1.522  7.431   1.00 34.50  ? 278 LEU A CD2 1 
ATOM   795  N  N   . LYS A 1 108 ? -9.234  0.366   11.685  1.00 34.73  ? 279 LYS A N   1 
ATOM   796  C  CA  . LYS A 1 108 ? -8.986  0.203   13.118  1.00 35.64  ? 279 LYS A CA  1 
ATOM   797  C  C   . LYS A 1 108 ? -9.922  1.115   13.903  1.00 36.73  ? 279 LYS A C   1 
ATOM   798  O  O   . LYS A 1 108 ? -10.161 0.924   15.092  1.00 34.80  ? 279 LYS A O   1 
ATOM   799  C  CB  . LYS A 1 108 ? -7.533  0.546   13.472  1.00 36.05  ? 279 LYS A CB  1 
ATOM   800  C  CG  . LYS A 1 108 ? -7.282  0.535   14.973  1.00 41.32  ? 279 LYS A CG  1 
ATOM   801  C  CD  . LYS A 1 108 ? -5.925  1.123   15.295  1.00 46.76  ? 279 LYS A CD  1 
ATOM   802  C  CE  . LYS A 1 108 ? -5.795  1.466   16.774  1.00 48.81  ? 279 LYS A CE  1 
ATOM   803  N  NZ  . LYS A 1 108 ? -5.148  2.799   16.949  1.00 50.07  ? 279 LYS A NZ  1 
ATOM   804  N  N   . THR A 1 109 ? -10.444 2.113   13.205  1.00 37.20  ? 280 THR A N   1 
ATOM   805  C  CA  . THR A 1 109 ? -11.365 3.078   13.791  1.00 35.86  ? 280 THR A CA  1 
ATOM   806  C  C   . THR A 1 109 ? -12.772 2.490   13.961  1.00 36.03  ? 280 THR A C   1 
ATOM   807  O  O   . THR A 1 109 ? -13.465 2.763   14.948  1.00 37.42  ? 280 THR A O   1 
ATOM   808  C  CB  . THR A 1 109 ? -11.447 4.346   12.904  1.00 37.87  ? 280 THR A CB  1 
ATOM   809  O  OG1 . THR A 1 109 ? -10.232 5.095   13.005  1.00 38.22  ? 280 THR A OG1 1 
ATOM   810  C  CG2 . THR A 1 109 ? -12.569 5.202   13.326  1.00 35.64  ? 280 THR A CG2 1 
ATOM   811  N  N   . ILE A 1 110 ? -13.174 1.682   12.989  1.00 34.07  ? 281 ILE A N   1 
ATOM   812  C  CA  . ILE A 1 110 ? -14.473 1.051   13.003  1.00 31.35  ? 281 ILE A CA  1 
ATOM   813  C  C   . ILE A 1 110 ? -14.390 -0.416  13.402  1.00 32.03  ? 281 ILE A C   1 
ATOM   814  O  O   . ILE A 1 110 ? -15.237 -1.236  13.026  1.00 35.03  ? 281 ILE A O   1 
ATOM   815  C  CB  . ILE A 1 110 ? -15.143 1.221   11.636  1.00 31.29  ? 281 ILE A CB  1 
ATOM   816  C  CG1 . ILE A 1 110 ? -14.350 0.487   10.531  1.00 30.23  ? 281 ILE A CG1 1 
ATOM   817  C  CG2 . ILE A 1 110 ? -15.181 2.693   11.303  1.00 31.75  ? 281 ILE A CG2 1 
ATOM   818  C  CD1 . ILE A 1 110 ? -15.166 0.145   9.291   1.00 24.29  ? 281 ILE A CD1 1 
ATOM   819  N  N   . ASN A 1 111 ? -13.386 -0.767  14.179  1.00 32.68  ? 282 ASN A N   1 
ATOM   820  C  CA  . ASN A 1 111 ? -13.192 -2.137  14.679  1.00 34.75  ? 282 ASN A CA  1 
ATOM   821  C  C   . ASN A 1 111 ? -13.081 -3.203  13.648  1.00 35.75  ? 282 ASN A C   1 
ATOM   822  O  O   . ASN A 1 111 ? -13.617 -4.250  13.814  1.00 35.87  ? 282 ASN A O   1 
ATOM   823  C  CB  . ASN A 1 111 ? -14.243 -2.543  15.712  1.00 35.64  ? 282 ASN A CB  1 
ATOM   824  C  CG  . ASN A 1 111 ? -14.399 -1.533  16.801  1.00 36.04  ? 282 ASN A CG  1 
ATOM   825  O  OD1 . ASN A 1 111 ? -13.542 -1.391  17.618  1.00 36.03  ? 282 ASN A OD1 1 
ATOM   826  N  ND2 . ASN A 1 111 ? -15.471 -0.817  16.790  1.00 34.54  ? 282 ASN A ND2 1 
ATOM   827  N  N   . GLN A 1 112 ? -12.360 -2.925  12.582  1.00 38.60  ? 283 GLN A N   1 
ATOM   828  C  CA  . GLN A 1 112 ? -12.244 -3.879  11.497  1.00 42.70  ? 283 GLN A CA  1 
ATOM   829  C  C   . GLN A 1 112 ? -10.765 -3.935  11.145  1.00 43.03  ? 283 GLN A C   1 
ATOM   830  O  O   . GLN A 1 112 ? -10.357 -3.893  9.980   1.00 42.26  ? 283 GLN A O   1 
ATOM   831  C  CB  . GLN A 1 112 ? -13.122 -3.410  10.335  1.00 46.11  ? 283 GLN A CB  1 
ATOM   832  C  CG  . GLN A 1 112 ? -14.569 -3.864  10.513  1.00 51.32  ? 283 GLN A CG  1 
ATOM   833  C  CD  . GLN A 1 112 ? -14.755 -5.328  10.116  1.00 51.60  ? 283 GLN A CD  1 
ATOM   834  O  OE1 . GLN A 1 112 ? -15.323 -5.620  9.071   1.00 56.30  ? 283 GLN A OE1 1 
ATOM   835  N  NE2 . GLN A 1 112 ? -14.245 -6.247  10.938  1.00 53.72  ? 283 GLN A NE2 1 
ATOM   836  N  N   . GLU A 1 113 ? -9.980  -4.008  12.213  1.00 43.04  ? 284 GLU A N   1 
ATOM   837  C  CA  . GLU A 1 113 ? -8.523  -4.111  12.142  1.00 46.47  ? 284 GLU A CA  1 
ATOM   838  C  C   . GLU A 1 113 ? -8.134  -5.510  11.672  1.00 45.20  ? 284 GLU A C   1 
ATOM   839  O  O   . GLU A 1 113 ? -7.039  -5.708  11.155  1.00 45.69  ? 284 GLU A O   1 
ATOM   840  C  CB  . GLU A 1 113 ? -7.880  -3.839  13.506  1.00 48.76  ? 284 GLU A CB  1 
ATOM   841  C  CG  . GLU A 1 113 ? -8.714  -4.327  14.666  1.00 55.08  ? 284 GLU A CG  1 
ATOM   842  C  CD  . GLU A 1 113 ? -8.091  -3.996  15.992  1.00 58.86  ? 284 GLU A CD  1 
ATOM   843  O  OE1 . GLU A 1 113 ? -6.982  -3.433  15.986  1.00 63.99  ? 284 GLU A OE1 1 
ATOM   844  O  OE2 . GLU A 1 113 ? -8.696  -4.301  17.040  1.00 62.18  ? 284 GLU A OE2 1 
ATOM   845  N  N   . SER A 1 114 ? -9.055  -6.454  11.847  1.00 44.43  ? 285 SER A N   1 
ATOM   846  C  CA  . SER A 1 114 ? -8.868  -7.833  11.431  1.00 44.54  ? 285 SER A CA  1 
ATOM   847  C  C   . SER A 1 114 ? -8.891  -7.868  9.913   1.00 44.01  ? 285 SER A C   1 
ATOM   848  O  O   . SER A 1 114 ? -8.499  -8.872  9.301   1.00 42.99  ? 285 SER A O   1 
ATOM   849  C  CB  . SER A 1 114 ? -9.977  -8.746  11.985  1.00 45.14  ? 285 SER A CB  1 
ATOM   850  O  OG  . SER A 1 114 ? -11.242 -8.437  11.427  1.00 47.60  ? 285 SER A OG  1 
ATOM   851  N  N   . CYS A 1 115 ? -9.350  -6.791  9.287   1.00 43.31  ? 286 CYS A N   1 
ATOM   852  C  CA  . CYS A 1 115 ? -9.374  -6.797  7.832   1.00 43.04  ? 286 CYS A CA  1 
ATOM   853  C  C   . CYS A 1 115 ? -8.194  -6.061  7.223   1.00 42.61  ? 286 CYS A C   1 
ATOM   854  O  O   . CYS A 1 115 ? -8.117  -5.899  6.025   1.00 43.05  ? 286 CYS A O   1 
ATOM   855  C  CB  . CYS A 1 115 ? -10.706 -6.229  7.303   1.00 44.11  ? 286 CYS A CB  1 
ATOM   856  S  SG  . CYS A 1 115 ? -11.812 -7.466  6.511   0.50 46.19  ? 286 CYS A SG  1 
ATOM   857  N  N   . ILE A 1 116 ? -7.259  -5.644  8.058   1.00 44.26  ? 287 ILE A N   1 
ATOM   858  C  CA  . ILE A 1 116 ? -6.087  -4.922  7.578   1.00 43.55  ? 287 ILE A CA  1 
ATOM   859  C  C   . ILE A 1 116 ? -5.122  -5.812  6.779   1.00 44.64  ? 287 ILE A C   1 
ATOM   860  O  O   . ILE A 1 116 ? -4.678  -5.448  5.685   1.00 42.87  ? 287 ILE A O   1 
ATOM   861  C  CB  . ILE A 1 116 ? -5.346  -4.242  8.766   1.00 44.09  ? 287 ILE A CB  1 
ATOM   862  C  CG1 . ILE A 1 116 ? -6.248  -3.149  9.375   1.00 43.77  ? 287 ILE A CG1 1 
ATOM   863  C  CG2 . ILE A 1 116 ? -4.009  -3.664  8.300   1.00 40.66  ? 287 ILE A CG2 1 
ATOM   864  C  CD1 . ILE A 1 116 ? -5.610  -2.296  10.482  1.00 45.61  ? 287 ILE A CD1 1 
ATOM   865  N  N   . GLU A 1 117 ? -4.803  -6.980  7.328   1.00 45.16  ? 288 GLU A N   1 
ATOM   866  C  CA  . GLU A 1 117 ? -3.917  -7.923  6.675   1.00 45.07  ? 288 GLU A CA  1 
ATOM   867  C  C   . GLU A 1 117 ? -4.545  -8.385  5.355   1.00 43.87  ? 288 GLU A C   1 
ATOM   868  O  O   . GLU A 1 117 ? -3.865  -8.512  4.332   1.00 43.11  ? 288 GLU A O   1 
ATOM   869  C  CB  . GLU A 1 117 ? -3.664  -9.114  7.600   1.00 49.30  ? 288 GLU A CB  1 
ATOM   870  C  CG  . GLU A 1 117 ? -2.300  -9.102  8.284   1.00 54.92  ? 288 GLU A CG  1 
ATOM   871  C  CD  . GLU A 1 117 ? -1.149  -9.155  7.285   1.00 59.19  ? 288 GLU A CD  1 
ATOM   872  O  OE1 . GLU A 1 117 ? 0.026   -9.193  7.715   1.00 62.10  ? 288 GLU A OE1 1 
ATOM   873  O  OE2 . GLU A 1 117 ? -1.419  -9.166  6.063   1.00 60.89  ? 288 GLU A OE2 1 
ATOM   874  N  N   . PRO A 1 118 ? -5.846  -8.683  5.365   1.00 41.44  ? 289 PRO A N   1 
ATOM   875  C  CA  . PRO A 1 118 ? -6.453  -9.111  4.100   1.00 39.86  ? 289 PRO A CA  1 
ATOM   876  C  C   . PRO A 1 118 ? -6.367  -7.973  3.070   1.00 40.71  ? 289 PRO A C   1 
ATOM   877  O  O   . PRO A 1 118 ? -6.209  -8.208  1.867   1.00 41.79  ? 289 PRO A O   1 
ATOM   878  C  CB  . PRO A 1 118 ? -7.888  -9.421  4.502   1.00 40.95  ? 289 PRO A CB  1 
ATOM   879  C  CG  . PRO A 1 118 ? -7.720  -9.915  5.934   1.00 40.24  ? 289 PRO A CG  1 
ATOM   880  C  CD  . PRO A 1 118 ? -6.721  -8.970  6.516   1.00 40.43  ? 289 PRO A CD  1 
ATOM   881  N  N   . LEU A 1 119 ? -6.476  -6.738  3.558   1.00 39.50  ? 290 LEU A N   1 
ATOM   882  C  CA  . LEU A 1 119 ? -6.412  -5.548  2.707   1.00 38.34  ? 290 LEU A CA  1 
ATOM   883  C  C   . LEU A 1 119 ? -5.030  -5.415  2.090   1.00 38.40  ? 290 LEU A C   1 
ATOM   884  O  O   . LEU A 1 119 ? -4.882  -5.080  0.916   1.00 37.83  ? 290 LEU A O   1 
ATOM   885  C  CB  . LEU A 1 119 ? -6.726  -4.286  3.521   1.00 36.24  ? 290 LEU A CB  1 
ATOM   886  C  CG  . LEU A 1 119 ? -6.530  -2.952  2.791   1.00 35.81  ? 290 LEU A CG  1 
ATOM   887  C  CD1 . LEU A 1 119 ? -7.547  -2.856  1.680   1.00 34.38  ? 290 LEU A CD1 1 
ATOM   888  C  CD2 . LEU A 1 119 ? -6.643  -1.777  3.768   1.00 33.07  ? 290 LEU A CD2 1 
ATOM   889  N  N   . ALA A 1 120 ? -4.015  -5.678  2.901   1.00 38.88  ? 291 ALA A N   1 
ATOM   890  C  CA  . ALA A 1 120 ? -2.641  -5.602  2.447   1.00 38.32  ? 291 ALA A CA  1 
ATOM   891  C  C   . ALA A 1 120 ? -2.392  -6.687  1.384   1.00 39.20  ? 291 ALA A C   1 
ATOM   892  O  O   . ALA A 1 120 ? -1.533  -6.535  0.523   1.00 38.53  ? 291 ALA A O   1 
ATOM   893  C  CB  . ALA A 1 120 ? -1.713  -5.766  3.629   1.00 34.92  ? 291 ALA A CB  1 
ATOM   894  N  N   . GLU A 1 121 ? -3.168  -7.765  1.453   1.00 41.77  ? 292 GLU A N   1 
ATOM   895  C  CA  . GLU A 1 121 ? -3.069  -8.852  0.502   1.00 45.79  ? 292 GLU A CA  1 
ATOM   896  C  C   . GLU A 1 121 ? -3.689  -8.394  -0.806  1.00 45.04  ? 292 GLU A C   1 
ATOM   897  O  O   . GLU A 1 121 ? -3.093  -8.557  -1.875  1.00 44.81  ? 292 GLU A O   1 
ATOM   898  C  CB  . GLU A 1 121 ? -3.781  -10.105 1.038   1.00 49.46  ? 292 GLU A CB  1 
ATOM   899  C  CG  . GLU A 1 121 ? -3.017  -10.821 2.148   1.00 55.93  ? 292 GLU A CG  1 
ATOM   900  C  CD  . GLU A 1 121 ? -3.589  -12.202 2.436   1.00 60.03  ? 292 GLU A CD  1 
ATOM   901  O  OE1 . GLU A 1 121 ? -4.127  -12.820 1.497   1.00 61.80  ? 292 GLU A OE1 1 
ATOM   902  O  OE2 . GLU A 1 121 ? -3.496  -12.680 3.588   1.00 62.16  ? 292 GLU A OE2 1 
ATOM   903  N  N   . SER A 1 122 ? -4.881  -7.816  -0.733  1.00 42.59  ? 293 SER A N   1 
ATOM   904  C  CA  . SER A 1 122 ? -5.512  -7.338  -1.955  1.00 41.36  ? 293 SER A CA  1 
ATOM   905  C  C   . SER A 1 122 ? -4.574  -6.405  -2.708  1.00 39.24  ? 293 SER A C   1 
ATOM   906  O  O   . SER A 1 122 ? -4.406  -6.523  -3.920  1.00 39.22  ? 293 SER A O   1 
ATOM   907  C  CB  . SER A 1 122 ? -6.794  -6.591  -1.636  1.00 40.62  ? 293 SER A CB  1 
ATOM   908  O  OG  . SER A 1 122 ? -7.709  -7.460  -1.016  1.00 48.61  ? 293 SER A OG  1 
ATOM   909  N  N   . ILE A 1 123 ? -3.966  -5.484  -1.976  1.00 35.09  ? 294 ILE A N   1 
ATOM   910  C  CA  . ILE A 1 123 ? -3.068  -4.499  -2.553  1.00 31.95  ? 294 ILE A CA  1 
ATOM   911  C  C   . ILE A 1 123 ? -1.823  -5.135  -3.183  1.00 34.88  ? 294 ILE A C   1 
ATOM   912  O  O   . ILE A 1 123 ? -1.428  -4.787  -4.299  1.00 29.37  ? 294 ILE A O   1 
ATOM   913  C  CB  . ILE A 1 123 ? -2.614  -3.467  -1.471  1.00 29.87  ? 294 ILE A CB  1 
ATOM   914  C  CG1 . ILE A 1 123 ? -3.833  -2.699  -0.922  1.00 29.08  ? 294 ILE A CG1 1 
ATOM   915  C  CG2 . ILE A 1 123 ? -1.577  -2.528  -2.052  1.00 26.74  ? 294 ILE A CG2 1 
ATOM   916  C  CD1 . ILE A 1 123 ? -3.523  -1.658  0.099   1.00 28.12  ? 294 ILE A CD1 1 
ATOM   917  N  N   . THR A 1 124 ? -1.220  -6.065  -2.447  1.00 35.61  ? 295 THR A N   1 
ATOM   918  C  CA  . THR A 1 124 ? -0.009  -6.736  -2.881  1.00 35.93  ? 295 THR A CA  1 
ATOM   919  C  C   . THR A 1 124 ? -0.271  -7.621  -4.080  1.00 37.90  ? 295 THR A C   1 
ATOM   920  O  O   . THR A 1 124 ? 0.520   -7.658  -5.018  1.00 37.84  ? 295 THR A O   1 
ATOM   921  C  CB  . THR A 1 124 ? 0.586   -7.615  -1.766  1.00 36.64  ? 295 THR A CB  1 
ATOM   922  O  OG1 . THR A 1 124 ? 0.816   -6.827  -0.598  1.00 35.58  ? 295 THR A OG1 1 
ATOM   923  C  CG2 . THR A 1 124 ? 1.912   -8.169  -2.205  1.00 35.59  ? 295 THR A CG2 1 
ATOM   924  N  N   . ASP A 1 125 ? -1.394  -8.325  -4.041  1.00 39.23  ? 296 ASP A N   1 
ATOM   925  C  CA  . ASP A 1 125 ? -1.748  -9.205  -5.134  1.00 41.68  ? 296 ASP A CA  1 
ATOM   926  C  C   . ASP A 1 125 ? -1.856  -8.425  -6.423  1.00 44.91  ? 296 ASP A C   1 
ATOM   927  O  O   . ASP A 1 125 ? -1.485  -8.931  -7.487  1.00 45.61  ? 296 ASP A O   1 
ATOM   928  C  CB  . ASP A 1 125 ? -3.089  -9.877  -4.890  1.00 42.61  ? 296 ASP A CB  1 
ATOM   929  C  CG  . ASP A 1 125 ? -2.961  -11.220 -4.209  1.00 47.12  ? 296 ASP A CG  1 
ATOM   930  O  OD1 . ASP A 1 125 ? -1.834  -11.610 -3.848  1.00 49.76  ? 296 ASP A OD1 1 
ATOM   931  O  OD2 . ASP A 1 125 ? -3.992  -11.901 -4.032  1.00 50.15  ? 296 ASP A OD2 1 
ATOM   932  N  N   . VAL A 1 126 ? -2.365  -7.204  -6.333  1.00 45.11  ? 297 VAL A N   1 
ATOM   933  C  CA  . VAL A 1 126 ? -2.536  -6.434  -7.529  1.00 47.12  ? 297 VAL A CA  1 
ATOM   934  C  C   . VAL A 1 126 ? -1.250  -5.728  -7.962  1.00 46.97  ? 297 VAL A C   1 
ATOM   935  O  O   . VAL A 1 126 ? -0.951  -5.566  -9.155  1.00 47.88  ? 297 VAL A O   1 
ATOM   936  C  CB  . VAL A 1 126 ? -3.692  -5.414  -7.331  1.00 48.26  ? 297 VAL A CB  1 
ATOM   937  C  CG1 . VAL A 1 126 ? -3.809  -4.558  -8.571  1.00 47.93  ? 297 VAL A CG1 1 
ATOM   938  C  CG2 . VAL A 1 126 ? -5.027  -6.163  -6.984  1.00 50.57  ? 297 VAL A CG2 1 
ATOM   939  N  N   . LEU A 1 127 ? -0.453  -5.335  -6.992  1.00 46.95  ? 298 LEU A N   1 
ATOM   940  C  CA  . LEU A 1 127 ? 0.726   -4.640  -7.396  1.00 49.39  ? 298 LEU A CA  1 
ATOM   941  C  C   . LEU A 1 127 ? 1.665   -5.642  -8.079  1.00 51.53  ? 298 LEU A C   1 
ATOM   942  O  O   . LEU A 1 127 ? 2.180   -5.369  -9.176  1.00 50.47  ? 298 LEU A O   1 
ATOM   943  C  CB  . LEU A 1 127 ? 1.384   -3.906  -6.220  1.00 50.65  ? 298 LEU A CB  1 
ATOM   944  C  CG  . LEU A 1 127 ? 2.765   -3.274  -6.484  1.00 50.61  ? 298 LEU A CG  1 
ATOM   945  C  CD1 . LEU A 1 127 ? 2.729   -2.329  -7.691  1.00 49.46  ? 298 LEU A CD1 1 
ATOM   946  C  CD2 . LEU A 1 127 ? 3.258   -2.550  -5.238  1.00 50.61  ? 298 LEU A CD2 1 
ATOM   947  N  N   . VAL A 1 128 ? 1.878   -6.810  -7.478  1.00 53.17  ? 299 VAL A N   1 
ATOM   948  C  CA  . VAL A 1 128 ? 2.765   -7.748  -8.146  1.00 54.39  ? 299 VAL A CA  1 
ATOM   949  C  C   . VAL A 1 128 ? 2.073   -8.612  -9.239  1.00 56.33  ? 299 VAL A C   1 
ATOM   950  O  O   . VAL A 1 128 ? 2.749   -9.204  -10.089 1.00 56.76  ? 299 VAL A O   1 
ATOM   951  C  CB  . VAL A 1 128 ? 3.560   -8.644  -7.079  1.00 54.74  ? 299 VAL A CB  1 
ATOM   952  C  CG1 . VAL A 1 128 ? 4.171   -7.763  -5.997  1.00 52.91  ? 299 VAL A CG1 1 
ATOM   953  C  CG2 . VAL A 1 128 ? 2.670   -9.688  -6.432  1.00 56.66  ? 299 VAL A CG2 1 
ATOM   954  N  N   . ARG A 1 129 ? 0.737   -8.659  -9.246  1.00 58.53  ? 300 ARG A N   1 
ATOM   955  C  CA  . ARG A 1 129 ? 0.082   -9.493  -10.271 1.00 59.41  ? 300 ARG A CA  1 
ATOM   956  C  C   . ARG A 1 129 ? 0.068   -8.727  -11.573 1.00 59.66  ? 300 ARG A C   1 
ATOM   957  O  O   . ARG A 1 129 ? 0.367   -9.299  -12.620 1.00 60.90  ? 300 ARG A O   1 
ATOM   958  C  CB  . ARG A 1 129 ? -1.325  -9.943  -9.829  1.00 62.21  ? 300 ARG A CB  1 
ATOM   959  C  CG  . ARG A 1 129 ? -1.949  -11.184 -10.547 1.00 65.07  ? 300 ARG A CG  1 
ATOM   960  C  CD  . ARG A 1 129 ? -3.397  -10.910 -11.042 1.00 68.17  ? 300 ARG A CD  1 
ATOM   961  N  NE  . ARG A 1 129 ? -4.356  -10.383 -10.050 1.00 71.45  ? 300 ARG A NE  1 
ATOM   962  C  CZ  . ARG A 1 129 ? -5.345  -9.527  -10.341 1.00 73.82  ? 300 ARG A CZ  1 
ATOM   963  N  NH1 . ARG A 1 129 ? -5.493  -9.085  -11.586 1.00 73.43  ? 300 ARG A NH1 1 
ATOM   964  N  NH2 . ARG A 1 129 ? -6.225  -9.141  -9.406  1.00 75.54  ? 300 ARG A NH2 1 
ATOM   965  N  N   . THR A 1 130 ? -0.171  -7.429  -11.520 1.00 58.38  ? 301 THR A N   1 
ATOM   966  C  CA  . THR A 1 130 ? -0.225  -6.668  -12.769 1.00 58.19  ? 301 THR A CA  1 
ATOM   967  C  C   . THR A 1 130 ? 1.032   -5.878  -13.191 1.00 58.19  ? 301 THR A C   1 
ATOM   968  O  O   . THR A 1 130 ? 1.042   -5.363  -14.294 1.00 56.24  ? 301 THR A O   1 
ATOM   969  C  CB  . THR A 1 130 ? -1.371  -5.700  -12.786 1.00 56.86  ? 301 THR A CB  1 
ATOM   970  O  OG1 . THR A 1 130 ? -1.038  -4.640  -11.908 1.00 57.80  ? 301 THR A OG1 1 
ATOM   971  C  CG2 . THR A 1 130 ? -2.726  -6.347  -12.333 1.00 57.10  ? 301 THR A CG2 1 
ATOM   972  N  N   . LYS A 1 131 ? 2.089   -5.788  -12.378 1.00 58.30  ? 302 LYS A N   1 
ATOM   973  C  CA  . LYS A 1 131 ? 3.279   -5.067  -12.835 1.00 58.04  ? 302 LYS A CA  1 
ATOM   974  C  C   . LYS A 1 131 ? 4.540   -5.793  -12.403 1.00 58.42  ? 302 LYS A C   1 
ATOM   975  O  O   . LYS A 1 131 ? 5.637   -5.224  -12.276 1.00 58.11  ? 302 LYS A O   1 
ATOM   976  C  CB  . LYS A 1 131 ? 3.256   -3.612  -12.330 1.00 59.39  ? 302 LYS A CB  1 
ATOM   977  C  CG  . LYS A 1 131 ? 2.399   -2.714  -13.223 1.00 58.93  ? 302 LYS A CG  1 
ATOM   978  C  CD  . LYS A 1 131 ? 1.512   -1.801  -12.410 1.00 58.97  ? 302 LYS A CD  1 
ATOM   979  C  CE  . LYS A 1 131 ? 0.261   -1.374  -13.204 1.00 59.05  ? 302 LYS A CE  1 
ATOM   980  N  NZ  . LYS A 1 131 ? 0.495   -0.451  -14.348 1.00 59.42  ? 302 LYS A NZ  1 
ATOM   981  N  N   . ARG A 1 132 ? 4.368   -7.090  -12.209 1.00 59.26  ? 303 ARG A N   1 
ATOM   982  C  CA  . ARG A 1 132 ? 5.474   -7.938  -11.805 1.00 60.71  ? 303 ARG A CA  1 
ATOM   983  C  C   . ARG A 1 132 ? 6.679   -7.784  -12.712 1.00 60.25  ? 303 ARG A C   1 
ATOM   984  O  O   . ARG A 1 132 ? 7.800   -7.607  -12.241 1.00 60.06  ? 303 ARG A O   1 
ATOM   985  C  CB  . ARG A 1 132 ? 5.067   -9.411  -11.766 1.00 61.75  ? 303 ARG A CB  1 
ATOM   986  C  CG  . ARG A 1 132 ? 4.537   -10.025 -13.047 1.00 62.75  ? 303 ARG A CG  1 
ATOM   987  C  CD  . ARG A 1 132 ? 4.541   -11.502 -12.742 1.00 63.87  ? 303 ARG A CD  1 
ATOM   988  N  NE  . ARG A 1 132 ? 5.562   -11.760 -11.721 1.00 63.55  ? 303 ARG A NE  1 
ATOM   989  C  CZ  . ARG A 1 132 ? 5.401   -12.561 -10.679 1.00 64.57  ? 303 ARG A CZ  1 
ATOM   990  N  NH1 . ARG A 1 132 ? 4.249   -13.188 -10.497 1.00 64.69  ? 303 ARG A NH1 1 
ATOM   991  N  NH2 . ARG A 1 132 ? 6.411   -12.748 -9.835  1.00 63.02  ? 303 ARG A NH2 1 
ATOM   992  N  N   . ASP A 1 133 ? 6.466   -7.842  -14.014 1.00 59.91  ? 304 ASP A N   1 
ATOM   993  C  CA  . ASP A 1 133 ? 7.614   -7.720  -14.906 1.00 61.95  ? 304 ASP A CA  1 
ATOM   994  C  C   . ASP A 1 133 ? 8.336   -6.379  -14.830 1.00 60.77  ? 304 ASP A C   1 
ATOM   995  O  O   . ASP A 1 133 ? 9.550   -6.306  -14.991 1.00 60.73  ? 304 ASP A O   1 
ATOM   996  C  CB  . ASP A 1 133 ? 7.215   -8.049  -16.356 1.00 63.83  ? 304 ASP A CB  1 
ATOM   997  C  CG  . ASP A 1 133 ? 7.043   -9.551  -16.578 1.00 64.67  ? 304 ASP A CG  1 
ATOM   998  O  OD1 . ASP A 1 133 ? 7.254   -10.323 -15.613 1.00 66.30  ? 304 ASP A OD1 1 
ATOM   999  O  OD2 . ASP A 1 133 ? 6.699   -9.967  -17.707 1.00 66.53  ? 304 ASP A OD2 1 
ATOM   1000 N  N   . TRP A 1 134 ? 7.597   -5.318  -14.568 1.00 60.35  ? 305 TRP A N   1 
ATOM   1001 C  CA  . TRP A 1 134 ? 8.200   -4.002  -14.448 1.00 58.88  ? 305 TRP A CA  1 
ATOM   1002 C  C   . TRP A 1 134 ? 9.040   -4.033  -13.173 1.00 59.50  ? 305 TRP A C   1 
ATOM   1003 O  O   . TRP A 1 134 ? 10.187  -3.593  -13.153 1.00 60.24  ? 305 TRP A O   1 
ATOM   1004 C  CB  . TRP A 1 134 ? 7.097   -2.950  -14.341 1.00 56.85  ? 305 TRP A CB  1 
ATOM   1005 C  CG  . TRP A 1 134 ? 7.573   -1.553  -14.306 1.00 55.88  ? 305 TRP A CG  1 
ATOM   1006 C  CD1 . TRP A 1 134 ? 7.875   -0.761  -15.375 1.00 56.50  ? 305 TRP A CD1 1 
ATOM   1007 C  CD2 . TRP A 1 134 ? 7.786   -0.755  -13.139 1.00 54.82  ? 305 TRP A CD2 1 
ATOM   1008 N  NE1 . TRP A 1 134 ? 8.259   0.491   -14.947 1.00 54.64  ? 305 TRP A NE1 1 
ATOM   1009 C  CE2 . TRP A 1 134 ? 8.209   0.525   -13.583 1.00 54.57  ? 305 TRP A CE2 1 
ATOM   1010 C  CE3 . TRP A 1 134 ? 7.646   -0.987  -11.766 1.00 53.04  ? 305 TRP A CE3 1 
ATOM   1011 C  CZ2 . TRP A 1 134 ? 8.506   1.568   -12.695 1.00 55.03  ? 305 TRP A CZ2 1 
ATOM   1012 C  CZ3 . TRP A 1 134 ? 7.939   0.048   -10.882 1.00 53.31  ? 305 TRP A CZ3 1 
ATOM   1013 C  CH2 . TRP A 1 134 ? 8.361   1.317   -11.352 1.00 53.10  ? 305 TRP A CH2 1 
ATOM   1014 N  N   . LEU A 1 135 ? 8.467   -4.573  -12.106 1.00 59.08  ? 306 LEU A N   1 
ATOM   1015 C  CA  . LEU A 1 135 ? 9.168   -4.652  -10.828 1.00 58.74  ? 306 LEU A CA  1 
ATOM   1016 C  C   . LEU A 1 135 ? 10.500  -5.417  -10.966 1.00 58.75  ? 306 LEU A C   1 
ATOM   1017 O  O   . LEU A 1 135 ? 11.546  -4.997  -10.451 1.00 56.82  ? 306 LEU A O   1 
ATOM   1018 C  CB  . LEU A 1 135 ? 8.247   -5.315  -9.777  1.00 58.14  ? 306 LEU A CB  1 
ATOM   1019 C  CG  . LEU A 1 135 ? 6.973   -4.526  -9.380  1.00 55.57  ? 306 LEU A CG  1 
ATOM   1020 C  CD1 . LEU A 1 135 ? 6.069   -5.318  -8.428  1.00 55.85  ? 306 LEU A CD1 1 
ATOM   1021 C  CD2 . LEU A 1 135 ? 7.402   -3.254  -8.707  1.00 55.32  ? 306 LEU A CD2 1 
ATOM   1022 N  N   . VAL A 1 136 ? 10.448  -6.549  -11.659 1.00 58.83  ? 307 VAL A N   1 
ATOM   1023 C  CA  . VAL A 1 136 ? 11.629  -7.360  -11.892 1.00 59.11  ? 307 VAL A CA  1 
ATOM   1024 C  C   . VAL A 1 136 ? 12.672  -6.498  -12.600 1.00 59.34  ? 307 VAL A C   1 
ATOM   1025 O  O   . VAL A 1 136 ? 13.862  -6.501  -12.256 1.00 58.75  ? 307 VAL A O   1 
ATOM   1026 C  CB  . VAL A 1 136 ? 11.258  -8.573  -12.773 1.00 60.01  ? 307 VAL A CB  1 
ATOM   1027 C  CG1 . VAL A 1 136 ? 12.519  -9.294  -13.253 1.00 60.18  ? 307 VAL A CG1 1 
ATOM   1028 C  CG2 . VAL A 1 136 ? 10.358  -9.517  -11.972 1.00 60.05  ? 307 VAL A CG2 1 
ATOM   1029 N  N   . LYS A 1 137 ? 12.194  -5.751  -13.585 1.00 59.32  ? 308 LYS A N   1 
ATOM   1030 C  CA  . LYS A 1 137 ? 13.023  -4.850  -14.370 1.00 60.20  ? 308 LYS A CA  1 
ATOM   1031 C  C   . LYS A 1 137 ? 13.711  -3.804  -13.509 1.00 59.43  ? 308 LYS A C   1 
ATOM   1032 O  O   . LYS A 1 137 ? 14.889  -3.507  -13.708 1.00 58.09  ? 308 LYS A O   1 
ATOM   1033 C  CB  . LYS A 1 137 ? 12.167  -4.128  -15.406 1.00 61.45  ? 308 LYS A CB  1 
ATOM   1034 C  CG  . LYS A 1 137 ? 12.839  -3.990  -16.759 1.00 64.32  ? 308 LYS A CG  1 
ATOM   1035 C  CD  . LYS A 1 137 ? 12.410  -2.709  -17.468 1.00 65.63  ? 308 LYS A CD  1 
ATOM   1036 C  CE  . LYS A 1 137 ? 10.906  -2.658  -17.744 1.00 66.38  ? 308 LYS A CE  1 
ATOM   1037 N  NZ  . LYS A 1 137 ? 10.672  -1.855  -18.987 1.00 69.17  ? 308 LYS A NZ  1 
ATOM   1038 N  N   . GLN A 1 138 ? 12.950  -3.250  -12.562 1.00 60.48  ? 309 GLN A N   1 
ATOM   1039 C  CA  . GLN A 1 138 ? 13.406  -2.199  -11.649 1.00 60.28  ? 309 GLN A CA  1 
ATOM   1040 C  C   . GLN A 1 138 ? 14.183  -2.744  -10.476 1.00 60.01  ? 309 GLN A C   1 
ATOM   1041 O  O   . GLN A 1 138 ? 14.645  -1.996  -9.612  1.00 60.75  ? 309 GLN A O   1 
ATOM   1042 C  CB  . GLN A 1 138 ? 12.201  -1.408  -11.132 1.00 61.71  ? 309 GLN A CB  1 
ATOM   1043 C  CG  . GLN A 1 138 ? 11.420  -0.693  -12.213 1.00 62.10  ? 309 GLN A CG  1 
ATOM   1044 C  CD  . GLN A 1 138 ? 12.308  0.159   -13.115 1.00 64.60  ? 309 GLN A CD  1 
ATOM   1045 O  OE1 . GLN A 1 138 ? 13.279  0.764   -12.659 1.00 65.65  ? 309 GLN A OE1 1 
ATOM   1046 N  NE2 . GLN A 1 138 ? 11.965  0.225   -14.401 1.00 65.87  ? 309 GLN A NE2 1 
ATOM   1047 N  N   . ARG A 1 139 ? 14.338  -4.056  -10.449 1.00 61.47  ? 310 ARG A N   1 
ATOM   1048 C  CA  . ARG A 1 139 ? 15.058  -4.696  -9.360  1.00 62.80  ? 310 ARG A CA  1 
ATOM   1049 C  C   . ARG A 1 139 ? 14.309  -4.579  -8.043  1.00 61.42  ? 310 ARG A C   1 
ATOM   1050 O  O   . ARG A 1 139 ? 14.896  -4.382  -6.977  1.00 60.57  ? 310 ARG A O   1 
ATOM   1051 C  CB  . ARG A 1 139 ? 16.469  -4.124  -9.263  1.00 64.45  ? 310 ARG A CB  1 
ATOM   1052 C  CG  . ARG A 1 139 ? 17.412  -4.909  -10.147 1.00 67.64  ? 310 ARG A CG  1 
ATOM   1053 C  CD  . ARG A 1 139 ? 18.733  -4.230  -10.357 1.00 70.21  ? 310 ARG A CD  1 
ATOM   1054 N  NE  . ARG A 1 139 ? 18.525  -2.926  -10.958 1.00 71.53  ? 310 ARG A NE  1 
ATOM   1055 C  CZ  . ARG A 1 139 ? 18.519  -1.798  -10.268 1.00 71.91  ? 310 ARG A CZ  1 
ATOM   1056 N  NH1 . ARG A 1 139 ? 18.714  -1.822  -8.953  1.00 72.11  ? 310 ARG A NH1 1 
ATOM   1057 N  NH2 . ARG A 1 139 ? 18.318  -0.653  -10.893 1.00 71.52  ? 310 ARG A NH2 1 
ATOM   1058 N  N   . GLY A 1 140 ? 12.989  -4.719  -8.164  1.00 60.22  ? 311 GLY A N   1 
ATOM   1059 C  CA  . GLY A 1 140 ? 12.090  -4.669  -7.028  1.00 57.65  ? 311 GLY A CA  1 
ATOM   1060 C  C   . GLY A 1 140 ? 12.182  -3.469  -6.127  1.00 56.25  ? 311 GLY A C   1 
ATOM   1061 O  O   . GLY A 1 140 ? 12.246  -2.315  -6.572  1.00 56.32  ? 311 GLY A O   1 
ATOM   1062 N  N   . TRP A 1 141 ? 12.179  -3.754  -4.832  1.00 55.95  ? 312 TRP A N   1 
ATOM   1063 C  CA  . TRP A 1 141 ? 12.252  -2.711  -3.830  1.00 55.27  ? 312 TRP A CA  1 
ATOM   1064 C  C   . TRP A 1 141 ? 13.564  -1.949  -3.788  1.00 55.10  ? 312 TRP A C   1 
ATOM   1065 O  O   . TRP A 1 141 ? 13.673  -0.937  -3.098  1.00 55.03  ? 312 TRP A O   1 
ATOM   1066 C  CB  . TRP A 1 141 ? 11.909  -3.295  -2.466  1.00 54.42  ? 312 TRP A CB  1 
ATOM   1067 C  CG  . TRP A 1 141 ? 10.488  -3.794  -2.447  1.00 54.91  ? 312 TRP A CG  1 
ATOM   1068 C  CD1 . TRP A 1 141 ? 10.073  -5.087  -2.615  1.00 54.30  ? 312 TRP A CD1 1 
ATOM   1069 C  CD2 . TRP A 1 141 ? 9.295   -2.998  -2.353  1.00 54.88  ? 312 TRP A CD2 1 
ATOM   1070 N  NE1 . TRP A 1 141 ? 8.700   -5.148  -2.633  1.00 55.51  ? 312 TRP A NE1 1 
ATOM   1071 C  CE2 . TRP A 1 141 ? 8.192   -3.881  -2.467  1.00 55.96  ? 312 TRP A CE2 1 
ATOM   1072 C  CE3 . TRP A 1 141 ? 9.045   -1.622  -2.168  1.00 53.70  ? 312 TRP A CE3 1 
ATOM   1073 C  CZ2 . TRP A 1 141 ? 6.861   -3.436  -2.426  1.00 55.73  ? 312 TRP A CZ2 1 
ATOM   1074 C  CZ3 . TRP A 1 141 ? 7.722   -1.178  -2.127  1.00 51.65  ? 312 TRP A CZ3 1 
ATOM   1075 C  CH2 . TRP A 1 141 ? 6.649   -2.082  -2.247  1.00 53.98  ? 312 TRP A CH2 1 
ATOM   1076 N  N   . ASP A 1 142 ? 14.565  -2.420  -4.526  1.00 56.13  ? 313 ASP A N   1 
ATOM   1077 C  CA  . ASP A 1 142 ? 15.836  -1.709  -4.562  1.00 54.99  ? 313 ASP A CA  1 
ATOM   1078 C  C   . ASP A 1 142 ? 15.613  -0.527  -5.495  1.00 53.55  ? 313 ASP A C   1 
ATOM   1079 O  O   . ASP A 1 142 ? 16.130  0.569   -5.273  1.00 54.03  ? 313 ASP A O   1 
ATOM   1080 C  CB  . ASP A 1 142 ? 16.971  -2.610  -5.076  1.00 56.67  ? 313 ASP A CB  1 
ATOM   1081 C  CG  . ASP A 1 142 ? 17.458  -3.610  -4.020  1.00 60.00  ? 313 ASP A CG  1 
ATOM   1082 O  OD1 . ASP A 1 142 ? 17.751  -3.165  -2.873  1.00 59.82  ? 313 ASP A OD1 1 
ATOM   1083 O  OD2 . ASP A 1 142 ? 17.551  -4.832  -4.349  1.00 60.50  ? 313 ASP A OD2 1 
ATOM   1084 N  N   . GLY A 1 143 ? 14.818  -0.748  -6.530  1.00 51.40  ? 314 GLY A N   1 
ATOM   1085 C  CA  . GLY A 1 143 ? 14.527  0.327   -7.462  1.00 50.16  ? 314 GLY A CA  1 
ATOM   1086 C  C   . GLY A 1 143 ? 13.731  1.402   -6.738  1.00 47.63  ? 314 GLY A C   1 
ATOM   1087 O  O   . GLY A 1 143 ? 13.978  2.594   -6.889  1.00 45.78  ? 314 GLY A O   1 
ATOM   1088 N  N   . PHE A 1 144 ? 12.775  0.960   -5.931  1.00 45.97  ? 315 PHE A N   1 
ATOM   1089 C  CA  . PHE A 1 144 ? 11.920  1.847   -5.156  1.00 43.40  ? 315 PHE A CA  1 
ATOM   1090 C  C   . PHE A 1 144 ? 12.768  2.768   -4.288  1.00 44.08  ? 315 PHE A C   1 
ATOM   1091 O  O   . PHE A 1 144 ? 12.689  3.997   -4.383  1.00 41.08  ? 315 PHE A O   1 
ATOM   1092 C  CB  . PHE A 1 144 ? 11.009  1.008   -4.278  1.00 42.76  ? 315 PHE A CB  1 
ATOM   1093 C  CG  . PHE A 1 144 ? 10.185  1.804   -3.319  1.00 43.91  ? 315 PHE A CG  1 
ATOM   1094 C  CD1 . PHE A 1 144 ? 9.121   2.579   -3.769  1.00 44.27  ? 315 PHE A CD1 1 
ATOM   1095 C  CD2 . PHE A 1 144 ? 10.416  1.707   -1.952  1.00 43.34  ? 315 PHE A CD2 1 
ATOM   1096 C  CE1 . PHE A 1 144 ? 8.307   3.244   -2.867  1.00 45.13  ? 315 PHE A CE1 1 
ATOM   1097 C  CE2 . PHE A 1 144 ? 9.610   2.366   -1.048  1.00 42.23  ? 315 PHE A CE2 1 
ATOM   1098 C  CZ  . PHE A 1 144 ? 8.550   3.129   -1.500  1.00 44.50  ? 315 PHE A CZ  1 
ATOM   1099 N  N   . VAL A 1 145 ? 13.579  2.166   -3.434  1.00 44.91  ? 316 VAL A N   1 
ATOM   1100 C  CA  . VAL A 1 145 ? 14.442  2.937   -2.561  1.00 46.24  ? 316 VAL A CA  1 
ATOM   1101 C  C   . VAL A 1 145 ? 15.349  3.868   -3.377  1.00 48.56  ? 316 VAL A C   1 
ATOM   1102 O  O   . VAL A 1 145 ? 15.546  5.026   -3.017  1.00 47.63  ? 316 VAL A O   1 
ATOM   1103 C  CB  . VAL A 1 145 ? 15.312  1.994   -1.678  1.00 45.01  ? 316 VAL A CB  1 
ATOM   1104 C  CG1 . VAL A 1 145 ? 16.365  2.800   -0.921  1.00 43.70  ? 316 VAL A CG1 1 
ATOM   1105 C  CG2 . VAL A 1 145 ? 14.429  1.228   -0.698  1.00 38.51  ? 316 VAL A CG2 1 
ATOM   1106 N  N   . GLU A 1 146 ? 15.892  3.351   -4.477  1.00 50.80  ? 317 GLU A N   1 
ATOM   1107 C  CA  . GLU A 1 146 ? 16.769  4.107   -5.366  1.00 52.35  ? 317 GLU A CA  1 
ATOM   1108 C  C   . GLU A 1 146 ? 16.067  5.371   -5.912  1.00 51.87  ? 317 GLU A C   1 
ATOM   1109 O  O   . GLU A 1 146 ? 16.619  6.475   -5.874  1.00 50.11  ? 317 GLU A O   1 
ATOM   1110 C  CB  . GLU A 1 146 ? 17.174  3.190   -6.527  1.00 55.66  ? 317 GLU A CB  1 
ATOM   1111 C  CG  . GLU A 1 146 ? 18.496  3.508   -7.203  1.00 60.73  ? 317 GLU A CG  1 
ATOM   1112 C  CD  . GLU A 1 146 ? 19.063  2.281   -7.913  1.00 63.96  ? 317 GLU A CD  1 
ATOM   1113 O  OE1 . GLU A 1 146 ? 18.517  1.868   -8.958  1.00 65.92  ? 317 GLU A OE1 1 
ATOM   1114 O  OE2 . GLU A 1 146 ? 20.053  1.717   -7.404  1.00 67.66  ? 317 GLU A OE2 1 
ATOM   1115 N  N   . PHE A 1 147 ? 14.844  5.187   -6.417  1.00 50.66  ? 318 PHE A N   1 
ATOM   1116 C  CA  . PHE A 1 147 ? 14.047  6.267   -7.005  1.00 49.69  ? 318 PHE A CA  1 
ATOM   1117 C  C   . PHE A 1 147 ? 13.793  7.436   -6.052  1.00 50.94  ? 318 PHE A C   1 
ATOM   1118 O  O   . PHE A 1 147 ? 13.876  8.610   -6.435  1.00 52.23  ? 318 PHE A O   1 
ATOM   1119 C  CB  . PHE A 1 147 ? 12.706  5.702   -7.478  1.00 47.48  ? 318 PHE A CB  1 
ATOM   1120 C  CG  . PHE A 1 147 ? 11.853  6.695   -8.204  1.00 46.96  ? 318 PHE A CG  1 
ATOM   1121 C  CD1 . PHE A 1 147 ? 12.146  7.054   -9.521  1.00 48.15  ? 318 PHE A CD1 1 
ATOM   1122 C  CD2 . PHE A 1 147 ? 10.758  7.290   -7.580  1.00 44.88  ? 318 PHE A CD2 1 
ATOM   1123 C  CE1 . PHE A 1 147 ? 11.363  7.997   -10.212 1.00 45.89  ? 318 PHE A CE1 1 
ATOM   1124 C  CE2 . PHE A 1 147 ? 9.979   8.228   -8.270  1.00 44.08  ? 318 PHE A CE2 1 
ATOM   1125 C  CZ  . PHE A 1 147 ? 10.293  8.574   -9.593  1.00 44.40  ? 318 PHE A CZ  1 
ATOM   1126 N  N   . PHE A 1 148 ? 13.467  7.113   -4.809  1.00 51.91  ? 319 PHE A N   1 
ATOM   1127 C  CA  . PHE A 1 148 ? 13.196  8.144   -3.827  1.00 52.83  ? 319 PHE A CA  1 
ATOM   1128 C  C   . PHE A 1 148 ? 14.350  8.655   -2.983  1.00 54.70  ? 319 PHE A C   1 
ATOM   1129 O  O   . PHE A 1 148 ? 14.118  9.365   -2.006  1.00 54.52  ? 319 PHE A O   1 
ATOM   1130 C  CB  . PHE A 1 148 ? 12.088  7.689   -2.893  1.00 51.84  ? 319 PHE A CB  1 
ATOM   1131 C  CG  . PHE A 1 148 ? 10.757  7.622   -3.552  1.00 52.56  ? 319 PHE A CG  1 
ATOM   1132 C  CD1 . PHE A 1 148 ? 10.149  8.781   -4.027  1.00 51.78  ? 319 PHE A CD1 1 
ATOM   1133 C  CD2 . PHE A 1 148 ? 10.129  6.399   -3.746  1.00 51.96  ? 319 PHE A CD2 1 
ATOM   1134 C  CE1 . PHE A 1 148 ? 8.938   8.725   -4.696  1.00 53.75  ? 319 PHE A CE1 1 
ATOM   1135 C  CE2 . PHE A 1 148 ? 8.917   6.325   -4.412  1.00 55.12  ? 319 PHE A CE2 1 
ATOM   1136 C  CZ  . PHE A 1 148 ? 8.313   7.495   -4.889  1.00 55.40  ? 319 PHE A CZ  1 
ATOM   1137 N  N   . HIS A 1 149 ? 15.589  8.308   -3.315  1.00 56.79  ? 320 HIS A N   1 
ATOM   1138 C  CA  . HIS A 1 149 ? 16.679  8.841   -2.508  1.00 58.77  ? 320 HIS A CA  1 
ATOM   1139 C  C   . HIS A 1 149 ? 16.481  10.349  -2.428  1.00 59.57  ? 320 HIS A C   1 
ATOM   1140 O  O   . HIS A 1 149 ? 15.887  10.978  -3.307  1.00 59.99  ? 320 HIS A O   1 
ATOM   1141 C  CB  . HIS A 1 149 ? 18.052  8.559   -3.126  1.00 59.50  ? 320 HIS A CB  1 
ATOM   1142 C  CG  . HIS A 1 149 ? 19.206  8.869   -2.206  1.00 61.68  ? 320 HIS A CG  1 
ATOM   1143 N  ND1 . HIS A 1 149 ? 20.031  7.886   -1.693  1.00 63.91  ? 320 HIS A ND1 1 
ATOM   1144 C  CD2 . HIS A 1 149 ? 19.672  10.046  -1.732  1.00 62.01  ? 320 HIS A CD2 1 
ATOM   1145 C  CE1 . HIS A 1 149 ? 20.960  8.461   -0.941  1.00 63.68  ? 320 HIS A CE1 1 
ATOM   1146 N  NE2 . HIS A 1 149 ? 20.770  9.764   -0.945  1.00 62.09  ? 320 HIS A NE2 1 
ATOM   1147 N  N   . VAL A 1 150 ? 16.975  10.934  -1.351  1.00 61.16  ? 321 VAL A N   1 
ATOM   1148 C  CA  . VAL A 1 150 ? 16.884  12.387  -1.144  1.00 63.01  ? 321 VAL A CA  1 
ATOM   1149 C  C   . VAL A 1 150 ? 18.164  12.830  -0.473  1.00 63.24  ? 321 VAL A C   1 
ATOM   1150 O  O   . VAL A 1 150 ? 18.680  13.922  -0.786  1.00 64.36  ? 321 VAL A O   1 
ATOM   1151 C  CB  . VAL A 1 150 ? 15.675  12.725  -0.283  1.00 63.23  ? 321 VAL A CB  1 
ATOM   1152 C  CG1 . VAL A 1 150 ? 14.435  12.350  -1.023  1.00 63.18  ? 321 VAL A CG1 1 
ATOM   1153 C  CG2 . VAL A 1 150 ? 15.713  11.947  1.021   1.00 64.30  ? 321 VAL A CG2 1 
HETATM 1154 C  C1  . LOJ B 2 .   ? -8.349  1.238   -2.591  1.00 40.64  ? 401 LOJ A C1  1 
HETATM 1155 C  C2  . LOJ B 2 .   ? -7.201  0.905   -1.871  1.00 40.81  ? 401 LOJ A C2  1 
HETATM 1156 C  C3  . LOJ B 2 .   ? -5.938  1.366   -2.258  1.00 41.00  ? 401 LOJ A C3  1 
HETATM 1157 C  C7  . LOJ B 2 .   ? -4.806  6.934   -7.523  1.00 41.22  ? 401 LOJ A C7  1 
HETATM 1158 C  C8  . LOJ B 2 .   ? -3.608  6.970   -8.245  1.00 41.01  ? 401 LOJ A C8  1 
HETATM 1159 C  C9  . LOJ B 2 .   ? -2.696  5.923   -8.169  1.00 39.61  ? 401 LOJ A C9  1 
HETATM 1160 C  C10 . LOJ B 2 .   ? -3.028  4.822   -7.371  1.00 39.49  ? 401 LOJ A C10 1 
HETATM 1161 C  C11 . LOJ B 2 .   ? -5.702  2.983   -6.315  1.00 36.99  ? 401 LOJ A C11 1 
HETATM 1162 C  C12 . LOJ B 2 .   ? -6.615  4.973   -4.773  1.00 37.07  ? 401 LOJ A C12 1 
HETATM 1163 C  C13 . LOJ B 2 .   ? -5.175  5.836   -6.699  1.00 39.56  ? 401 LOJ A C13 1 
HETATM 1164 C  C14 . LOJ B 2 .   ? -4.239  4.755   -6.650  1.00 38.44  ? 401 LOJ A C14 1 
HETATM 1165 C  C15 . LOJ B 2 .   ? -6.797  3.517   -5.290  1.00 39.46  ? 401 LOJ A C15 1 
HETATM 1166 C  C16 . LOJ B 2 .   ? -3.356  8.085   -9.091  1.00 41.24  ? 401 LOJ A C16 1 
HETATM 1167 C  C19 . LOJ B 2 .   ? -6.876  8.305   -5.341  1.00 37.39  ? 401 LOJ A C19 1 
HETATM 1168 C  C20 . LOJ B 2 .   ? -7.902  9.361   -4.975  1.00 35.26  ? 401 LOJ A C20 1 
HETATM 1169 C  C21 . LOJ B 2 .   ? -7.846  8.856   -3.518  1.00 36.07  ? 401 LOJ A C21 1 
HETATM 1170 N  N1  . LOJ B 2 .   ? -6.404  5.843   -5.951  1.00 39.54  ? 401 LOJ A N1  1 
HETATM 1171 O  O1  . LOJ B 2 .   ? -4.440  3.539   -5.995  1.00 40.04  ? 401 LOJ A O1  1 
HETATM 1172 O  O2  . LOJ B 2 .   ? -2.244  8.393   -9.250  1.00 42.28  ? 401 LOJ A O2  1 
HETATM 1173 O  O3  . LOJ B 2 .   ? -4.418  8.708   -9.665  1.00 46.03  ? 401 LOJ A O3  1 
HETATM 1174 C  C17 . LOJ B 2 .   ? -7.331  7.013   -6.049  1.00 36.88  ? 401 LOJ A C17 1 
HETATM 1175 C  C18 . LOJ B 2 .   ? -6.537  8.162   -3.849  1.00 37.08  ? 401 LOJ A C18 1 
HETATM 1176 C  C4  . LOJ B 2 .   ? -5.828  2.199   -3.381  1.00 43.20  ? 401 LOJ A C4  1 
HETATM 1177 C  C5  . LOJ B 2 .   ? -6.983  2.582   -4.126  1.00 40.34  ? 401 LOJ A C5  1 
HETATM 1178 C  C6  . LOJ B 2 .   ? -8.237  2.073   -3.697  1.00 41.46  ? 401 LOJ A C6  1 
HETATM 1179 CL CL1 . LOJ B 2 .   ? -9.753  2.472   -4.433  1.00 50.64  ? 401 LOJ A CL1 1 
HETATM 1180 CL CL2 . LOJ B 2 .   ? -7.192  0.014   -0.357  1.00 45.26  ? 401 LOJ A CL2 1 
HETATM 1181 O  O   . HOH C 3 .   ? 1.889   -12.931 -10.888 1.00 85.07  ? 501 HOH A O   1 
HETATM 1182 O  O   . HOH C 3 .   ? -11.977 5.909   -13.163 1.00 59.17  ? 502 HOH A O   1 
HETATM 1183 O  O   . HOH C 3 .   ? -14.841 13.074  -3.149  1.00 116.06 ? 503 HOH A O   1 
HETATM 1184 O  O   . HOH C 3 .   ? -14.552 -8.608  11.993  1.00 53.35  ? 504 HOH A O   1 
HETATM 1185 O  O   . HOH C 3 .   ? -3.510  4.636   15.956  1.00 54.34  ? 505 HOH A O   1 
HETATM 1186 O  O   . HOH C 3 .   ? -6.293  -14.522 1.301   1.00 76.58  ? 506 HOH A O   1 
HETATM 1187 O  O   . HOH C 3 .   ? 4.436   4.274   10.060  1.00 41.20  ? 507 HOH A O   1 
HETATM 1188 O  O   . HOH C 3 .   ? -16.021 5.320   4.800   1.00 38.63  ? 508 HOH A O   1 
HETATM 1189 O  O   . HOH C 3 .   ? -8.824  -9.186  -4.206  1.00 96.91  ? 509 HOH A O   1 
HETATM 1190 O  O   . HOH C 3 .   ? -13.692 -1.621  20.442  1.00 68.98  ? 510 HOH A O   1 
HETATM 1191 O  O   . HOH C 3 .   ? 15.691  -7.330  -10.126 1.00 57.67  ? 511 HOH A O   1 
HETATM 1192 O  O   . HOH C 3 .   ? 13.566  1.898   -9.889  1.00 44.32  ? 512 HOH A O   1 
HETATM 1193 O  O   . HOH C 3 .   ? -19.938 0.748   0.045   1.00 78.36  ? 513 HOH A O   1 
HETATM 1194 O  O   . HOH C 3 .   ? -6.373  1.810   -18.886 1.00 80.27  ? 514 HOH A O   1 
HETATM 1195 O  O   . HOH C 3 .   ? 0.035   -3.480  -16.606 1.00 49.88  ? 515 HOH A O   1 
HETATM 1196 O  O   . HOH C 3 .   ? -19.297 2.026   -2.292  1.00 68.80  ? 516 HOH A O   1 
HETATM 1197 O  O   . HOH C 3 .   ? 19.713  14.558  -3.773  1.00 56.57  ? 517 HOH A O   1 
HETATM 1198 O  O   . HOH C 3 .   ? -6.899  -10.598 -3.411  1.00 93.29  ? 518 HOH A O   1 
HETATM 1199 O  O   . HOH C 3 .   ? -11.797 -9.990  8.602   1.00 69.59  ? 519 HOH A O   1 
HETATM 1200 O  O   . HOH C 3 .   ? 17.902  -4.509  -14.502 1.00 62.15  ? 520 HOH A O   1 
HETATM 1201 O  O   . HOH C 3 .   ? 3.366   6.498   18.743  1.00 54.27  ? 521 HOH A O   1 
HETATM 1202 O  O   . HOH C 3 .   ? 3.609   6.269   14.646  1.00 84.69  ? 522 HOH A O   1 
HETATM 1203 O  O   . HOH C 3 .   ? 0.874   11.003  7.456   1.00 53.72  ? 523 HOH A O   1 
HETATM 1204 O  O   . HOH C 3 .   ? -5.377  16.983  -1.218  1.00 35.68  ? 524 HOH A O   1 
HETATM 1205 O  O   . HOH C 3 .   ? 13.018  -0.453  9.272   1.00 56.05  ? 525 HOH A O   1 
HETATM 1206 O  O   . HOH C 3 .   ? -4.150  -8.808  -14.756 1.00 122.96 ? 526 HOH A O   1 
HETATM 1207 O  O   . HOH C 3 .   ? -23.055 -5.812  4.239   1.00 57.07  ? 527 HOH A O   1 
HETATM 1208 O  O   . HOH C 3 .   ? 16.386  -15.117 5.690   1.00 101.71 ? 528 HOH A O   1 
HETATM 1209 O  O   . HOH C 3 .   ? -9.249  5.228   16.367  1.00 68.16  ? 529 HOH A O   1 
HETATM 1210 O  O   . HOH C 3 .   ? -11.450 11.508  -4.672  1.00 81.01  ? 530 HOH A O   1 
HETATM 1211 O  O   . HOH C 3 .   ? -18.082 -14.537 6.869   1.00 88.96  ? 531 HOH A O   1 
HETATM 1212 O  O   . HOH C 3 .   ? -17.184 0.964   -2.907  1.00 87.87  ? 532 HOH A O   1 
HETATM 1213 O  O   . HOH C 3 .   ? 3.204   13.451  -2.158  1.00 49.11  ? 533 HOH A O   1 
HETATM 1214 O  O   . HOH C 3 .   ? 16.486  2.361   -13.590 1.00 106.98 ? 534 HOH A O   1 
HETATM 1215 O  O   . HOH C 3 .   ? -11.502 16.220  9.416   1.00 89.24  ? 535 HOH A O   1 
HETATM 1216 O  O   . HOH C 3 .   ? -15.280 14.586  0.860   1.00 53.13  ? 536 HOH A O   1 
HETATM 1217 O  O   . HOH C 3 .   ? -9.873  7.684   15.927  1.00 50.37  ? 537 HOH A O   1 
HETATM 1218 O  O   . HOH C 3 .   ? 15.761  5.139   -10.229 1.00 44.90  ? 538 HOH A O   1 
HETATM 1219 O  O   . HOH C 3 .   ? -7.551  -12.463 -11.741 1.00 79.73  ? 539 HOH A O   1 
HETATM 1220 O  O   . HOH C 3 .   ? 2.057   -6.801  10.945  1.00 52.11  ? 540 HOH A O   1 
HETATM 1221 O  O   . HOH C 3 .   ? -4.308  19.223  8.960   1.00 82.93  ? 541 HOH A O   1 
HETATM 1222 O  O   . HOH C 3 .   ? 13.913  -5.223  13.114  1.00 61.80  ? 542 HOH A O   1 
HETATM 1223 O  O   . HOH C 3 .   ? -27.915 -2.153  5.422   1.00 81.16  ? 543 HOH A O   1 
HETATM 1224 O  O   . HOH C 3 .   ? 17.705  5.145   1.620   1.00 100.19 ? 544 HOH A O   1 
HETATM 1225 O  O   . HOH C 3 .   ? -10.539 -10.696 -8.811  1.00 30.30  ? 545 HOH A O   1 
HETATM 1226 O  O   . HOH C 3 .   ? -8.697  -11.978 -2.039  1.00 75.10  ? 546 HOH A O   1 
HETATM 1227 O  O   . HOH C 3 .   ? -11.495 -10.510 1.907   1.00 71.61  ? 547 HOH A O   1 
HETATM 1228 O  O   . HOH C 3 .   ? -1.440  -13.512 -14.423 1.00 96.45  ? 548 HOH A O   1 
HETATM 1229 O  O   . HOH C 3 .   ? 16.499  -5.390  -18.138 1.00 51.03  ? 549 HOH A O   1 
HETATM 1230 O  O   . HOH C 3 .   ? -11.046 15.765  -4.980  1.00 73.69  ? 550 HOH A O   1 
HETATM 1231 O  O   . HOH C 3 .   ? -12.979 -12.001 -8.707  1.00 52.59  ? 551 HOH A O   1 
HETATM 1232 O  O   . HOH C 3 .   ? -5.002  -15.747 -8.439  1.00 44.51  ? 552 HOH A O   1 
HETATM 1233 O  O   . HOH C 3 .   ? 12.663  13.537  10.408  1.00 74.75  ? 553 HOH A O   1 
# 
